data_2EA9
# 
_entry.id   2EA9 
# 
_audit_conform.dict_name       mmcif_pdbx.dic 
_audit_conform.dict_version    5.380 
_audit_conform.dict_location   http://mmcif.pdb.org/dictionaries/ascii/mmcif_pdbx.dic 
# 
loop_
_database_2.database_id 
_database_2.database_code 
_database_2.pdbx_database_accession 
_database_2.pdbx_DOI 
PDB   2EA9         pdb_00002ea9 10.2210/pdb2ea9/pdb 
RCSB  RCSB026421   ?            ?                   
WWPDB D_1000026421 ?            ?                   
# 
_pdbx_database_related.db_name        TargetDB 
_pdbx_database_related.db_id          eco002002626.1 
_pdbx_database_related.details        . 
_pdbx_database_related.content_type   unspecified 
# 
_pdbx_database_status.status_code                     REL 
_pdbx_database_status.entry_id                        2EA9 
_pdbx_database_status.recvd_initial_deposition_date   2007-01-31 
_pdbx_database_status.deposit_site                    PDBJ 
_pdbx_database_status.process_site                    PDBJ 
_pdbx_database_status.status_code_sf                  REL 
_pdbx_database_status.status_code_mr                  ? 
_pdbx_database_status.SG_entry                        Y 
_pdbx_database_status.pdb_format_compatible           Y 
_pdbx_database_status.status_code_cs                  ? 
_pdbx_database_status.status_code_nmr_data            ? 
_pdbx_database_status.methods_development_category    ? 
# 
loop_
_audit_author.name 
_audit_author.pdbx_ordinal 
'Okazaki, N.'                                            1 
'Kuramitsu, S.'                                          2 
'Yamamoto, M.'                                           3 
'Yokoyama, S.'                                           4 
'RIKEN Structural Genomics/Proteomics Initiative (RSGI)' 5 
# 
_citation.id                        primary 
_citation.title                     'Crystal structure of a hypothetical protein JW2626 from E.coli' 
_citation.journal_abbrev            'To be Published' 
_citation.journal_volume            ? 
_citation.page_first                ? 
_citation.page_last                 ? 
_citation.year                      ? 
_citation.journal_id_ASTM           ? 
_citation.country                   ? 
_citation.journal_id_ISSN           ? 
_citation.journal_id_CSD            0353 
_citation.book_publisher            ? 
_citation.pdbx_database_id_PubMed   ? 
_citation.pdbx_database_id_DOI      ? 
# 
loop_
_citation_author.citation_id 
_citation_author.name 
_citation_author.ordinal 
_citation_author.identifier_ORCID 
primary 'Okazaki, N.'   1 ? 
primary 'Kuramitsu, S.' 2 ? 
primary 'Yamamoto, M.'  3 ? 
primary 'Yokoyama, S.'  4 ? 
# 
_cell.entry_id           2EA9 
_cell.length_a           49.865 
_cell.length_b           49.865 
_cell.length_c           38.540 
_cell.angle_alpha        90.00 
_cell.angle_beta         90.00 
_cell.angle_gamma        120.00 
_cell.Z_PDB              3 
_cell.pdbx_unique_axis   ? 
_cell.length_a_esd       ? 
_cell.length_b_esd       ? 
_cell.length_c_esd       ? 
_cell.angle_alpha_esd    ? 
_cell.angle_beta_esd     ? 
_cell.angle_gamma_esd    ? 
# 
_symmetry.entry_id                         2EA9 
_symmetry.space_group_name_H-M             'P 32' 
_symmetry.pdbx_full_space_group_name_H-M   ? 
_symmetry.cell_setting                     ? 
_symmetry.Int_Tables_number                145 
_symmetry.space_group_name_Hall            ? 
# 
loop_
_entity.id 
_entity.type 
_entity.src_method 
_entity.pdbx_description 
_entity.formula_weight 
_entity.pdbx_number_of_molecules 
_entity.pdbx_ec 
_entity.pdbx_mutation 
_entity.pdbx_fragment 
_entity.details 
1 polymer man 'Hypothetical protein yfjZ' 11749.244 1  ? ? ? ? 
2 water   nat water                       18.015    64 ? ? ? ? 
# 
_entity_name_com.entity_id   1 
_entity_name_com.name        JW2626 
# 
_entity_poly.entity_id                      1 
_entity_poly.type                           'polypeptide(L)' 
_entity_poly.nstd_linkage                   no 
_entity_poly.nstd_monomer                   no 
_entity_poly.pdbx_seq_one_letter_code       
;MSNTTWGLQRDITPRLGARLVQEGNQLHYLADRASITGKFSDAECPKLDVVFPHFISQIESMLTTGELNPRHAQCVTLYH
NGFTCEADTLGSCGYVYIAVYPTQR
;
_entity_poly.pdbx_seq_one_letter_code_can   
;MSNTTWGLQRDITPRLGARLVQEGNQLHYLADRASITGKFSDAECPKLDVVFPHFISQIESMLTTGELNPRHAQCVTLYH
NGFTCEADTLGSCGYVYIAVYPTQR
;
_entity_poly.pdbx_strand_id                 A 
_entity_poly.pdbx_target_identifier         eco002002626.1 
# 
loop_
_entity_poly_seq.entity_id 
_entity_poly_seq.num 
_entity_poly_seq.mon_id 
_entity_poly_seq.hetero 
1 1   MET n 
1 2   SER n 
1 3   ASN n 
1 4   THR n 
1 5   THR n 
1 6   TRP n 
1 7   GLY n 
1 8   LEU n 
1 9   GLN n 
1 10  ARG n 
1 11  ASP n 
1 12  ILE n 
1 13  THR n 
1 14  PRO n 
1 15  ARG n 
1 16  LEU n 
1 17  GLY n 
1 18  ALA n 
1 19  ARG n 
1 20  LEU n 
1 21  VAL n 
1 22  GLN n 
1 23  GLU n 
1 24  GLY n 
1 25  ASN n 
1 26  GLN n 
1 27  LEU n 
1 28  HIS n 
1 29  TYR n 
1 30  LEU n 
1 31  ALA n 
1 32  ASP n 
1 33  ARG n 
1 34  ALA n 
1 35  SER n 
1 36  ILE n 
1 37  THR n 
1 38  GLY n 
1 39  LYS n 
1 40  PHE n 
1 41  SER n 
1 42  ASP n 
1 43  ALA n 
1 44  GLU n 
1 45  CYS n 
1 46  PRO n 
1 47  LYS n 
1 48  LEU n 
1 49  ASP n 
1 50  VAL n 
1 51  VAL n 
1 52  PHE n 
1 53  PRO n 
1 54  HIS n 
1 55  PHE n 
1 56  ILE n 
1 57  SER n 
1 58  GLN n 
1 59  ILE n 
1 60  GLU n 
1 61  SER n 
1 62  MET n 
1 63  LEU n 
1 64  THR n 
1 65  THR n 
1 66  GLY n 
1 67  GLU n 
1 68  LEU n 
1 69  ASN n 
1 70  PRO n 
1 71  ARG n 
1 72  HIS n 
1 73  ALA n 
1 74  GLN n 
1 75  CYS n 
1 76  VAL n 
1 77  THR n 
1 78  LEU n 
1 79  TYR n 
1 80  HIS n 
1 81  ASN n 
1 82  GLY n 
1 83  PHE n 
1 84  THR n 
1 85  CYS n 
1 86  GLU n 
1 87  ALA n 
1 88  ASP n 
1 89  THR n 
1 90  LEU n 
1 91  GLY n 
1 92  SER n 
1 93  CYS n 
1 94  GLY n 
1 95  TYR n 
1 96  VAL n 
1 97  TYR n 
1 98  ILE n 
1 99  ALA n 
1 100 VAL n 
1 101 TYR n 
1 102 PRO n 
1 103 THR n 
1 104 GLN n 
1 105 ARG n 
# 
_entity_src_gen.entity_id                          1 
_entity_src_gen.pdbx_src_id                        1 
_entity_src_gen.pdbx_alt_source_flag               sample 
_entity_src_gen.pdbx_seq_type                      ? 
_entity_src_gen.pdbx_beg_seq_num                   ? 
_entity_src_gen.pdbx_end_seq_num                   ? 
_entity_src_gen.gene_src_common_name               ? 
_entity_src_gen.gene_src_genus                     Escherichia 
_entity_src_gen.pdbx_gene_src_gene                 ? 
_entity_src_gen.gene_src_species                   ? 
_entity_src_gen.gene_src_strain                    ? 
_entity_src_gen.gene_src_tissue                    ? 
_entity_src_gen.gene_src_tissue_fraction           ? 
_entity_src_gen.gene_src_details                   ? 
_entity_src_gen.pdbx_gene_src_fragment             ? 
_entity_src_gen.pdbx_gene_src_scientific_name      'Escherichia coli' 
_entity_src_gen.pdbx_gene_src_ncbi_taxonomy_id     562 
_entity_src_gen.pdbx_gene_src_variant              ? 
_entity_src_gen.pdbx_gene_src_cell_line            ? 
_entity_src_gen.pdbx_gene_src_atcc                 ? 
_entity_src_gen.pdbx_gene_src_organ                ? 
_entity_src_gen.pdbx_gene_src_organelle            ? 
_entity_src_gen.pdbx_gene_src_cell                 ? 
_entity_src_gen.pdbx_gene_src_cellular_location    ? 
_entity_src_gen.host_org_common_name               ? 
_entity_src_gen.pdbx_host_org_scientific_name      ? 
_entity_src_gen.pdbx_host_org_ncbi_taxonomy_id     ? 
_entity_src_gen.host_org_genus                     ? 
_entity_src_gen.pdbx_host_org_gene                 ? 
_entity_src_gen.pdbx_host_org_organ                ? 
_entity_src_gen.host_org_species                   ? 
_entity_src_gen.pdbx_host_org_tissue               ? 
_entity_src_gen.pdbx_host_org_tissue_fraction      ? 
_entity_src_gen.pdbx_host_org_strain               ? 
_entity_src_gen.pdbx_host_org_variant              ? 
_entity_src_gen.pdbx_host_org_cell_line            ? 
_entity_src_gen.pdbx_host_org_atcc                 ? 
_entity_src_gen.pdbx_host_org_culture_collection   ? 
_entity_src_gen.pdbx_host_org_cell                 ? 
_entity_src_gen.pdbx_host_org_organelle            ? 
_entity_src_gen.pdbx_host_org_cellular_location    ? 
_entity_src_gen.pdbx_host_org_vector_type          plasmid 
_entity_src_gen.pdbx_host_org_vector               ? 
_entity_src_gen.host_org_details                   ? 
_entity_src_gen.expression_system_id               ? 
_entity_src_gen.plasmid_name                       ? 
_entity_src_gen.plasmid_details                    ? 
_entity_src_gen.pdbx_description                   'E.coli Cell Free Protein Synthesis' 
# 
_struct_ref.id                         1 
_struct_ref.db_name                    UNP 
_struct_ref.db_code                    YFJZ_ECOLI 
_struct_ref.pdbx_db_accession          P52141 
_struct_ref.entity_id                  1 
_struct_ref.pdbx_seq_one_letter_code   
;MSNTTWGLQRDITPRLGARLVQEGNQLHYLADRASITGKFSDAECPKLDVVFPHFISQIESMLTTGELNPRHAQCVTLYH
NGFTCEADTLGSCGYVYIAVYPTQR
;
_struct_ref.pdbx_align_begin           1 
_struct_ref.pdbx_db_isoform            ? 
# 
_struct_ref_seq.align_id                      1 
_struct_ref_seq.ref_id                        1 
_struct_ref_seq.pdbx_PDB_id_code              2EA9 
_struct_ref_seq.pdbx_strand_id                A 
_struct_ref_seq.seq_align_beg                 1 
_struct_ref_seq.pdbx_seq_align_beg_ins_code   ? 
_struct_ref_seq.seq_align_end                 105 
_struct_ref_seq.pdbx_seq_align_end_ins_code   ? 
_struct_ref_seq.pdbx_db_accession             P52141 
_struct_ref_seq.db_align_beg                  1 
_struct_ref_seq.pdbx_db_align_beg_ins_code    ? 
_struct_ref_seq.db_align_end                  105 
_struct_ref_seq.pdbx_db_align_end_ins_code    ? 
_struct_ref_seq.pdbx_auth_seq_align_beg       8 
_struct_ref_seq.pdbx_auth_seq_align_end       112 
# 
loop_
_chem_comp.id 
_chem_comp.type 
_chem_comp.mon_nstd_flag 
_chem_comp.name 
_chem_comp.pdbx_synonyms 
_chem_comp.formula 
_chem_comp.formula_weight 
ALA 'L-peptide linking' y ALANINE         ? 'C3 H7 N O2'     89.093  
ARG 'L-peptide linking' y ARGININE        ? 'C6 H15 N4 O2 1' 175.209 
ASN 'L-peptide linking' y ASPARAGINE      ? 'C4 H8 N2 O3'    132.118 
ASP 'L-peptide linking' y 'ASPARTIC ACID' ? 'C4 H7 N O4'     133.103 
CYS 'L-peptide linking' y CYSTEINE        ? 'C3 H7 N O2 S'   121.158 
GLN 'L-peptide linking' y GLUTAMINE       ? 'C5 H10 N2 O3'   146.144 
GLU 'L-peptide linking' y 'GLUTAMIC ACID' ? 'C5 H9 N O4'     147.129 
GLY 'peptide linking'   y GLYCINE         ? 'C2 H5 N O2'     75.067  
HIS 'L-peptide linking' y HISTIDINE       ? 'C6 H10 N3 O2 1' 156.162 
HOH non-polymer         . WATER           ? 'H2 O'           18.015  
ILE 'L-peptide linking' y ISOLEUCINE      ? 'C6 H13 N O2'    131.173 
LEU 'L-peptide linking' y LEUCINE         ? 'C6 H13 N O2'    131.173 
LYS 'L-peptide linking' y LYSINE          ? 'C6 H15 N2 O2 1' 147.195 
MET 'L-peptide linking' y METHIONINE      ? 'C5 H11 N O2 S'  149.211 
PHE 'L-peptide linking' y PHENYLALANINE   ? 'C9 H11 N O2'    165.189 
PRO 'L-peptide linking' y PROLINE         ? 'C5 H9 N O2'     115.130 
SER 'L-peptide linking' y SERINE          ? 'C3 H7 N O3'     105.093 
THR 'L-peptide linking' y THREONINE       ? 'C4 H9 N O3'     119.119 
TRP 'L-peptide linking' y TRYPTOPHAN      ? 'C11 H12 N2 O2'  204.225 
TYR 'L-peptide linking' y TYROSINE        ? 'C9 H11 N O3'    181.189 
VAL 'L-peptide linking' y VALINE          ? 'C5 H11 N O2'    117.146 
# 
_exptl.entry_id          2EA9 
_exptl.method            'X-RAY DIFFRACTION' 
_exptl.crystals_number   1 
# 
_exptl_crystal.id                    1 
_exptl_crystal.density_meas          ? 
_exptl_crystal.density_Matthews      2.35 
_exptl_crystal.density_percent_sol   47.74 
_exptl_crystal.description           ? 
_exptl_crystal.F_000                 ? 
_exptl_crystal.preparation           ? 
# 
_exptl_crystal_grow.crystal_id      1 
_exptl_crystal_grow.method          'VAPOR DIFFUSION, SITTING DROP' 
_exptl_crystal_grow.temp            291 
_exptl_crystal_grow.temp_details    ? 
_exptl_crystal_grow.pH              7.0 
_exptl_crystal_grow.pdbx_details    
'0.1M HEPES, 1.0M Succinic acid, 1.0% PEG MME 2000, pH 7.0, VAPOR DIFFUSION, SITTING DROP, temperature 291K' 
_exptl_crystal_grow.pdbx_pH_range   . 
# 
_diffrn.id                     1 
_diffrn.ambient_temp           100 
_diffrn.ambient_temp_details   ? 
_diffrn.crystal_id             1 
# 
_diffrn_detector.diffrn_id              1 
_diffrn_detector.detector               CCD 
_diffrn_detector.type                   'RIGAKU JUPITER 210' 
_diffrn_detector.pdbx_collection_date   2006-10-12 
_diffrn_detector.details                mirrors 
# 
_diffrn_radiation.diffrn_id                        1 
_diffrn_radiation.wavelength_id                    1 
_diffrn_radiation.pdbx_monochromatic_or_laue_m_l   M 
_diffrn_radiation.monochromator                    'Bending Magnet' 
_diffrn_radiation.pdbx_diffrn_protocol             'SINGLE WAVELENGTH' 
_diffrn_radiation.pdbx_scattering_type             x-ray 
# 
_diffrn_radiation_wavelength.id           1 
_diffrn_radiation_wavelength.wavelength   0.97915 
_diffrn_radiation_wavelength.wt           1.0 
# 
_diffrn_source.diffrn_id                   1 
_diffrn_source.source                      SYNCHROTRON 
_diffrn_source.type                        'SPRING-8 BEAMLINE BL26B2' 
_diffrn_source.pdbx_synchrotron_site       SPring-8 
_diffrn_source.pdbx_synchrotron_beamline   BL26B2 
_diffrn_source.pdbx_wavelength             ? 
_diffrn_source.pdbx_wavelength_list        0.97915 
# 
_reflns.entry_id                     2EA9 
_reflns.observed_criterion_sigma_I   0 
_reflns.observed_criterion_sigma_F   0 
_reflns.d_resolution_low             50 
_reflns.d_resolution_high            2.1 
_reflns.number_obs                   6091 
_reflns.number_all                   ? 
_reflns.percent_possible_obs         97.3 
_reflns.pdbx_Rmerge_I_obs            0.075 
_reflns.pdbx_Rsym_value              ? 
_reflns.pdbx_netI_over_sigmaI        12.5 
_reflns.B_iso_Wilson_estimate        18.6 
_reflns.pdbx_redundancy              5.0 
_reflns.R_free_details               ? 
_reflns.limit_h_max                  ? 
_reflns.limit_h_min                  ? 
_reflns.limit_k_max                  ? 
_reflns.limit_k_min                  ? 
_reflns.limit_l_max                  ? 
_reflns.limit_l_min                  ? 
_reflns.observed_criterion_F_max     ? 
_reflns.observed_criterion_F_min     ? 
_reflns.pdbx_chi_squared             ? 
_reflns.pdbx_scaling_rejects         ? 
_reflns.pdbx_diffrn_id               1 
_reflns.pdbx_ordinal                 1 
# 
_reflns_shell.d_res_high             2.10 
_reflns_shell.d_res_low              2.18 
_reflns_shell.percent_possible_all   81.4 
_reflns_shell.Rmerge_I_obs           0.325 
_reflns_shell.pdbx_Rsym_value        ? 
_reflns_shell.meanI_over_sigI_obs    3.4 
_reflns_shell.pdbx_redundancy        3.1 
_reflns_shell.percent_possible_obs   ? 
_reflns_shell.number_unique_all      503 
_reflns_shell.number_measured_all    ? 
_reflns_shell.number_measured_obs    ? 
_reflns_shell.number_unique_obs      ? 
_reflns_shell.pdbx_chi_squared       ? 
_reflns_shell.pdbx_diffrn_id         ? 
_reflns_shell.pdbx_ordinal           1 
# 
_refine.entry_id                                 2EA9 
_refine.ls_number_reflns_obs                     6068 
_refine.ls_number_reflns_all                     6091 
_refine.pdbx_ls_sigma_I                          ? 
_refine.pdbx_ls_sigma_F                          0.0 
_refine.pdbx_data_cutoff_high_absF               760666.92 
_refine.pdbx_data_cutoff_low_absF                0.000000 
_refine.pdbx_data_cutoff_high_rms_absF           ? 
_refine.ls_d_res_low                             28.76 
_refine.ls_d_res_high                            2.10 
_refine.ls_percent_reflns_obs                    97.2 
_refine.ls_R_factor_obs                          0.223 
_refine.ls_R_factor_all                          ? 
_refine.ls_R_factor_R_work                       0.223 
_refine.ls_R_factor_R_free                       0.259 
_refine.ls_R_factor_R_free_error                 0.015 
_refine.ls_R_factor_R_free_error_details         ? 
_refine.ls_percent_reflns_R_free                 5.1 
_refine.ls_number_reflns_R_free                  311 
_refine.ls_number_parameters                     ? 
_refine.ls_number_restraints                     ? 
_refine.occupancy_min                            ? 
_refine.occupancy_max                            ? 
_refine.correlation_coeff_Fo_to_Fc               ? 
_refine.correlation_coeff_Fo_to_Fc_free          ? 
_refine.B_iso_mean                               31.8 
_refine.aniso_B[1][1]                            -6.01 
_refine.aniso_B[2][2]                            -6.01 
_refine.aniso_B[3][3]                            12.02 
_refine.aniso_B[1][2]                            -0.97 
_refine.aniso_B[1][3]                            0.00 
_refine.aniso_B[2][3]                            0.00 
_refine.solvent_model_details                    'FLAT MODEL' 
_refine.solvent_model_param_ksol                 0.386536 
_refine.solvent_model_param_bsol                 54.4968 
_refine.pdbx_solvent_vdw_probe_radii             ? 
_refine.pdbx_solvent_ion_probe_radii             ? 
_refine.pdbx_solvent_shrinkage_radii             ? 
_refine.pdbx_ls_cross_valid_method               THROUGHOUT 
_refine.details                                  ? 
_refine.pdbx_starting_model                      'PDB ID 2H28' 
_refine.pdbx_method_to_determine_struct          'MOLECULAR REPLACEMENT' 
_refine.pdbx_isotropic_thermal_model             RESTRAINED 
_refine.pdbx_stereochemistry_target_values       'MAXIMUM LIKELIHOOD' 
_refine.pdbx_stereochem_target_val_spec_case     ? 
_refine.pdbx_R_Free_selection_details            RANDOM 
_refine.pdbx_overall_ESU_R                       ? 
_refine.pdbx_overall_ESU_R_Free                  ? 
_refine.overall_SU_ML                            ? 
_refine.overall_SU_B                             ? 
_refine.ls_redundancy_reflns_obs                 ? 
_refine.B_iso_min                                ? 
_refine.B_iso_max                                ? 
_refine.overall_SU_R_Cruickshank_DPI             ? 
_refine.overall_SU_R_free                        ? 
_refine.ls_wR_factor_R_free                      ? 
_refine.ls_wR_factor_R_work                      ? 
_refine.overall_FOM_free_R_set                   ? 
_refine.overall_FOM_work_R_set                   ? 
_refine.pdbx_refine_id                           'X-RAY DIFFRACTION' 
_refine.pdbx_diffrn_id                           1 
_refine.pdbx_TLS_residual_ADP_flag               ? 
_refine.pdbx_overall_phase_error                 ? 
_refine.pdbx_overall_SU_R_free_Cruickshank_DPI   ? 
_refine.pdbx_overall_SU_R_Blow_DPI               ? 
_refine.pdbx_overall_SU_R_free_Blow_DPI          ? 
# 
_refine_analyze.entry_id                        2EA9 
_refine_analyze.Luzzati_coordinate_error_obs    0.28 
_refine_analyze.Luzzati_sigma_a_obs             0.26 
_refine_analyze.Luzzati_d_res_low_obs           5.00 
_refine_analyze.Luzzati_coordinate_error_free   0.34 
_refine_analyze.Luzzati_sigma_a_free            0.31 
_refine_analyze.Luzzati_d_res_low_free          ? 
_refine_analyze.number_disordered_residues      ? 
_refine_analyze.occupancy_sum_hydrogen          ? 
_refine_analyze.occupancy_sum_non_hydrogen      ? 
_refine_analyze.pdbx_Luzzati_d_res_high_obs     ? 
_refine_analyze.pdbx_refine_id                  'X-RAY DIFFRACTION' 
# 
_refine_hist.pdbx_refine_id                   'X-RAY DIFFRACTION' 
_refine_hist.cycle_id                         LAST 
_refine_hist.pdbx_number_atoms_protein        803 
_refine_hist.pdbx_number_atoms_nucleic_acid   0 
_refine_hist.pdbx_number_atoms_ligand         0 
_refine_hist.number_atoms_solvent             64 
_refine_hist.number_atoms_total               867 
_refine_hist.d_res_high                       2.10 
_refine_hist.d_res_low                        28.76 
# 
loop_
_refine_ls_restr.type 
_refine_ls_restr.dev_ideal 
_refine_ls_restr.dev_ideal_target 
_refine_ls_restr.weight 
_refine_ls_restr.number 
_refine_ls_restr.pdbx_refine_id 
_refine_ls_restr.pdbx_restraint_function 
c_bond_d                0.007 ?    ? ? 'X-RAY DIFFRACTION' ? 
c_bond_d_na             ?     ?    ? ? 'X-RAY DIFFRACTION' ? 
c_bond_d_prot           ?     ?    ? ? 'X-RAY DIFFRACTION' ? 
c_angle_d               ?     ?    ? ? 'X-RAY DIFFRACTION' ? 
c_angle_d_na            ?     ?    ? ? 'X-RAY DIFFRACTION' ? 
c_angle_d_prot          ?     ?    ? ? 'X-RAY DIFFRACTION' ? 
c_angle_deg             1.3   ?    ? ? 'X-RAY DIFFRACTION' ? 
c_angle_deg_na          ?     ?    ? ? 'X-RAY DIFFRACTION' ? 
c_angle_deg_prot        ?     ?    ? ? 'X-RAY DIFFRACTION' ? 
c_dihedral_angle_d      24.8  ?    ? ? 'X-RAY DIFFRACTION' ? 
c_dihedral_angle_d_na   ?     ?    ? ? 'X-RAY DIFFRACTION' ? 
c_dihedral_angle_d_prot ?     ?    ? ? 'X-RAY DIFFRACTION' ? 
c_improper_angle_d      0.70  ?    ? ? 'X-RAY DIFFRACTION' ? 
c_improper_angle_d_na   ?     ?    ? ? 'X-RAY DIFFRACTION' ? 
c_improper_angle_d_prot ?     ?    ? ? 'X-RAY DIFFRACTION' ? 
c_mcbond_it             1.26  1.50 ? ? 'X-RAY DIFFRACTION' ? 
c_mcangle_it            1.99  2.00 ? ? 'X-RAY DIFFRACTION' ? 
c_scbond_it             1.94  2.00 ? ? 'X-RAY DIFFRACTION' ? 
c_scangle_it            2.79  2.50 ? ? 'X-RAY DIFFRACTION' ? 
# 
_refine_ls_shell.pdbx_total_number_of_bins_used   6 
_refine_ls_shell.d_res_high                       2.10 
_refine_ls_shell.d_res_low                        2.23 
_refine_ls_shell.number_reflns_R_work             818 
_refine_ls_shell.R_factor_R_work                  0.293 
_refine_ls_shell.percent_reflns_obs               85.7 
_refine_ls_shell.R_factor_R_free                  0.343 
_refine_ls_shell.R_factor_R_free_error            0.047 
_refine_ls_shell.percent_reflns_R_free            6.2 
_refine_ls_shell.number_reflns_R_free             54 
_refine_ls_shell.number_reflns_all                ? 
_refine_ls_shell.R_factor_all                     ? 
_refine_ls_shell.number_reflns_obs                ? 
_refine_ls_shell.redundancy_reflns_obs            ? 
_refine_ls_shell.pdbx_refine_id                   'X-RAY DIFFRACTION' 
# 
loop_
_pdbx_xplor_file.serial_no 
_pdbx_xplor_file.param_file 
_pdbx_xplor_file.topol_file 
_pdbx_xplor_file.pdbx_refine_id 
1 protein_rep.param protein.top 'X-RAY DIFFRACTION' 
2 water_rep.param   water.top   'X-RAY DIFFRACTION' 
# 
_struct.entry_id                  2EA9 
_struct.title                     'Crystal structure of a hypothetical protein JW2626 from E.coli' 
_struct.pdbx_model_details        ? 
_struct.pdbx_CASP_flag            ? 
_struct.pdbx_model_type_details   ? 
# 
_struct_keywords.entry_id        2EA9 
_struct_keywords.pdbx_keywords   'STRUCTURAL GENOMICS, UNKNOWN FUNCTION' 
_struct_keywords.text            
;Escherichia coli, JW2626, hypothetical protein, Structural Genomics, NPPSFA, National Project on Protein Structural and Functional Analyses, RIKEN Structural Genomics/Proteomics Initiative, RSGI, UNKNOWN FUNCTION
;
# 
loop_
_struct_asym.id 
_struct_asym.pdbx_blank_PDB_chainid_flag 
_struct_asym.pdbx_modified 
_struct_asym.entity_id 
_struct_asym.details 
A N N 1 ? 
B N N 2 ? 
# 
_struct_biol.id        1 
_struct_biol.details   'The biological assembly is a monomer.' 
# 
loop_
_struct_conf.conf_type_id 
_struct_conf.id 
_struct_conf.pdbx_PDB_helix_id 
_struct_conf.beg_label_comp_id 
_struct_conf.beg_label_asym_id 
_struct_conf.beg_label_seq_id 
_struct_conf.pdbx_beg_PDB_ins_code 
_struct_conf.end_label_comp_id 
_struct_conf.end_label_asym_id 
_struct_conf.end_label_seq_id 
_struct_conf.pdbx_end_PDB_ins_code 
_struct_conf.beg_auth_comp_id 
_struct_conf.beg_auth_asym_id 
_struct_conf.beg_auth_seq_id 
_struct_conf.end_auth_comp_id 
_struct_conf.end_auth_asym_id 
_struct_conf.end_auth_seq_id 
_struct_conf.pdbx_PDB_helix_class 
_struct_conf.details 
_struct_conf.pdbx_PDB_helix_length 
HELX_P HELX_P1 1 THR A 4  ? GLN A 9  ? THR A 11 GLN A 16 1 ? 6  
HELX_P HELX_P2 2 LEU A 30 ? ASP A 32 ? LEU A 37 ASP A 39 5 ? 3  
HELX_P HELX_P3 3 ALA A 43 ? GLY A 66 ? ALA A 50 GLY A 73 1 ? 24 
# 
_struct_conf_type.id          HELX_P 
_struct_conf_type.criteria    ? 
_struct_conf_type.reference   ? 
# 
_struct_mon_prot_cis.pdbx_id                1 
_struct_mon_prot_cis.label_comp_id          THR 
_struct_mon_prot_cis.label_seq_id           13 
_struct_mon_prot_cis.label_asym_id          A 
_struct_mon_prot_cis.label_alt_id           . 
_struct_mon_prot_cis.pdbx_PDB_ins_code      ? 
_struct_mon_prot_cis.auth_comp_id           THR 
_struct_mon_prot_cis.auth_seq_id            20 
_struct_mon_prot_cis.auth_asym_id           A 
_struct_mon_prot_cis.pdbx_label_comp_id_2   PRO 
_struct_mon_prot_cis.pdbx_label_seq_id_2    14 
_struct_mon_prot_cis.pdbx_label_asym_id_2   A 
_struct_mon_prot_cis.pdbx_PDB_ins_code_2    ? 
_struct_mon_prot_cis.pdbx_auth_comp_id_2    PRO 
_struct_mon_prot_cis.pdbx_auth_seq_id_2     21 
_struct_mon_prot_cis.pdbx_auth_asym_id_2    A 
_struct_mon_prot_cis.pdbx_PDB_model_num     1 
_struct_mon_prot_cis.pdbx_omega_angle       0.02 
# 
loop_
_struct_sheet.id 
_struct_sheet.type 
_struct_sheet.number_strands 
_struct_sheet.details 
A ? 3 ? 
B ? 5 ? 
# 
loop_
_struct_sheet_order.sheet_id 
_struct_sheet_order.range_id_1 
_struct_sheet_order.range_id_2 
_struct_sheet_order.offset 
_struct_sheet_order.sense 
A 1 2 ? anti-parallel 
A 2 3 ? anti-parallel 
B 1 2 ? anti-parallel 
B 2 3 ? anti-parallel 
B 3 4 ? anti-parallel 
B 4 5 ? anti-parallel 
# 
loop_
_struct_sheet_range.sheet_id 
_struct_sheet_range.id 
_struct_sheet_range.beg_label_comp_id 
_struct_sheet_range.beg_label_asym_id 
_struct_sheet_range.beg_label_seq_id 
_struct_sheet_range.pdbx_beg_PDB_ins_code 
_struct_sheet_range.end_label_comp_id 
_struct_sheet_range.end_label_asym_id 
_struct_sheet_range.end_label_seq_id 
_struct_sheet_range.pdbx_end_PDB_ins_code 
_struct_sheet_range.beg_auth_comp_id 
_struct_sheet_range.beg_auth_asym_id 
_struct_sheet_range.beg_auth_seq_id 
_struct_sheet_range.end_auth_comp_id 
_struct_sheet_range.end_auth_asym_id 
_struct_sheet_range.end_auth_seq_id 
A 1 GLN A 26 ? HIS A 28  ? GLN A 33  HIS A 35  
A 2 ARG A 15 ? GLU A 23  ? ARG A 22  GLU A 30  
A 3 ALA A 34 ? THR A 37  ? ALA A 41  THR A 44  
B 1 GLN A 26 ? HIS A 28  ? GLN A 33  HIS A 35  
B 2 ARG A 15 ? GLU A 23  ? ARG A 22  GLU A 30  
B 3 TYR A 95 ? PRO A 102 ? TYR A 102 PRO A 109 
B 4 PHE A 83 ? ASP A 88  ? PHE A 90  ASP A 95  
B 5 CYS A 75 ? HIS A 80  ? CYS A 82  HIS A 87  
# 
loop_
_pdbx_struct_sheet_hbond.sheet_id 
_pdbx_struct_sheet_hbond.range_id_1 
_pdbx_struct_sheet_hbond.range_id_2 
_pdbx_struct_sheet_hbond.range_1_label_atom_id 
_pdbx_struct_sheet_hbond.range_1_label_comp_id 
_pdbx_struct_sheet_hbond.range_1_label_asym_id 
_pdbx_struct_sheet_hbond.range_1_label_seq_id 
_pdbx_struct_sheet_hbond.range_1_PDB_ins_code 
_pdbx_struct_sheet_hbond.range_1_auth_atom_id 
_pdbx_struct_sheet_hbond.range_1_auth_comp_id 
_pdbx_struct_sheet_hbond.range_1_auth_asym_id 
_pdbx_struct_sheet_hbond.range_1_auth_seq_id 
_pdbx_struct_sheet_hbond.range_2_label_atom_id 
_pdbx_struct_sheet_hbond.range_2_label_comp_id 
_pdbx_struct_sheet_hbond.range_2_label_asym_id 
_pdbx_struct_sheet_hbond.range_2_label_seq_id 
_pdbx_struct_sheet_hbond.range_2_PDB_ins_code 
_pdbx_struct_sheet_hbond.range_2_auth_atom_id 
_pdbx_struct_sheet_hbond.range_2_auth_comp_id 
_pdbx_struct_sheet_hbond.range_2_auth_asym_id 
_pdbx_struct_sheet_hbond.range_2_auth_seq_id 
A 1 2 O HIS A 28  ? O HIS A 35  N VAL A 21 ? N VAL A 28  
A 2 3 N GLY A 17  ? N GLY A 24  O SER A 35 ? O SER A 42  
B 1 2 O HIS A 28  ? O HIS A 35  N VAL A 21 ? N VAL A 28  
B 2 3 N LEU A 20  ? N LEU A 27  O VAL A 96 ? O VAL A 103 
B 3 4 O TYR A 101 ? O TYR A 108 N THR A 84 ? N THR A 91  
B 4 5 O CYS A 85  ? O CYS A 92  N LEU A 78 ? N LEU A 85  
# 
_atom_sites.entry_id                    2EA9 
_atom_sites.fract_transf_matrix[1][1]   -0.00513901 
_atom_sites.fract_transf_matrix[1][2]   -0.01533413 
_atom_sites.fract_transf_matrix[1][3]   0.01657311 
_atom_sites.fract_transf_matrix[2][1]   0.01263970 
_atom_sites.fract_transf_matrix[2][2]   -0.01927030 
_atom_sites.fract_transf_matrix[2][3]   0.00226717 
_atom_sites.fract_transf_matrix[3][1]   0.01590173 
_atom_sites.fract_transf_matrix[3][2]   0.01235526 
_atom_sites.fract_transf_matrix[3][3]   0.01636243 
_atom_sites.fract_transf_vector[1]      0.127111 
_atom_sites.fract_transf_vector[2]      0.301153 
_atom_sites.fract_transf_vector[3]      0.206196 
# 
loop_
_atom_type.symbol 
C 
N 
O 
S 
# 
loop_
_atom_site.group_PDB 
_atom_site.id 
_atom_site.type_symbol 
_atom_site.label_atom_id 
_atom_site.label_alt_id 
_atom_site.label_comp_id 
_atom_site.label_asym_id 
_atom_site.label_entity_id 
_atom_site.label_seq_id 
_atom_site.pdbx_PDB_ins_code 
_atom_site.Cartn_x 
_atom_site.Cartn_y 
_atom_site.Cartn_z 
_atom_site.occupancy 
_atom_site.B_iso_or_equiv 
_atom_site.pdbx_formal_charge 
_atom_site.auth_seq_id 
_atom_site.auth_comp_id 
_atom_site.auth_asym_id 
_atom_site.auth_atom_id 
_atom_site.pdbx_PDB_model_num 
ATOM   1   N N   . MET A 1 1   ? -11.833 10.690  7.800   1.00 34.99 ? 8   MET A N   1 
ATOM   2   C CA  . MET A 1 1   ? -10.398 10.547  7.389   1.00 35.02 ? 8   MET A CA  1 
ATOM   3   C C   . MET A 1 1   ? -10.223 9.726   6.118   1.00 33.86 ? 8   MET A C   1 
ATOM   4   O O   . MET A 1 1   ? -10.680 8.592   6.030   1.00 34.56 ? 8   MET A O   1 
ATOM   5   C CB  . MET A 1 1   ? -9.578  9.874   8.495   1.00 35.93 ? 8   MET A CB  1 
ATOM   6   C CG  . MET A 1 1   ? -8.900  10.808  9.477   1.00 36.44 ? 8   MET A CG  1 
ATOM   7   S SD  . MET A 1 1   ? -7.814  9.876   10.563  1.00 34.75 ? 8   MET A SD  1 
ATOM   8   C CE  . MET A 1 1   ? -6.294  9.993   9.670   1.00 37.19 ? 8   MET A CE  1 
ATOM   9   N N   . SER A 1 2   ? -9.541  10.316  5.146   1.00 33.69 ? 9   SER A N   1 
ATOM   10  C CA  . SER A 1 2   ? -9.251  9.659   3.886   1.00 33.91 ? 9   SER A CA  1 
ATOM   11  C C   . SER A 1 2   ? -7.902  8.943   4.048   1.00 34.06 ? 9   SER A C   1 
ATOM   12  O O   . SER A 1 2   ? -7.645  7.922   3.404   1.00 33.69 ? 9   SER A O   1 
ATOM   13  C CB  . SER A 1 2   ? -9.184  10.693  2.756   1.00 33.59 ? 9   SER A CB  1 
ATOM   14  O OG  . SER A 1 2   ? -8.325  11.777  3.093   1.00 35.60 ? 9   SER A OG  1 
ATOM   15  N N   . ASN A 1 3   ? -7.044  9.484   4.914   1.00 32.31 ? 10  ASN A N   1 
ATOM   16  C CA  . ASN A 1 3   ? -5.736  8.878   5.177   1.00 31.13 ? 10  ASN A CA  1 
ATOM   17  C C   . ASN A 1 3   ? -5.908  8.021   6.423   1.00 29.45 ? 10  ASN A C   1 
ATOM   18  O O   . ASN A 1 3   ? -7.028  7.815   6.887   1.00 27.53 ? 10  ASN A O   1 
ATOM   19  C CB  . ASN A 1 3   ? -4.666  9.956   5.458   1.00 33.63 ? 10  ASN A CB  1 
ATOM   20  C CG  . ASN A 1 3   ? -3.326  9.668   4.773   1.00 35.15 ? 10  ASN A CG  1 
ATOM   21  O OD1 . ASN A 1 3   ? -2.726  8.585   4.906   1.00 29.08 ? 10  ASN A OD1 1 
ATOM   22  N ND2 . ASN A 1 3   ? -2.846  10.660  4.041   1.00 38.07 ? 10  ASN A ND2 1 
ATOM   23  N N   . THR A 1 4   ? -4.802  7.498   6.939   1.00 26.66 ? 11  THR A N   1 
ATOM   24  C CA  . THR A 1 4   ? -4.833  6.693   8.159   1.00 24.20 ? 11  THR A CA  1 
ATOM   25  C C   . THR A 1 4   ? -3.745  7.269   9.054   1.00 22.38 ? 11  THR A C   1 
ATOM   26  O O   . THR A 1 4   ? -2.858  7.973   8.570   1.00 22.74 ? 11  THR A O   1 
ATOM   27  C CB  . THR A 1 4   ? -4.527  5.197   7.878   1.00 22.82 ? 11  THR A CB  1 
ATOM   28  O OG1 . THR A 1 4   ? -3.234  5.076   7.269   1.00 20.08 ? 11  THR A OG1 1 
ATOM   29  C CG2 . THR A 1 4   ? -5.589  4.595   6.944   1.00 26.35 ? 11  THR A CG2 1 
ATOM   30  N N   . THR A 1 5   ? -3.822  7.007   10.352  1.00 23.33 ? 12  THR A N   1 
ATOM   31  C CA  . THR A 1 5   ? -2.800  7.507   11.262  1.00 23.27 ? 12  THR A CA  1 
ATOM   32  C C   . THR A 1 5   ? -1.420  7.021   10.793  1.00 23.23 ? 12  THR A C   1 
ATOM   33  O O   . THR A 1 5   ? -0.461  7.794   10.738  1.00 25.00 ? 12  THR A O   1 
ATOM   34  C CB  . THR A 1 5   ? -3.069  7.039   12.704  1.00 21.91 ? 12  THR A CB  1 
ATOM   35  O OG1 . THR A 1 5   ? -4.312  7.591   13.149  1.00 23.34 ? 12  THR A OG1 1 
ATOM   36  C CG2 . THR A 1 5   ? -1.952  7.498   13.638  1.00 20.75 ? 12  THR A CG2 1 
ATOM   37  N N   . TRP A 1 6   ? -1.333  5.743   10.432  1.00 23.52 ? 13  TRP A N   1 
ATOM   38  C CA  . TRP A 1 6   ? -0.077  5.156   9.955   1.00 23.24 ? 13  TRP A CA  1 
ATOM   39  C C   . TRP A 1 6   ? 0.409   5.849   8.691   1.00 22.47 ? 13  TRP A C   1 
ATOM   40  O O   . TRP A 1 6   ? 1.599   6.137   8.544   1.00 22.88 ? 13  TRP A O   1 
ATOM   41  C CB  . TRP A 1 6   ? -0.274  3.675   9.639   1.00 25.18 ? 13  TRP A CB  1 
ATOM   42  C CG  . TRP A 1 6   ? 0.987   2.951   9.243   1.00 25.13 ? 13  TRP A CG  1 
ATOM   43  C CD1 . TRP A 1 6   ? 1.920   2.402   10.081  1.00 24.71 ? 13  TRP A CD1 1 
ATOM   44  C CD2 . TRP A 1 6   ? 1.405   2.625   7.908   1.00 25.19 ? 13  TRP A CD2 1 
ATOM   45  N NE1 . TRP A 1 6   ? 2.884   1.741   9.346   1.00 25.19 ? 13  TRP A NE1 1 
ATOM   46  C CE2 . TRP A 1 6   ? 2.591   1.863   8.012   1.00 23.42 ? 13  TRP A CE2 1 
ATOM   47  C CE3 . TRP A 1 6   ? 0.890   2.902   6.632   1.00 24.44 ? 13  TRP A CE3 1 
ATOM   48  C CZ2 . TRP A 1 6   ? 3.268   1.366   6.890   1.00 27.02 ? 13  TRP A CZ2 1 
ATOM   49  C CZ3 . TRP A 1 6   ? 1.564   2.408   5.507   1.00 25.25 ? 13  TRP A CZ3 1 
ATOM   50  C CH2 . TRP A 1 6   ? 2.743   1.646   5.649   1.00 25.37 ? 13  TRP A CH2 1 
ATOM   51  N N   . GLY A 1 7   ? -0.525  6.095   7.776   1.00 22.51 ? 14  GLY A N   1 
ATOM   52  C CA  . GLY A 1 7   ? -0.191  6.738   6.519   1.00 22.15 ? 14  GLY A CA  1 
ATOM   53  C C   . GLY A 1 7   ? 0.274   8.172   6.677   1.00 22.76 ? 14  GLY A C   1 
ATOM   54  O O   . GLY A 1 7   ? 1.138   8.637   5.928   1.00 22.41 ? 14  GLY A O   1 
ATOM   55  N N   . LEU A 1 8   ? -0.310  8.889   7.633   1.00 24.39 ? 15  LEU A N   1 
ATOM   56  C CA  . LEU A 1 8   ? 0.085   10.275  7.876   1.00 26.95 ? 15  LEU A CA  1 
ATOM   57  C C   . LEU A 1 8   ? 1.500   10.376  8.471   1.00 28.76 ? 15  LEU A C   1 
ATOM   58  O O   . LEU A 1 8   ? 2.098   11.449  8.463   1.00 28.43 ? 15  LEU A O   1 
ATOM   59  C CB  . LEU A 1 8   ? -0.906  10.971  8.816   1.00 26.67 ? 15  LEU A CB  1 
ATOM   60  C CG  . LEU A 1 8   ? -2.189  11.549  8.204   1.00 28.57 ? 15  LEU A CG  1 
ATOM   61  C CD1 . LEU A 1 8   ? -3.124  12.013  9.313   1.00 27.53 ? 15  LEU A CD1 1 
ATOM   62  C CD2 . LEU A 1 8   ? -1.857  12.700  7.269   1.00 26.56 ? 15  LEU A CD2 1 
ATOM   63  N N   . GLN A 1 9   ? 2.029   9.261   8.980   1.00 29.45 ? 16  GLN A N   1 
ATOM   64  C CA  . GLN A 1 9   ? 3.361   9.244   9.573   1.00 32.36 ? 16  GLN A CA  1 
ATOM   65  C C   . GLN A 1 9   ? 4.446   8.851   8.593   1.00 35.37 ? 16  GLN A C   1 
ATOM   66  O O   . GLN A 1 9   ? 5.620   8.786   8.963   1.00 36.60 ? 16  GLN A O   1 
ATOM   67  C CB  . GLN A 1 9   ? 3.427   8.298   10.776  1.00 30.93 ? 16  GLN A CB  1 
ATOM   68  C CG  . GLN A 1 9   ? 2.299   8.493   11.767  1.00 31.22 ? 16  GLN A CG  1 
ATOM   69  C CD  . GLN A 1 9   ? 2.562   7.828   13.113  1.00 32.38 ? 16  GLN A CD  1 
ATOM   70  O OE1 . GLN A 1 9   ? 3.126   6.729   13.184  1.00 29.72 ? 16  GLN A OE1 1 
ATOM   71  N NE2 . GLN A 1 9   ? 2.132   8.485   14.187  1.00 28.80 ? 16  GLN A NE2 1 
ATOM   72  N N   . ARG A 1 10  ? 4.068   8.555   7.352   1.00 37.18 ? 17  ARG A N   1 
ATOM   73  C CA  . ARG A 1 10  ? 5.060   8.208   6.338   1.00 39.18 ? 17  ARG A CA  1 
ATOM   74  C C   . ARG A 1 10  ? 5.875   9.485   6.185   1.00 40.25 ? 17  ARG A C   1 
ATOM   75  O O   . ARG A 1 10  ? 5.422   10.561  6.585   1.00 40.79 ? 17  ARG A O   1 
ATOM   76  C CB  . ARG A 1 10  ? 4.393   7.874   4.996   1.00 39.05 ? 17  ARG A CB  1 
ATOM   77  C CG  . ARG A 1 10  ? 3.384   6.720   5.005   1.00 40.75 ? 17  ARG A CG  1 
ATOM   78  C CD  . ARG A 1 10  ? 4.012   5.425   5.484   1.00 39.61 ? 17  ARG A CD  1 
ATOM   79  N NE  . ARG A 1 10  ? 3.872   5.304   6.926   1.00 41.72 ? 17  ARG A NE  1 
ATOM   80  C CZ  . ARG A 1 10  ? 4.698   4.615   7.706   1.00 40.40 ? 17  ARG A CZ  1 
ATOM   81  N NH1 . ARG A 1 10  ? 5.734   3.982   7.176   1.00 41.35 ? 17  ARG A NH1 1 
ATOM   82  N NH2 . ARG A 1 10  ? 4.486   4.570   9.016   1.00 38.47 ? 17  ARG A NH2 1 
ATOM   83  N N   . ASP A 1 11  ? 7.065   9.385   5.612   1.00 41.84 ? 18  ASP A N   1 
ATOM   84  C CA  . ASP A 1 11  ? 7.894   10.575  5.446   1.00 43.06 ? 18  ASP A CA  1 
ATOM   85  C C   . ASP A 1 11  ? 8.067   10.995  3.988   1.00 42.38 ? 18  ASP A C   1 
ATOM   86  O O   . ASP A 1 11  ? 7.972   12.180  3.673   1.00 44.00 ? 18  ASP A O   1 
ATOM   87  C CB  . ASP A 1 11  ? 9.274   10.349  6.081   1.00 46.00 ? 18  ASP A CB  1 
ATOM   88  C CG  . ASP A 1 11  ? 9.192   10.043  7.571   1.00 48.23 ? 18  ASP A CG  1 
ATOM   89  O OD1 . ASP A 1 11  ? 8.734   10.919  8.346   1.00 47.59 ? 18  ASP A OD1 1 
ATOM   90  O OD2 . ASP A 1 11  ? 9.594   8.924   7.963   1.00 49.91 ? 18  ASP A OD2 1 
ATOM   91  N N   . ILE A 1 12  ? 8.299   10.029  3.103   1.00 40.40 ? 19  ILE A N   1 
ATOM   92  C CA  . ILE A 1 12  ? 8.517   10.338  1.695   1.00 38.34 ? 19  ILE A CA  1 
ATOM   93  C C   . ILE A 1 12  ? 7.316   10.969  1.008   1.00 38.97 ? 19  ILE A C   1 
ATOM   94  O O   . ILE A 1 12  ? 6.160   10.653  1.297   1.00 38.24 ? 19  ILE A O   1 
ATOM   95  C CB  . ILE A 1 12  ? 8.969   9.086   0.890   1.00 37.98 ? 19  ILE A CB  1 
ATOM   96  C CG1 . ILE A 1 12  ? 10.286  8.537   1.460   1.00 36.69 ? 19  ILE A CG1 1 
ATOM   97  C CG2 . ILE A 1 12  ? 9.213   9.452   -0.572  1.00 36.09 ? 19  ILE A CG2 1 
ATOM   98  C CD1 . ILE A 1 12  ? 10.131  7.754   2.750   1.00 35.71 ? 19  ILE A CD1 1 
ATOM   99  N N   . THR A 1 13  ? 7.610   11.871  0.087   1.00 37.81 ? 20  THR A N   1 
ATOM   100 C CA  . THR A 1 13  ? 6.583   12.579  -0.650  1.00 37.30 ? 20  THR A CA  1 
ATOM   101 C C   . THR A 1 13  ? 7.112   12.787  -2.060  1.00 35.78 ? 20  THR A C   1 
ATOM   102 O O   . THR A 1 13  ? 8.299   13.047  -2.241  1.00 37.46 ? 20  THR A O   1 
ATOM   103 C CB  . THR A 1 13  ? 6.292   13.931  0.039   1.00 39.00 ? 20  THR A CB  1 
ATOM   104 O OG1 . THR A 1 13  ? 5.758   13.682  1.344   1.00 38.50 ? 20  THR A OG1 1 
ATOM   105 C CG2 . THR A 1 13  ? 5.299   14.748  -0.750  1.00 39.12 ? 20  THR A CG2 1 
ATOM   106 N N   . PRO A 1 14  ? 6.247   12.650  -3.081  1.00 33.67 ? 21  PRO A N   1 
ATOM   107 C CA  . PRO A 1 14  ? 4.825   12.317  -2.992  1.00 30.81 ? 21  PRO A CA  1 
ATOM   108 C C   . PRO A 1 14  ? 4.569   10.842  -2.720  1.00 28.70 ? 21  PRO A C   1 
ATOM   109 O O   . PRO A 1 14  ? 5.422   9.989   -2.969  1.00 28.77 ? 21  PRO A O   1 
ATOM   110 C CB  . PRO A 1 14  ? 4.307   12.719  -4.359  1.00 31.83 ? 21  PRO A CB  1 
ATOM   111 C CG  . PRO A 1 14  ? 5.436   12.264  -5.238  1.00 32.87 ? 21  PRO A CG  1 
ATOM   112 C CD  . PRO A 1 14  ? 6.644   12.811  -4.492  1.00 34.69 ? 21  PRO A CD  1 
ATOM   113 N N   . ARG A 1 15  ? 3.383   10.548  -2.213  1.00 26.40 ? 22  ARG A N   1 
ATOM   114 C CA  . ARG A 1 15  ? 3.023   9.176   -1.943  1.00 25.16 ? 22  ARG A CA  1 
ATOM   115 C C   . ARG A 1 15  ? 1.534   8.940   -2.047  1.00 25.37 ? 22  ARG A C   1 
ATOM   116 O O   . ARG A 1 15  ? 0.726   9.839   -1.806  1.00 25.66 ? 22  ARG A O   1 
ATOM   117 C CB  . ARG A 1 15  ? 3.508   8.752   -0.558  1.00 22.01 ? 22  ARG A CB  1 
ATOM   118 C CG  . ARG A 1 15  ? 2.949   9.555   0.593   1.00 24.02 ? 22  ARG A CG  1 
ATOM   119 C CD  . ARG A 1 15  ? 3.212   8.820   1.907   1.00 23.97 ? 22  ARG A CD  1 
ATOM   120 N NE  . ARG A 1 15  ? 2.634   9.488   3.070   1.00 24.31 ? 22  ARG A NE  1 
ATOM   121 C CZ  . ARG A 1 15  ? 3.069   10.639  3.575   1.00 25.07 ? 22  ARG A CZ  1 
ATOM   122 N NH1 . ARG A 1 15  ? 4.095   11.276  3.016   1.00 24.94 ? 22  ARG A NH1 1 
ATOM   123 N NH2 . ARG A 1 15  ? 2.491   11.132  4.662   1.00 22.20 ? 22  ARG A NH2 1 
ATOM   124 N N   . LEU A 1 16  ? 1.191   7.715   -2.421  1.00 25.38 ? 23  LEU A N   1 
ATOM   125 C CA  . LEU A 1 16  ? -0.190  7.272   -2.551  1.00 25.15 ? 23  LEU A CA  1 
ATOM   126 C C   . LEU A 1 16  ? -0.439  6.364   -1.353  1.00 24.18 ? 23  LEU A C   1 
ATOM   127 O O   . LEU A 1 16  ? 0.233   5.343   -1.197  1.00 23.50 ? 23  LEU A O   1 
ATOM   128 C CB  . LEU A 1 16  ? -0.356  6.474   -3.848  1.00 27.14 ? 23  LEU A CB  1 
ATOM   129 C CG  . LEU A 1 16  ? -1.599  5.588   -4.017  1.00 28.62 ? 23  LEU A CG  1 
ATOM   130 C CD1 . LEU A 1 16  ? -2.845  6.441   -4.062  1.00 29.20 ? 23  LEU A CD1 1 
ATOM   131 C CD2 . LEU A 1 16  ? -1.462  4.792   -5.310  1.00 30.68 ? 23  LEU A CD2 1 
ATOM   132 N N   . GLY A 1 17  ? -1.392  6.730   -0.505  1.00 21.23 ? 24  GLY A N   1 
ATOM   133 C CA  . GLY A 1 17  ? -1.671  5.904   0.648   1.00 21.22 ? 24  GLY A CA  1 
ATOM   134 C C   . GLY A 1 17  ? -3.033  5.243   0.559   1.00 21.10 ? 24  GLY A C   1 
ATOM   135 O O   . GLY A 1 17  ? -3.963  5.796   -0.025  1.00 21.56 ? 24  GLY A O   1 
ATOM   136 N N   . ALA A 1 18  ? -3.158  4.052   1.118   1.00 20.33 ? 25  ALA A N   1 
ATOM   137 C CA  . ALA A 1 18  ? -4.438  3.371   1.097   1.00 22.67 ? 25  ALA A CA  1 
ATOM   138 C C   . ALA A 1 18  ? -4.496  2.326   2.181   1.00 21.95 ? 25  ALA A C   1 
ATOM   139 O O   . ALA A 1 18  ? -3.473  1.766   2.578   1.00 22.44 ? 25  ALA A O   1 
ATOM   140 C CB  . ALA A 1 18  ? -4.681  2.709   -0.271  1.00 21.42 ? 25  ALA A CB  1 
ATOM   141 N N   . ARG A 1 19  ? -5.704  2.081   2.663   1.00 20.71 ? 26  ARG A N   1 
ATOM   142 C CA  . ARG A 1 19  ? -5.928  1.057   3.658   1.00 21.19 ? 26  ARG A CA  1 
ATOM   143 C C   . ARG A 1 19  ? -6.832  0.081   2.926   1.00 21.94 ? 26  ARG A C   1 
ATOM   144 O O   . ARG A 1 19  ? -7.987  0.393   2.640   1.00 24.32 ? 26  ARG A O   1 
ATOM   145 C CB  . ARG A 1 19  ? -6.648  1.610   4.881   1.00 19.13 ? 26  ARG A CB  1 
ATOM   146 C CG  . ARG A 1 19  ? -6.791  0.578   5.972   1.00 18.48 ? 26  ARG A CG  1 
ATOM   147 C CD  . ARG A 1 19  ? -7.608  1.119   7.114   1.00 20.96 ? 26  ARG A CD  1 
ATOM   148 N NE  . ARG A 1 19  ? -9.034  1.134   6.807   1.00 22.35 ? 26  ARG A NE  1 
ATOM   149 C CZ  . ARG A 1 19  ? -9.967  1.570   7.653   1.00 24.88 ? 26  ARG A CZ  1 
ATOM   150 N NH1 . ARG A 1 19  ? -9.616  2.028   8.849   1.00 20.08 ? 26  ARG A NH1 1 
ATOM   151 N NH2 . ARG A 1 19  ? -11.250 1.544   7.311   1.00 26.45 ? 26  ARG A NH2 1 
ATOM   152 N N   . LEU A 1 20  ? -6.291  -1.079  2.585   1.00 22.46 ? 27  LEU A N   1 
ATOM   153 C CA  . LEU A 1 20  ? -7.060  -2.095  1.886   1.00 24.18 ? 27  LEU A CA  1 
ATOM   154 C C   . LEU A 1 20  ? -7.714  -3.064  2.871   1.00 25.16 ? 27  LEU A C   1 
ATOM   155 O O   . LEU A 1 20  ? -7.208  -3.297  3.973   1.00 24.67 ? 27  LEU A O   1 
ATOM   156 C CB  . LEU A 1 20  ? -6.165  -2.883  0.927   1.00 24.00 ? 27  LEU A CB  1 
ATOM   157 C CG  . LEU A 1 20  ? -5.388  -2.145  -0.175  1.00 26.20 ? 27  LEU A CG  1 
ATOM   158 C CD1 . LEU A 1 20  ? -6.312  -1.236  -0.945  1.00 26.21 ? 27  LEU A CD1 1 
ATOM   159 C CD2 . LEU A 1 20  ? -4.262  -1.354  0.449   1.00 25.62 ? 27  LEU A CD2 1 
ATOM   160 N N   . VAL A 1 21  ? -8.848  -3.620  2.468   1.00 27.34 ? 28  VAL A N   1 
ATOM   161 C CA  . VAL A 1 21  ? -9.569  -4.575  3.300   1.00 29.74 ? 28  VAL A CA  1 
ATOM   162 C C   . VAL A 1 21  ? -9.169  -5.980  2.868   1.00 30.96 ? 28  VAL A C   1 
ATOM   163 O O   . VAL A 1 21  ? -9.183  -6.317  1.681   1.00 28.47 ? 28  VAL A O   1 
ATOM   164 C CB  . VAL A 1 21  ? -11.103 -4.412  3.152   1.00 29.27 ? 28  VAL A CB  1 
ATOM   165 C CG1 . VAL A 1 21  ? -11.828 -5.529  3.891   1.00 30.21 ? 28  VAL A CG1 1 
ATOM   166 C CG2 . VAL A 1 21  ? -11.532 -3.058  3.705   1.00 30.71 ? 28  VAL A CG2 1 
ATOM   167 N N   . GLN A 1 22  ? -8.820  -6.799  3.849   1.00 32.66 ? 29  GLN A N   1 
ATOM   168 C CA  . GLN A 1 22  ? -8.419  -8.156  3.569   1.00 33.88 ? 29  GLN A CA  1 
ATOM   169 C C   . GLN A 1 22  ? -9.531  -9.178  3.750   1.00 36.07 ? 29  GLN A C   1 
ATOM   170 O O   . GLN A 1 22  ? -10.077 -9.333  4.839   1.00 36.48 ? 29  GLN A O   1 
ATOM   171 C CB  . GLN A 1 22  ? -7.242  -8.545  4.453   1.00 35.15 ? 29  GLN A CB  1 
ATOM   172 C CG  . GLN A 1 22  ? -6.571  -9.817  3.997   1.00 35.60 ? 29  GLN A CG  1 
ATOM   173 C CD  . GLN A 1 22  ? -5.517  -10.311 4.965   1.00 36.98 ? 29  GLN A CD  1 
ATOM   174 O OE1 . GLN A 1 22  ? -4.993  -11.416 4.811   1.00 38.57 ? 29  GLN A OE1 1 
ATOM   175 N NE2 . GLN A 1 22  ? -5.200  -9.498  5.970   1.00 36.48 ? 29  GLN A NE2 1 
ATOM   176 N N   . GLU A 1 23  ? -9.874  -9.858  2.662   1.00 37.73 ? 30  GLU A N   1 
ATOM   177 C CA  . GLU A 1 23  ? -10.880 -10.910 2.686   1.00 38.95 ? 30  GLU A CA  1 
ATOM   178 C C   . GLU A 1 23  ? -10.095 -12.157 2.340   1.00 38.81 ? 30  GLU A C   1 
ATOM   179 O O   . GLU A 1 23  ? -9.686  -12.344 1.193   1.00 37.57 ? 30  GLU A O   1 
ATOM   180 C CB  . GLU A 1 23  ? -11.950 -10.677 1.625   1.00 42.74 ? 30  GLU A CB  1 
ATOM   181 C CG  . GLU A 1 23  ? -13.141 -9.878  2.102   1.00 47.09 ? 30  GLU A CG  1 
ATOM   182 C CD  . GLU A 1 23  ? -14.266 -9.892  1.094   1.00 49.15 ? 30  GLU A CD  1 
ATOM   183 O OE1 . GLU A 1 23  ? -14.650 -11.004 0.658   1.00 51.94 ? 30  GLU A OE1 1 
ATOM   184 O OE2 . GLU A 1 23  ? -14.770 -8.800  0.743   1.00 49.07 ? 30  GLU A OE2 1 
ATOM   185 N N   . GLY A 1 24  ? -9.876  -13.013 3.331   1.00 38.23 ? 31  GLY A N   1 
ATOM   186 C CA  . GLY A 1 24  ? -9.093  -14.202 3.073   1.00 37.66 ? 31  GLY A CA  1 
ATOM   187 C C   . GLY A 1 24  ? -7.726  -13.695 2.664   1.00 37.50 ? 31  GLY A C   1 
ATOM   188 O O   . GLY A 1 24  ? -7.057  -13.007 3.439   1.00 37.84 ? 31  GLY A O   1 
ATOM   189 N N   . ASN A 1 25  ? -7.315  -14.019 1.440   1.00 37.46 ? 32  ASN A N   1 
ATOM   190 C CA  . ASN A 1 25  ? -6.025  -13.579 0.919   1.00 37.56 ? 32  ASN A CA  1 
ATOM   191 C C   . ASN A 1 25  ? -6.208  -12.566 -0.202  1.00 35.36 ? 32  ASN A C   1 
ATOM   192 O O   . ASN A 1 25  ? -5.278  -12.282 -0.961  1.00 35.25 ? 32  ASN A O   1 
ATOM   193 C CB  . ASN A 1 25  ? -5.204  -14.770 0.412   1.00 39.07 ? 32  ASN A CB  1 
ATOM   194 C CG  . ASN A 1 25  ? -4.541  -15.537 1.545   1.00 41.39 ? 32  ASN A CG  1 
ATOM   195 O OD1 . ASN A 1 25  ? -4.052  -14.933 2.501   1.00 39.82 ? 32  ASN A OD1 1 
ATOM   196 N ND2 . ASN A 1 25  ? -4.506  -16.865 1.439   1.00 40.92 ? 32  ASN A ND2 1 
ATOM   197 N N   . GLN A 1 26  ? -7.418  -12.024 -0.296  1.00 34.65 ? 33  GLN A N   1 
ATOM   198 C CA  . GLN A 1 26  ? -7.741  -11.034 -1.307  1.00 34.45 ? 33  GLN A CA  1 
ATOM   199 C C   . GLN A 1 26  ? -7.795  -9.645  -0.710  1.00 32.47 ? 33  GLN A C   1 
ATOM   200 O O   . GLN A 1 26  ? -8.400  -9.436  0.342   1.00 31.33 ? 33  GLN A O   1 
ATOM   201 C CB  . GLN A 1 26  ? -9.079  -11.357 -1.954  1.00 34.86 ? 33  GLN A CB  1 
ATOM   202 C CG  . GLN A 1 26  ? -9.052  -12.595 -2.790  1.00 39.50 ? 33  GLN A CG  1 
ATOM   203 C CD  . GLN A 1 26  ? -10.009 -12.503 -3.956  1.00 43.52 ? 33  GLN A CD  1 
ATOM   204 O OE1 . GLN A 1 26  ? -11.206 -12.249 -3.776  1.00 44.44 ? 33  GLN A OE1 1 
ATOM   205 N NE2 . GLN A 1 26  ? -9.486  -12.702 -5.165  1.00 43.43 ? 33  GLN A NE2 1 
ATOM   206 N N   . LEU A 1 27  ? -7.149  -8.699  -1.377  1.00 31.28 ? 34  LEU A N   1 
ATOM   207 C CA  . LEU A 1 27  ? -7.136  -7.321  -0.902  1.00 32.26 ? 34  LEU A CA  1 
ATOM   208 C C   . LEU A 1 27  ? -8.105  -6.473  -1.699  1.00 32.23 ? 34  LEU A C   1 
ATOM   209 O O   . LEU A 1 27  ? -8.012  -6.401  -2.920  1.00 33.67 ? 34  LEU A O   1 
ATOM   210 C CB  . LEU A 1 27  ? -5.737  -6.726  -1.026  1.00 30.04 ? 34  LEU A CB  1 
ATOM   211 C CG  . LEU A 1 27  ? -4.676  -7.372  -0.141  1.00 28.00 ? 34  LEU A CG  1 
ATOM   212 C CD1 . LEU A 1 27  ? -3.362  -6.634  -0.330  1.00 26.31 ? 34  LEU A CD1 1 
ATOM   213 C CD2 . LEU A 1 27  ? -5.131  -7.326  1.305   1.00 21.66 ? 34  LEU A CD2 1 
ATOM   214 N N   . HIS A 1 28  ? -9.033  -5.827  -1.007  1.00 32.47 ? 35  HIS A N   1 
ATOM   215 C CA  . HIS A 1 28  ? -10.003 -4.987  -1.677  1.00 33.29 ? 35  HIS A CA  1 
ATOM   216 C C   . HIS A 1 28  ? -9.645  -3.525  -1.539  1.00 34.12 ? 35  HIS A C   1 
ATOM   217 O O   . HIS A 1 28  ? -9.214  -3.063  -0.481  1.00 33.59 ? 35  HIS A O   1 
ATOM   218 C CB  . HIS A 1 28  ? -11.398 -5.235  -1.118  1.00 34.34 ? 35  HIS A CB  1 
ATOM   219 C CG  . HIS A 1 28  ? -11.891 -6.628  -1.350  1.00 37.87 ? 35  HIS A CG  1 
ATOM   220 N ND1 . HIS A 1 28  ? -12.046 -7.160  -2.612  1.00 37.75 ? 35  HIS A ND1 1 
ATOM   221 C CD2 . HIS A 1 28  ? -12.233 -7.610  -0.483  1.00 38.22 ? 35  HIS A CD2 1 
ATOM   222 C CE1 . HIS A 1 28  ? -12.460 -8.411  -2.512  1.00 37.50 ? 35  HIS A CE1 1 
ATOM   223 N NE2 . HIS A 1 28  ? -12.581 -8.707  -1.230  1.00 39.57 ? 35  HIS A NE2 1 
ATOM   224 N N   . TYR A 1 29  ? -9.827  -2.793  -2.626  1.00 34.32 ? 36  TYR A N   1 
ATOM   225 C CA  . TYR A 1 29  ? -9.525  -1.377  -2.640  1.00 34.43 ? 36  TYR A CA  1 
ATOM   226 C C   . TYR A 1 29  ? -10.724 -0.540  -2.245  1.00 35.33 ? 36  TYR A C   1 
ATOM   227 O O   . TYR A 1 29  ? -11.834 -0.772  -2.717  1.00 35.12 ? 36  TYR A O   1 
ATOM   228 C CB  . TYR A 1 29  ? -9.093  -0.963  -4.032  1.00 35.18 ? 36  TYR A CB  1 
ATOM   229 C CG  . TYR A 1 29  ? -8.863  0.518   -4.183  1.00 35.46 ? 36  TYR A CG  1 
ATOM   230 C CD1 . TYR A 1 29  ? -7.673  1.102   -3.740  1.00 34.81 ? 36  TYR A CD1 1 
ATOM   231 C CD2 . TYR A 1 29  ? -9.800  1.329   -4.830  1.00 32.37 ? 36  TYR A CD2 1 
ATOM   232 C CE1 . TYR A 1 29  ? -7.410  2.443   -3.953  1.00 33.96 ? 36  TYR A CE1 1 
ATOM   233 C CE2 . TYR A 1 29  ? -9.542  2.681   -5.047  1.00 34.41 ? 36  TYR A CE2 1 
ATOM   234 C CZ  . TYR A 1 29  ? -8.341  3.226   -4.611  1.00 34.69 ? 36  TYR A CZ  1 
ATOM   235 O OH  . TYR A 1 29  ? -8.037  4.542   -4.876  1.00 36.17 ? 36  TYR A OH  1 
ATOM   236 N N   . LEU A 1 30  ? -10.487 0.441   -1.381  1.00 35.61 ? 37  LEU A N   1 
ATOM   237 C CA  . LEU A 1 30  ? -11.534 1.352   -0.943  1.00 36.08 ? 37  LEU A CA  1 
ATOM   238 C C   . LEU A 1 30  ? -11.068 2.785   -1.140  1.00 36.54 ? 37  LEU A C   1 
ATOM   239 O O   . LEU A 1 30  ? -10.163 3.263   -0.452  1.00 35.80 ? 37  LEU A O   1 
ATOM   240 C CB  . LEU A 1 30  ? -11.900 1.116   0.526   1.00 36.60 ? 37  LEU A CB  1 
ATOM   241 C CG  . LEU A 1 30  ? -12.748 -0.131  0.798   1.00 39.05 ? 37  LEU A CG  1 
ATOM   242 C CD1 . LEU A 1 30  ? -11.918 -1.390  0.586   1.00 38.02 ? 37  LEU A CD1 1 
ATOM   243 C CD2 . LEU A 1 30  ? -13.280 -0.089  2.218   1.00 39.28 ? 37  LEU A CD2 1 
ATOM   244 N N   . ALA A 1 31  ? -11.699 3.458   -2.099  1.00 35.63 ? 38  ALA A N   1 
ATOM   245 C CA  . ALA A 1 31  ? -11.383 4.840   -2.440  1.00 37.84 ? 38  ALA A CA  1 
ATOM   246 C C   . ALA A 1 31  ? -11.552 5.812   -1.269  1.00 39.06 ? 38  ALA A C   1 
ATOM   247 O O   . ALA A 1 31  ? -10.861 6.827   -1.195  1.00 40.34 ? 38  ALA A O   1 
ATOM   248 C CB  . ALA A 1 31  ? -12.251 5.288   -3.620  1.00 37.25 ? 38  ALA A CB  1 
ATOM   249 N N   . ASP A 1 32  ? -12.470 5.494   -0.361  1.00 38.94 ? 39  ASP A N   1 
ATOM   250 C CA  . ASP A 1 32  ? -12.731 6.342   0.796   1.00 38.88 ? 39  ASP A CA  1 
ATOM   251 C C   . ASP A 1 32  ? -11.519 6.349   1.725   1.00 37.56 ? 39  ASP A C   1 
ATOM   252 O O   . ASP A 1 32  ? -11.420 7.181   2.629   1.00 37.47 ? 39  ASP A O   1 
ATOM   253 C CB  . ASP A 1 32  ? -13.948 5.828   1.563   1.00 41.41 ? 39  ASP A CB  1 
ATOM   254 C CG  . ASP A 1 32  ? -13.607 4.665   2.474   1.00 44.04 ? 39  ASP A CG  1 
ATOM   255 O OD1 . ASP A 1 32  ? -13.023 3.673   1.981   1.00 43.57 ? 39  ASP A OD1 1 
ATOM   256 O OD2 . ASP A 1 32  ? -13.915 4.747   3.688   1.00 47.09 ? 39  ASP A OD2 1 
ATOM   257 N N   . ARG A 1 33  ? -10.611 5.400   1.515   1.00 35.53 ? 40  ARG A N   1 
ATOM   258 C CA  . ARG A 1 33  ? -9.398  5.309   2.326   1.00 33.17 ? 40  ARG A CA  1 
ATOM   259 C C   . ARG A 1 33  ? -8.145  5.406   1.467   1.00 32.34 ? 40  ARG A C   1 
ATOM   260 O O   . ARG A 1 33  ? -7.099  4.879   1.831   1.00 31.96 ? 40  ARG A O   1 
ATOM   261 C CB  . ARG A 1 33  ? -9.370  4.004   3.130   1.00 31.66 ? 40  ARG A CB  1 
ATOM   262 C CG  . ARG A 1 33  ? -10.252 4.019   4.375   1.00 32.68 ? 40  ARG A CG  1 
ATOM   263 C CD  . ARG A 1 33  ? -9.798  5.058   5.416   1.00 31.75 ? 40  ARG A CD  1 
ATOM   264 N NE  . ARG A 1 33  ? -10.631 4.983   6.612   1.00 34.03 ? 40  ARG A NE  1 
ATOM   265 C CZ  . ARG A 1 33  ? -10.334 5.522   7.792   1.00 33.44 ? 40  ARG A CZ  1 
ATOM   266 N NH1 . ARG A 1 33  ? -9.203  6.197   7.955   1.00 32.81 ? 40  ARG A NH1 1 
ATOM   267 N NH2 . ARG A 1 33  ? -11.172 5.373   8.817   1.00 29.62 ? 40  ARG A NH2 1 
ATOM   268 N N   . ALA A 1 34  ? -8.264  6.071   0.320   1.00 31.44 ? 41  ALA A N   1 
ATOM   269 C CA  . ALA A 1 34  ? -7.133  6.274   -0.578  1.00 31.76 ? 41  ALA A CA  1 
ATOM   270 C C   . ALA A 1 34  ? -6.843  7.773   -0.575  1.00 32.34 ? 41  ALA A C   1 
ATOM   271 O O   . ALA A 1 34  ? -7.760  8.589   -0.459  1.00 31.43 ? 41  ALA A O   1 
ATOM   272 C CB  . ALA A 1 34  ? -7.474  5.806   -1.997  1.00 29.28 ? 41  ALA A CB  1 
ATOM   273 N N   . SER A 1 35  ? -5.571  8.136   -0.708  1.00 31.69 ? 42  SER A N   1 
ATOM   274 C CA  . SER A 1 35  ? -5.191  9.539   -0.710  1.00 31.91 ? 42  SER A CA  1 
ATOM   275 C C   . SER A 1 35  ? -3.801  9.749   -1.273  1.00 31.83 ? 42  SER A C   1 
ATOM   276 O O   . SER A 1 35  ? -2.987  8.829   -1.302  1.00 32.24 ? 42  SER A O   1 
ATOM   277 C CB  . SER A 1 35  ? -5.234  10.093  0.713   1.00 33.69 ? 42  SER A CB  1 
ATOM   278 O OG  . SER A 1 35  ? -4.165  9.556   1.482   1.00 37.03 ? 42  SER A OG  1 
ATOM   279 N N   . ILE A 1 36  ? -3.540  10.974  -1.719  1.00 32.19 ? 43  ILE A N   1 
ATOM   280 C CA  . ILE A 1 36  ? -2.241  11.346  -2.268  1.00 30.73 ? 43  ILE A CA  1 
ATOM   281 C C   . ILE A 1 36  ? -1.702  12.463  -1.399  1.00 30.90 ? 43  ILE A C   1 
ATOM   282 O O   . ILE A 1 36  ? -2.389  13.454  -1.154  1.00 30.15 ? 43  ILE A O   1 
ATOM   283 C CB  . ILE A 1 36  ? -2.338  11.891  -3.716  1.00 31.42 ? 43  ILE A CB  1 
ATOM   284 C CG1 . ILE A 1 36  ? -2.873  10.811  -4.660  1.00 32.12 ? 43  ILE A CG1 1 
ATOM   285 C CG2 . ILE A 1 36  ? -0.961  12.341  -4.195  1.00 30.73 ? 43  ILE A CG2 1 
ATOM   286 C CD1 . ILE A 1 36  ? -1.921  9.671   -4.893  1.00 30.51 ? 43  ILE A CD1 1 
ATOM   287 N N   . THR A 1 37  ? -0.483  12.283  -0.907  1.00 31.84 ? 44  THR A N   1 
ATOM   288 C CA  . THR A 1 37  ? 0.169   13.296  -0.092  1.00 30.75 ? 44  THR A CA  1 
ATOM   289 C C   . THR A 1 37  ? 1.242   13.852  -1.006  1.00 29.85 ? 44  THR A C   1 
ATOM   290 O O   . THR A 1 37  ? 2.138   13.126  -1.448  1.00 29.40 ? 44  THR A O   1 
ATOM   291 C CB  . THR A 1 37  ? 0.805   12.693  1.167   1.00 30.36 ? 44  THR A CB  1 
ATOM   292 O OG1 . THR A 1 37  ? -0.227  12.154  1.999   1.00 28.03 ? 44  THR A OG1 1 
ATOM   293 C CG2 . THR A 1 37  ? 1.579   13.766  1.938   1.00 32.51 ? 44  THR A CG2 1 
ATOM   294 N N   . GLY A 1 38  ? 1.135   15.140  -1.302  1.00 31.03 ? 45  GLY A N   1 
ATOM   295 C CA  . GLY A 1 38  ? 2.077   15.766  -2.204  1.00 31.59 ? 45  GLY A CA  1 
ATOM   296 C C   . GLY A 1 38  ? 1.465   15.631  -3.584  1.00 33.95 ? 45  GLY A C   1 
ATOM   297 O O   . GLY A 1 38  ? 0.245   15.492  -3.706  1.00 34.14 ? 45  GLY A O   1 
ATOM   298 N N   . LYS A 1 39  ? 2.300   15.644  -4.619  1.00 33.84 ? 46  LYS A N   1 
ATOM   299 C CA  . LYS A 1 39  ? 1.804   15.541  -5.985  1.00 34.88 ? 46  LYS A CA  1 
ATOM   300 C C   . LYS A 1 39  ? 2.753   14.846  -6.950  1.00 33.48 ? 46  LYS A C   1 
ATOM   301 O O   . LYS A 1 39  ? 3.957   15.107  -6.962  1.00 35.18 ? 46  LYS A O   1 
ATOM   302 C CB  . LYS A 1 39  ? 1.485   16.937  -6.522  1.00 38.51 ? 46  LYS A CB  1 
ATOM   303 C CG  . LYS A 1 39  ? 1.095   16.965  -7.992  1.00 40.10 ? 46  LYS A CG  1 
ATOM   304 C CD  . LYS A 1 39  ? 1.054   18.393  -8.512  1.00 43.76 ? 46  LYS A CD  1 
ATOM   305 C CE  . LYS A 1 39  ? 0.560   18.465  -9.948  1.00 44.75 ? 46  LYS A CE  1 
ATOM   306 N NZ  . LYS A 1 39  ? 0.534   19.867  -10.466 1.00 44.53 ? 46  LYS A NZ  1 
ATOM   307 N N   . PHE A 1 40  ? 2.197   13.953  -7.756  1.00 31.49 ? 47  PHE A N   1 
ATOM   308 C CA  . PHE A 1 40  ? 2.960   13.233  -8.758  1.00 31.01 ? 47  PHE A CA  1 
ATOM   309 C C   . PHE A 1 40  ? 2.904   14.035  -10.063 1.00 33.09 ? 47  PHE A C   1 
ATOM   310 O O   . PHE A 1 40  ? 1.922   14.733  -10.331 1.00 31.87 ? 47  PHE A O   1 
ATOM   311 C CB  . PHE A 1 40  ? 2.355   11.844  -8.985  1.00 28.75 ? 47  PHE A CB  1 
ATOM   312 C CG  . PHE A 1 40  ? 2.620   10.868  -7.869  1.00 25.81 ? 47  PHE A CG  1 
ATOM   313 C CD1 . PHE A 1 40  ? 3.837   10.202  -7.785  1.00 26.23 ? 47  PHE A CD1 1 
ATOM   314 C CD2 . PHE A 1 40  ? 1.648   10.607  -6.911  1.00 24.81 ? 47  PHE A CD2 1 
ATOM   315 C CE1 . PHE A 1 40  ? 4.090   9.284   -6.752  1.00 26.04 ? 47  PHE A CE1 1 
ATOM   316 C CE2 . PHE A 1 40  ? 1.885   9.695   -5.872  1.00 25.72 ? 47  PHE A CE2 1 
ATOM   317 C CZ  . PHE A 1 40  ? 3.107   9.034   -5.799  1.00 24.16 ? 47  PHE A CZ  1 
ATOM   318 N N   . SER A 1 41  ? 3.963   13.938  -10.861 1.00 34.02 ? 48  SER A N   1 
ATOM   319 C CA  . SER A 1 41  ? 4.030   14.636  -12.139 1.00 35.17 ? 48  SER A CA  1 
ATOM   320 C C   . SER A 1 41  ? 3.032   13.976  -13.081 1.00 36.16 ? 48  SER A C   1 
ATOM   321 O O   . SER A 1 41  ? 2.579   12.861  -12.825 1.00 34.74 ? 48  SER A O   1 
ATOM   322 C CB  . SER A 1 41  ? 5.432   14.523  -12.741 1.00 34.77 ? 48  SER A CB  1 
ATOM   323 O OG  . SER A 1 41  ? 5.701   13.186  -13.144 1.00 32.24 ? 48  SER A OG  1 
ATOM   324 N N   . ASP A 1 42  ? 2.690   14.660  -14.169 1.00 36.62 ? 49  ASP A N   1 
ATOM   325 C CA  . ASP A 1 42  ? 1.742   14.108  -15.131 1.00 37.23 ? 49  ASP A CA  1 
ATOM   326 C C   . ASP A 1 42  ? 2.259   12.799  -15.694 1.00 37.18 ? 49  ASP A C   1 
ATOM   327 O O   . ASP A 1 42  ? 1.482   11.913  -16.058 1.00 35.38 ? 49  ASP A O   1 
ATOM   328 C CB  . ASP A 1 42  ? 1.508   15.076  -16.287 1.00 39.40 ? 49  ASP A CB  1 
ATOM   329 C CG  . ASP A 1 42  ? 0.868   16.362  -15.841 1.00 39.93 ? 49  ASP A CG  1 
ATOM   330 O OD1 . ASP A 1 42  ? 0.176   16.349  -14.797 1.00 39.99 ? 49  ASP A OD1 1 
ATOM   331 O OD2 . ASP A 1 42  ? 1.040   17.377  -16.549 1.00 41.03 ? 49  ASP A OD2 1 
ATOM   332 N N   . ALA A 1 43  ? 3.583   12.691  -15.776 1.00 36.13 ? 50  ALA A N   1 
ATOM   333 C CA  . ALA A 1 43  ? 4.225   11.492  -16.301 1.00 36.16 ? 50  ALA A CA  1 
ATOM   334 C C   . ALA A 1 43  ? 4.088   10.324  -15.327 1.00 35.36 ? 50  ALA A C   1 
ATOM   335 O O   . ALA A 1 43  ? 3.754   9.204   -15.729 1.00 36.15 ? 50  ALA A O   1 
ATOM   336 C CB  . ALA A 1 43  ? 5.707   11.776  -16.591 1.00 35.57 ? 50  ALA A CB  1 
ATOM   337 N N   . GLU A 1 44  ? 4.339   10.586  -14.048 1.00 32.52 ? 51  GLU A N   1 
ATOM   338 C CA  . GLU A 1 44  ? 4.244   9.551   -13.022 1.00 31.89 ? 51  GLU A CA  1 
ATOM   339 C C   . GLU A 1 44  ? 2.833   9.005   -12.813 1.00 30.00 ? 51  GLU A C   1 
ATOM   340 O O   . GLU A 1 44  ? 2.675   7.835   -12.480 1.00 30.61 ? 51  GLU A O   1 
ATOM   341 C CB  . GLU A 1 44  ? 4.768   10.079  -11.680 1.00 32.42 ? 51  GLU A CB  1 
ATOM   342 C CG  . GLU A 1 44  ? 6.193   10.609  -11.710 1.00 35.53 ? 51  GLU A CG  1 
ATOM   343 C CD  . GLU A 1 44  ? 6.648   11.161  -10.361 1.00 37.59 ? 51  GLU A CD  1 
ATOM   344 O OE1 . GLU A 1 44  ? 5.936   12.016  -9.777  1.00 34.77 ? 51  GLU A OE1 1 
ATOM   345 O OE2 . GLU A 1 44  ? 7.734   10.755  -9.890  1.00 41.67 ? 51  GLU A OE2 1 
ATOM   346 N N   . CYS A 1 45  ? 1.810   9.840   -12.995 1.00 28.36 ? 52  CYS A N   1 
ATOM   347 C CA  . CYS A 1 45  ? 0.436   9.384   -12.780 1.00 29.09 ? 52  CYS A CA  1 
ATOM   348 C C   . CYS A 1 45  ? 0.032   8.129   -13.549 1.00 27.83 ? 52  CYS A C   1 
ATOM   349 O O   . CYS A 1 45  ? -0.374  7.146   -12.941 1.00 27.11 ? 52  CYS A O   1 
ATOM   350 C CB  . CYS A 1 45  ? -0.570  10.509  -13.061 1.00 28.13 ? 52  CYS A CB  1 
ATOM   351 S SG  . CYS A 1 45  ? -0.750  11.716  -11.733 1.00 28.41 ? 52  CYS A SG  1 
ATOM   352 N N   . PRO A 1 46  ? 0.118   8.141   -14.890 1.00 29.23 ? 53  PRO A N   1 
ATOM   353 C CA  . PRO A 1 46  ? -0.284  6.905   -15.565 1.00 29.89 ? 53  PRO A CA  1 
ATOM   354 C C   . PRO A 1 46  ? 0.627   5.737   -15.170 1.00 30.78 ? 53  PRO A C   1 
ATOM   355 O O   . PRO A 1 46  ? 0.183   4.589   -15.088 1.00 29.93 ? 53  PRO A O   1 
ATOM   356 C CB  . PRO A 1 46  ? -0.200  7.278   -17.045 1.00 30.41 ? 53  PRO A CB  1 
ATOM   357 C CG  . PRO A 1 46  ? 0.854   8.336   -17.077 1.00 31.24 ? 53  PRO A CG  1 
ATOM   358 C CD  . PRO A 1 46  ? 0.519   9.171   -15.864 1.00 29.51 ? 53  PRO A CD  1 
ATOM   359 N N   . LYS A 1 47  ? 1.897   6.042   -14.907 1.00 31.37 ? 54  LYS A N   1 
ATOM   360 C CA  . LYS A 1 47  ? 2.876   5.027   -14.511 1.00 31.86 ? 54  LYS A CA  1 
ATOM   361 C C   . LYS A 1 47  ? 2.506   4.393   -13.182 1.00 31.22 ? 54  LYS A C   1 
ATOM   362 O O   . LYS A 1 47  ? 2.589   3.178   -13.021 1.00 32.07 ? 54  LYS A O   1 
ATOM   363 C CB  . LYS A 1 47  ? 4.266   5.644   -14.389 1.00 32.53 ? 54  LYS A CB  1 
ATOM   364 C CG  . LYS A 1 47  ? 4.955   5.927   -15.697 1.00 34.55 ? 54  LYS A CG  1 
ATOM   365 C CD  . LYS A 1 47  ? 6.339   6.502   -15.448 1.00 35.66 ? 54  LYS A CD  1 
ATOM   366 C CE  . LYS A 1 47  ? 7.019   6.895   -16.752 1.00 35.16 ? 54  LYS A CE  1 
ATOM   367 N NZ  . LYS A 1 47  ? 6.211   7.918   -17.475 1.00 38.84 ? 54  LYS A NZ  1 
ATOM   368 N N   . LEU A 1 48  ? 2.116   5.231   -12.226 1.00 30.72 ? 55  LEU A N   1 
ATOM   369 C CA  . LEU A 1 48  ? 1.720   4.751   -10.909 1.00 30.79 ? 55  LEU A CA  1 
ATOM   370 C C   . LEU A 1 48  ? 0.461   3.890   -10.994 1.00 28.20 ? 55  LEU A C   1 
ATOM   371 O O   . LEU A 1 48  ? 0.317   2.919   -10.246 1.00 28.46 ? 55  LEU A O   1 
ATOM   372 C CB  . LEU A 1 48  ? 1.485   5.930   -9.953  1.00 32.05 ? 55  LEU A CB  1 
ATOM   373 C CG  . LEU A 1 48  ? 1.017   5.548   -8.541  1.00 34.05 ? 55  LEU A CG  1 
ATOM   374 C CD1 . LEU A 1 48  ? 1.939   4.480   -7.970  1.00 36.88 ? 55  LEU A CD1 1 
ATOM   375 C CD2 . LEU A 1 48  ? 1.002   6.772   -7.635  1.00 34.85 ? 55  LEU A CD2 1 
ATOM   376 N N   . ASP A 1 49  ? -0.453  4.241   -11.894 1.00 26.57 ? 56  ASP A N   1 
ATOM   377 C CA  . ASP A 1 49  ? -1.687  3.457   -12.047 1.00 28.50 ? 56  ASP A CA  1 
ATOM   378 C C   . ASP A 1 49  ? -1.382  2.057   -12.551 1.00 27.96 ? 56  ASP A C   1 
ATOM   379 O O   . ASP A 1 49  ? -2.108  1.116   -12.250 1.00 28.66 ? 56  ASP A O   1 
ATOM   380 C CB  . ASP A 1 49  ? -2.663  4.111   -13.029 1.00 27.76 ? 56  ASP A CB  1 
ATOM   381 C CG  . ASP A 1 49  ? -3.112  5.476   -12.583 1.00 27.46 ? 56  ASP A CG  1 
ATOM   382 O OD1 . ASP A 1 49  ? -3.313  5.683   -11.368 1.00 25.92 ? 56  ASP A OD1 1 
ATOM   383 O OD2 . ASP A 1 49  ? -3.291  6.341   -13.459 1.00 30.30 ? 56  ASP A OD2 1 
ATOM   384 N N   . VAL A 1 50  ? -0.314  1.927   -13.330 1.00 30.44 ? 57  VAL A N   1 
ATOM   385 C CA  . VAL A 1 50  ? 0.065   0.628   -13.867 1.00 32.03 ? 57  VAL A CA  1 
ATOM   386 C C   . VAL A 1 50  ? 0.758   -0.227  -12.807 1.00 32.40 ? 57  VAL A C   1 
ATOM   387 O O   . VAL A 1 50  ? 0.567   -1.439  -12.768 1.00 35.81 ? 57  VAL A O   1 
ATOM   388 C CB  . VAL A 1 50  ? 1.006   0.773   -15.100 1.00 33.29 ? 57  VAL A CB  1 
ATOM   389 C CG1 . VAL A 1 50  ? 1.517   -0.595  -15.536 1.00 33.70 ? 57  VAL A CG1 1 
ATOM   390 C CG2 . VAL A 1 50  ? 0.254   1.435   -16.255 1.00 34.37 ? 57  VAL A CG2 1 
ATOM   391 N N   . VAL A 1 51  ? 1.547   0.400   -11.937 1.00 32.81 ? 58  VAL A N   1 
ATOM   392 C CA  . VAL A 1 51  ? 2.273   -0.341  -10.902 1.00 32.57 ? 58  VAL A CA  1 
ATOM   393 C C   . VAL A 1 51  ? 1.468   -0.699  -9.653  1.00 32.57 ? 58  VAL A C   1 
ATOM   394 O O   . VAL A 1 51  ? 1.830   -1.631  -8.926  1.00 34.18 ? 58  VAL A O   1 
ATOM   395 C CB  . VAL A 1 51  ? 3.529   0.426   -10.437 1.00 32.42 ? 58  VAL A CB  1 
ATOM   396 C CG1 . VAL A 1 51  ? 4.477   0.635   -11.611 1.00 30.66 ? 58  VAL A CG1 1 
ATOM   397 C CG2 . VAL A 1 51  ? 3.134   1.754   -9.826  1.00 32.14 ? 58  VAL A CG2 1 
ATOM   398 N N   . PHE A 1 52  ? 0.387   0.031   -9.400  1.00 31.36 ? 59  PHE A N   1 
ATOM   399 C CA  . PHE A 1 52  ? -0.431  -0.217  -8.222  1.00 30.62 ? 59  PHE A CA  1 
ATOM   400 C C   . PHE A 1 52  ? -0.969  -1.651  -8.148  1.00 31.17 ? 59  PHE A C   1 
ATOM   401 O O   . PHE A 1 52  ? -0.785  -2.344  -7.138  1.00 31.16 ? 59  PHE A O   1 
ATOM   402 C CB  . PHE A 1 52  ? -1.600  0.777   -8.160  1.00 28.89 ? 59  PHE A CB  1 
ATOM   403 C CG  . PHE A 1 52  ? -2.378  0.707   -6.876  1.00 27.81 ? 59  PHE A CG  1 
ATOM   404 C CD1 . PHE A 1 52  ? -1.858  1.258   -5.702  1.00 27.61 ? 59  PHE A CD1 1 
ATOM   405 C CD2 . PHE A 1 52  ? -3.609  0.046   -6.827  1.00 27.04 ? 59  PHE A CD2 1 
ATOM   406 C CE1 . PHE A 1 52  ? -2.549  1.151   -4.491  1.00 27.30 ? 59  PHE A CE1 1 
ATOM   407 C CE2 . PHE A 1 52  ? -4.311  -0.069  -5.624  1.00 26.73 ? 59  PHE A CE2 1 
ATOM   408 C CZ  . PHE A 1 52  ? -3.781  0.486   -4.449  1.00 27.71 ? 59  PHE A CZ  1 
ATOM   409 N N   . PRO A 1 53  ? -1.644  -2.118  -9.214  1.00 31.45 ? 60  PRO A N   1 
ATOM   410 C CA  . PRO A 1 53  ? -2.180  -3.481  -9.202  1.00 31.43 ? 60  PRO A CA  1 
ATOM   411 C C   . PRO A 1 53  ? -1.085  -4.537  -9.045  1.00 31.22 ? 60  PRO A C   1 
ATOM   412 O O   . PRO A 1 53  ? -1.340  -5.649  -8.583  1.00 30.70 ? 60  PRO A O   1 
ATOM   413 C CB  . PRO A 1 53  ? -2.902  -3.582  -10.546 1.00 31.92 ? 60  PRO A CB  1 
ATOM   414 C CG  . PRO A 1 53  ? -2.118  -2.664  -11.425 1.00 32.68 ? 60  PRO A CG  1 
ATOM   415 C CD  . PRO A 1 53  ? -1.897  -1.472  -10.515 1.00 32.75 ? 60  PRO A CD  1 
ATOM   416 N N   . HIS A 1 54  ? 0.137   -4.196  -9.432  1.00 31.45 ? 61  HIS A N   1 
ATOM   417 C CA  . HIS A 1 54  ? 1.222   -5.153  -9.306  1.00 32.26 ? 61  HIS A CA  1 
ATOM   418 C C   . HIS A 1 54  ? 1.624   -5.267  -7.844  1.00 30.57 ? 61  HIS A C   1 
ATOM   419 O O   . HIS A 1 54  ? 1.958   -6.355  -7.365  1.00 30.68 ? 61  HIS A O   1 
ATOM   420 C CB  . HIS A 1 54  ? 2.411   -4.734  -10.168 1.00 34.63 ? 61  HIS A CB  1 
ATOM   421 C CG  . HIS A 1 54  ? 3.468   -5.789  -10.279 1.00 38.03 ? 61  HIS A CG  1 
ATOM   422 N ND1 . HIS A 1 54  ? 4.538   -5.869  -9.416  1.00 38.44 ? 61  HIS A ND1 1 
ATOM   423 C CD2 . HIS A 1 54  ? 3.584   -6.845  -11.121 1.00 39.06 ? 61  HIS A CD2 1 
ATOM   424 C CE1 . HIS A 1 54  ? 5.267   -6.930  -9.717  1.00 37.73 ? 61  HIS A CE1 1 
ATOM   425 N NE2 . HIS A 1 54  ? 4.709   -7.539  -10.746 1.00 38.70 ? 61  HIS A NE2 1 
ATOM   426 N N   . PHE A 1 55  ? 1.608   -4.147  -7.127  1.00 28.89 ? 62  PHE A N   1 
ATOM   427 C CA  . PHE A 1 55  ? 1.945   -4.193  -5.708  1.00 26.89 ? 62  PHE A CA  1 
ATOM   428 C C   . PHE A 1 55  ? 0.879   -4.988  -4.962  1.00 25.43 ? 62  PHE A C   1 
ATOM   429 O O   . PHE A 1 55  ? 1.196   -5.791  -4.085  1.00 25.07 ? 62  PHE A O   1 
ATOM   430 C CB  . PHE A 1 55  ? 2.061   -2.782  -5.116  1.00 24.94 ? 62  PHE A CB  1 
ATOM   431 C CG  . PHE A 1 55  ? 3.372   -2.120  -5.414  1.00 25.48 ? 62  PHE A CG  1 
ATOM   432 C CD1 . PHE A 1 55  ? 4.574   -2.781  -5.146  1.00 25.61 ? 62  PHE A CD1 1 
ATOM   433 C CD2 . PHE A 1 55  ? 3.412   -0.853  -5.987  1.00 24.73 ? 62  PHE A CD2 1 
ATOM   434 C CE1 . PHE A 1 55  ? 5.799   -2.188  -5.451  1.00 24.31 ? 62  PHE A CE1 1 
ATOM   435 C CE2 . PHE A 1 55  ? 4.626   -0.248  -6.296  1.00 23.15 ? 62  PHE A CE2 1 
ATOM   436 C CZ  . PHE A 1 55  ? 5.827   -0.917  -6.030  1.00 25.17 ? 62  PHE A CZ  1 
ATOM   437 N N   . ILE A 1 56  ? -0.383  -4.780  -5.318  1.00 25.36 ? 63  ILE A N   1 
ATOM   438 C CA  . ILE A 1 56  ? -1.453  -5.510  -4.645  1.00 27.06 ? 63  ILE A CA  1 
ATOM   439 C C   . ILE A 1 56  ? -1.248  -7.024  -4.761  1.00 27.73 ? 63  ILE A C   1 
ATOM   440 O O   . ILE A 1 56  ? -1.302  -7.738  -3.761  1.00 26.90 ? 63  ILE A O   1 
ATOM   441 C CB  . ILE A 1 56  ? -2.837  -5.134  -5.202  1.00 27.09 ? 63  ILE A CB  1 
ATOM   442 C CG1 . ILE A 1 56  ? -3.105  -3.642  -4.966  1.00 28.61 ? 63  ILE A CG1 1 
ATOM   443 C CG2 . ILE A 1 56  ? -3.926  -5.929  -4.484  1.00 28.58 ? 63  ILE A CG2 1 
ATOM   444 C CD1 . ILE A 1 56  ? -3.183  -3.261  -3.502  1.00 30.25 ? 63  ILE A CD1 1 
ATOM   445 N N   . SER A 1 57  ? -1.018  -7.511  -5.979  1.00 27.81 ? 64  SER A N   1 
ATOM   446 C CA  . SER A 1 57  ? -0.794  -8.940  -6.187  1.00 28.42 ? 64  SER A CA  1 
ATOM   447 C C   . SER A 1 57  ? 0.436   -9.411  -5.402  1.00 28.13 ? 64  SER A C   1 
ATOM   448 O O   . SER A 1 57  ? 0.421   -10.488 -4.800  1.00 29.32 ? 64  SER A O   1 
ATOM   449 C CB  . SER A 1 57  ? -0.598  -9.250  -7.675  1.00 28.85 ? 64  SER A CB  1 
ATOM   450 O OG  . SER A 1 57  ? 0.524   -8.538  -8.174  1.00 34.19 ? 64  SER A OG  1 
ATOM   451 N N   . GLN A 1 58  ? 1.499   -8.613  -5.408  1.00 26.39 ? 65  GLN A N   1 
ATOM   452 C CA  . GLN A 1 58  ? 2.701   -8.983  -4.673  1.00 27.07 ? 65  GLN A CA  1 
ATOM   453 C C   . GLN A 1 58  ? 2.344   -9.179  -3.206  1.00 24.90 ? 65  GLN A C   1 
ATOM   454 O O   . GLN A 1 58  ? 2.748   -10.152 -2.581  1.00 24.04 ? 65  GLN A O   1 
ATOM   455 C CB  . GLN A 1 58  ? 3.777   -7.900  -4.785  1.00 29.12 ? 65  GLN A CB  1 
ATOM   456 C CG  . GLN A 1 58  ? 4.451   -7.790  -6.153  1.00 33.31 ? 65  GLN A CG  1 
ATOM   457 C CD  . GLN A 1 58  ? 5.755   -6.988  -6.098  1.00 35.80 ? 65  GLN A CD  1 
ATOM   458 O OE1 . GLN A 1 58  ? 6.244   -6.487  -7.114  1.00 40.91 ? 65  GLN A OE1 1 
ATOM   459 N NE2 . GLN A 1 58  ? 6.325   -6.872  -4.903  1.00 35.59 ? 65  GLN A NE2 1 
ATOM   460 N N   . ILE A 1 59  ? 1.566   -8.245  -2.673  1.00 24.45 ? 66  ILE A N   1 
ATOM   461 C CA  . ILE A 1 59  ? 1.131   -8.279  -1.284  1.00 22.32 ? 66  ILE A CA  1 
ATOM   462 C C   . ILE A 1 59  ? 0.191   -9.447  -0.976  1.00 23.62 ? 66  ILE A C   1 
ATOM   463 O O   . ILE A 1 59  ? 0.287   -10.063 0.092   1.00 21.88 ? 66  ILE A O   1 
ATOM   464 C CB  . ILE A 1 59  ? 0.444   -6.945  -0.906  1.00 23.04 ? 66  ILE A CB  1 
ATOM   465 C CG1 . ILE A 1 59  ? 1.501   -5.831  -0.860  1.00 21.40 ? 66  ILE A CG1 1 
ATOM   466 C CG2 . ILE A 1 59  ? -0.281  -7.071  0.435   1.00 19.06 ? 66  ILE A CG2 1 
ATOM   467 C CD1 . ILE A 1 59  ? 0.933   -4.439  -0.588  1.00 18.85 ? 66  ILE A CD1 1 
ATOM   468 N N   . GLU A 1 60  ? -0.723  -9.747  -1.893  1.00 22.68 ? 67  GLU A N   1 
ATOM   469 C CA  . GLU A 1 60  ? -1.640  -10.870 -1.677  1.00 24.36 ? 67  GLU A CA  1 
ATOM   470 C C   . GLU A 1 60  ? -0.807  -12.144 -1.642  1.00 24.59 ? 67  GLU A C   1 
ATOM   471 O O   . GLU A 1 60  ? -1.077  -13.058 -0.866  1.00 22.31 ? 67  GLU A O   1 
ATOM   472 C CB  . GLU A 1 60  ? -2.661  -10.953 -2.812  1.00 26.26 ? 67  GLU A CB  1 
ATOM   473 C CG  . GLU A 1 60  ? -3.462  -9.686  -2.984  1.00 30.60 ? 67  GLU A CG  1 
ATOM   474 C CD  . GLU A 1 60  ? -4.536  -9.809  -4.041  1.00 32.29 ? 67  GLU A CD  1 
ATOM   475 O OE1 . GLU A 1 60  ? -4.201  -10.152 -5.197  1.00 33.09 ? 67  GLU A OE1 1 
ATOM   476 O OE2 . GLU A 1 60  ? -5.712  -9.552  -3.714  1.00 34.70 ? 67  GLU A OE2 1 
ATOM   477 N N   . SER A 1 61  ? 0.209   -12.193 -2.498  1.00 23.52 ? 68  SER A N   1 
ATOM   478 C CA  . SER A 1 61  ? 1.091   -13.341 -2.559  1.00 26.36 ? 68  SER A CA  1 
ATOM   479 C C   . SER A 1 61  ? 1.869   -13.486 -1.231  1.00 26.58 ? 68  SER A C   1 
ATOM   480 O O   . SER A 1 61  ? 2.119   -14.598 -0.769  1.00 25.84 ? 68  SER A O   1 
ATOM   481 C CB  . SER A 1 61  ? 2.027   -13.175 -3.770  1.00 27.97 ? 68  SER A CB  1 
ATOM   482 O OG  . SER A 1 61  ? 3.068   -14.132 -3.797  1.00 33.29 ? 68  SER A OG  1 
ATOM   483 N N   . MET A 1 62  ? 2.219   -12.366 -0.598  1.00 27.48 ? 69  MET A N   1 
ATOM   484 C CA  . MET A 1 62  ? 2.951   -12.414 0.665   1.00 24.83 ? 69  MET A CA  1 
ATOM   485 C C   . MET A 1 62  ? 2.083   -12.852 1.858   1.00 25.63 ? 69  MET A C   1 
ATOM   486 O O   . MET A 1 62  ? 2.593   -13.356 2.866   1.00 24.44 ? 69  MET A O   1 
ATOM   487 C CB  . MET A 1 62  ? 3.601   -11.058 0.935   1.00 24.67 ? 69  MET A CB  1 
ATOM   488 C CG  . MET A 1 62  ? 4.766   -10.773 0.024   1.00 25.35 ? 69  MET A CG  1 
ATOM   489 S SD  . MET A 1 62  ? 5.375   -9.113  0.409   1.00 21.23 ? 69  MET A SD  1 
ATOM   490 C CE  . MET A 1 62  ? 6.488   -9.494  1.679   1.00 23.80 ? 69  MET A CE  1 
ATOM   491 N N   . LEU A 1 63  ? 0.775   -12.660 1.742   1.00 24.43 ? 70  LEU A N   1 
ATOM   492 C CA  . LEU A 1 63  ? -0.158  -13.082 2.783   1.00 27.32 ? 70  LEU A CA  1 
ATOM   493 C C   . LEU A 1 63  ? -0.357  -14.597 2.688   1.00 27.76 ? 70  LEU A C   1 
ATOM   494 O O   . LEU A 1 63  ? -0.600  -15.265 3.685   1.00 28.14 ? 70  LEU A O   1 
ATOM   495 C CB  . LEU A 1 63  ? -1.499  -12.362 2.614   1.00 26.62 ? 70  LEU A CB  1 
ATOM   496 C CG  . LEU A 1 63  ? -1.478  -10.869 2.949   1.00 26.60 ? 70  LEU A CG  1 
ATOM   497 C CD1 . LEU A 1 63  ? -2.644  -10.177 2.259   1.00 30.59 ? 70  LEU A CD1 1 
ATOM   498 C CD2 . LEU A 1 63  ? -1.553  -10.663 4.457   1.00 22.94 ? 70  LEU A CD2 1 
ATOM   499 N N   . THR A 1 64  ? -0.253  -15.132 1.479   1.00 29.54 ? 71  THR A N   1 
ATOM   500 C CA  . THR A 1 64  ? -0.410  -16.565 1.283   1.00 29.29 ? 71  THR A CA  1 
ATOM   501 C C   . THR A 1 64  ? 0.800   -17.301 1.846   1.00 29.48 ? 71  THR A C   1 
ATOM   502 O O   . THR A 1 64  ? 0.653   -18.296 2.559   1.00 28.71 ? 71  THR A O   1 
ATOM   503 C CB  . THR A 1 64  ? -0.555  -16.919 -0.209  1.00 27.85 ? 71  THR A CB  1 
ATOM   504 O OG1 . THR A 1 64  ? -1.702  -16.253 -0.736  1.00 28.42 ? 71  THR A OG1 1 
ATOM   505 C CG2 . THR A 1 64  ? -0.726  -18.419 -0.390  1.00 29.02 ? 71  THR A CG2 1 
ATOM   506 N N   . THR A 1 65  ? 1.996   -16.807 1.530   1.00 29.41 ? 72  THR A N   1 
ATOM   507 C CA  . THR A 1 65  ? 3.222   -17.438 2.009   1.00 29.77 ? 72  THR A CA  1 
ATOM   508 C C   . THR A 1 65  ? 3.393   -17.241 3.513   1.00 30.35 ? 72  THR A C   1 
ATOM   509 O O   . THR A 1 65  ? 4.063   -18.028 4.181   1.00 30.74 ? 72  THR A O   1 
ATOM   510 C CB  . THR A 1 65  ? 4.481   -16.894 1.273   1.00 29.81 ? 72  THR A CB  1 
ATOM   511 O OG1 . THR A 1 65  ? 4.658   -15.511 1.575   1.00 28.46 ? 72  THR A OG1 1 
ATOM   512 C CG2 . THR A 1 65  ? 4.343   -17.063 -0.229  1.00 27.87 ? 72  THR A CG2 1 
ATOM   513 N N   . GLY A 1 66  ? 2.772   -16.196 4.047   1.00 30.07 ? 73  GLY A N   1 
ATOM   514 C CA  . GLY A 1 66  ? 2.882   -15.933 5.471   1.00 30.88 ? 73  GLY A CA  1 
ATOM   515 C C   . GLY A 1 66  ? 3.838   -14.794 5.756   1.00 31.66 ? 73  GLY A C   1 
ATOM   516 O O   . GLY A 1 66  ? 3.887   -14.269 6.865   1.00 33.28 ? 73  GLY A O   1 
ATOM   517 N N   . GLU A 1 67  ? 4.601   -14.407 4.743   1.00 33.79 ? 74  GLU A N   1 
ATOM   518 C CA  . GLU A 1 67  ? 5.551   -13.322 4.885   1.00 35.95 ? 74  GLU A CA  1 
ATOM   519 C C   . GLU A 1 67  ? 4.880   -12.119 5.523   1.00 36.39 ? 74  GLU A C   1 
ATOM   520 O O   . GLU A 1 67  ? 5.508   -11.352 6.253   1.00 38.29 ? 74  GLU A O   1 
ATOM   521 C CB  . GLU A 1 67  ? 6.107   -12.941 3.523   1.00 36.88 ? 74  GLU A CB  1 
ATOM   522 C CG  . GLU A 1 67  ? 6.919   -14.035 2.872   1.00 40.39 ? 74  GLU A CG  1 
ATOM   523 C CD  . GLU A 1 67  ? 7.525   -13.585 1.559   1.00 42.45 ? 74  GLU A CD  1 
ATOM   524 O OE1 . GLU A 1 67  ? 7.075   -14.070 0.495   1.00 42.57 ? 74  GLU A OE1 1 
ATOM   525 O OE2 . GLU A 1 67  ? 8.446   -12.738 1.605   1.00 41.12 ? 74  GLU A OE2 1 
ATOM   526 N N   . LEU A 1 68  ? 3.598   -11.954 5.223   1.00 35.95 ? 75  LEU A N   1 
ATOM   527 C CA  . LEU A 1 68  ? 2.794   -10.871 5.771   1.00 34.14 ? 75  LEU A CA  1 
ATOM   528 C C   . LEU A 1 68  ? 1.759   -11.557 6.659   1.00 34.04 ? 75  LEU A C   1 
ATOM   529 O O   . LEU A 1 68  ? 1.043   -12.446 6.203   1.00 32.48 ? 75  LEU A O   1 
ATOM   530 C CB  . LEU A 1 68  ? 2.093   -10.115 4.645   1.00 36.27 ? 75  LEU A CB  1 
ATOM   531 C CG  . LEU A 1 68  ? 2.254   -8.601  4.628   1.00 36.38 ? 75  LEU A CG  1 
ATOM   532 C CD1 . LEU A 1 68  ? 3.722   -8.254  4.590   1.00 36.29 ? 75  LEU A CD1 1 
ATOM   533 C CD2 . LEU A 1 68  ? 1.527   -8.022  3.423   1.00 37.19 ? 75  LEU A CD2 1 
ATOM   534 N N   . ASN A 1 69  ? 1.678   -11.144 7.920   1.00 32.75 ? 76  ASN A N   1 
ATOM   535 C CA  . ASN A 1 69  ? 0.752   -11.763 8.855   1.00 32.14 ? 76  ASN A CA  1 
ATOM   536 C C   . ASN A 1 69  ? -0.285  -10.798 9.425   1.00 31.76 ? 76  ASN A C   1 
ATOM   537 O O   . ASN A 1 69  ? 0.062   -9.834  10.107  1.00 30.65 ? 76  ASN A O   1 
ATOM   538 C CB  . ASN A 1 69  ? 1.534   -12.396 10.006  1.00 34.15 ? 76  ASN A CB  1 
ATOM   539 C CG  . ASN A 1 69  ? 0.707   -13.380 10.791  1.00 34.15 ? 76  ASN A CG  1 
ATOM   540 O OD1 . ASN A 1 69  ? 0.843   -14.587 10.623  1.00 35.36 ? 76  ASN A OD1 1 
ATOM   541 N ND2 . ASN A 1 69  ? -0.168  -12.870 11.643  1.00 34.32 ? 76  ASN A ND2 1 
ATOM   542 N N   . PRO A 1 70  ? -1.581  -11.057 9.162   1.00 31.20 ? 77  PRO A N   1 
ATOM   543 C CA  . PRO A 1 70  ? -2.690  -10.224 9.643   1.00 31.10 ? 77  PRO A CA  1 
ATOM   544 C C   . PRO A 1 70  ? -2.752  -10.086 11.165  1.00 32.60 ? 77  PRO A C   1 
ATOM   545 O O   . PRO A 1 70  ? -3.390  -9.172  11.684  1.00 32.29 ? 77  PRO A O   1 
ATOM   546 C CB  . PRO A 1 70  ? -3.925  -10.947 9.110   1.00 29.00 ? 77  PRO A CB  1 
ATOM   547 C CG  . PRO A 1 70  ? -3.420  -11.662 7.912   1.00 30.11 ? 77  PRO A CG  1 
ATOM   548 C CD  . PRO A 1 70  ? -2.090  -12.176 8.352   1.00 29.64 ? 77  PRO A CD  1 
ATOM   549 N N   . ARG A 1 71  ? -2.092  -10.997 11.874  1.00 34.06 ? 78  ARG A N   1 
ATOM   550 C CA  . ARG A 1 71  ? -2.113  -10.980 13.331  1.00 36.23 ? 78  ARG A CA  1 
ATOM   551 C C   . ARG A 1 71  ? -0.915  -10.279 13.963  1.00 37.19 ? 78  ARG A C   1 
ATOM   552 O O   . ARG A 1 71  ? -0.943  -9.942  15.146  1.00 37.66 ? 78  ARG A O   1 
ATOM   553 C CB  . ARG A 1 71  ? -2.213  -12.414 13.879  1.00 37.92 ? 78  ARG A CB  1 
ATOM   554 C CG  . ARG A 1 71  ? -3.166  -13.328 13.119  1.00 40.32 ? 78  ARG A CG  1 
ATOM   555 C CD  . ARG A 1 71  ? -3.547  -14.575 13.936  1.00 43.95 ? 78  ARG A CD  1 
ATOM   556 N NE  . ARG A 1 71  ? -2.397  -15.297 14.482  1.00 47.40 ? 78  ARG A NE  1 
ATOM   557 C CZ  . ARG A 1 71  ? -2.486  -16.437 15.168  1.00 50.29 ? 78  ARG A CZ  1 
ATOM   558 N NH1 . ARG A 1 71  ? -3.675  -16.990 15.391  1.00 50.76 ? 78  ARG A NH1 1 
ATOM   559 N NH2 . ARG A 1 71  ? -1.390  -17.026 15.634  1.00 50.07 ? 78  ARG A NH2 1 
ATOM   560 N N   . HIS A 1 72  ? 0.137   -10.059 13.184  1.00 37.59 ? 79  HIS A N   1 
ATOM   561 C CA  . HIS A 1 72  ? 1.336   -9.399  13.703  1.00 37.81 ? 79  HIS A CA  1 
ATOM   562 C C   . HIS A 1 72  ? 1.760   -8.226  12.830  1.00 36.85 ? 79  HIS A C   1 
ATOM   563 O O   . HIS A 1 72  ? 1.797   -8.339  11.600  1.00 35.30 ? 79  HIS A O   1 
ATOM   564 C CB  . HIS A 1 72  ? 2.497   -10.396 13.801  1.00 41.42 ? 79  HIS A CB  1 
ATOM   565 C CG  . HIS A 1 72  ? 2.268   -11.500 14.789  1.00 44.75 ? 79  HIS A CG  1 
ATOM   566 N ND1 . HIS A 1 72  ? 1.220   -12.390 14.685  1.00 45.89 ? 79  HIS A ND1 1 
ATOM   567 C CD2 . HIS A 1 72  ? 2.956   -11.857 15.900  1.00 47.38 ? 79  HIS A CD2 1 
ATOM   568 C CE1 . HIS A 1 72  ? 1.272   -13.250 15.689  1.00 47.87 ? 79  HIS A CE1 1 
ATOM   569 N NE2 . HIS A 1 72  ? 2.316   -12.949 16.440  1.00 48.87 ? 79  HIS A NE2 1 
ATOM   570 N N   . ALA A 1 73  ? 2.075   -7.103  13.470  1.00 35.47 ? 80  ALA A N   1 
ATOM   571 C CA  . ALA A 1 73  ? 2.513   -5.910  12.756  1.00 35.39 ? 80  ALA A CA  1 
ATOM   572 C C   . ALA A 1 73  ? 3.936   -6.115  12.258  1.00 35.74 ? 80  ALA A C   1 
ATOM   573 O O   . ALA A 1 73  ? 4.825   -6.477  13.028  1.00 35.58 ? 80  ALA A O   1 
ATOM   574 C CB  . ALA A 1 73  ? 2.454   -4.691  13.680  1.00 36.35 ? 80  ALA A CB  1 
ATOM   575 N N   . GLN A 1 74  ? 4.142   -5.902  10.964  1.00 35.74 ? 81  GLN A N   1 
ATOM   576 C CA  . GLN A 1 74  ? 5.459   -6.045  10.341  1.00 36.68 ? 81  GLN A CA  1 
ATOM   577 C C   . GLN A 1 74  ? 5.449   -5.365  8.975   1.00 36.22 ? 81  GLN A C   1 
ATOM   578 O O   . GLN A 1 74  ? 4.632   -5.691  8.115   1.00 37.61 ? 81  GLN A O   1 
ATOM   579 C CB  . GLN A 1 74  ? 5.832   -7.529  10.200  1.00 39.99 ? 81  GLN A CB  1 
ATOM   580 C CG  . GLN A 1 74  ? 4.634   -8.476  10.070  1.00 43.03 ? 81  GLN A CG  1 
ATOM   581 C CD  . GLN A 1 74  ? 5.039   -9.950  10.050  1.00 45.13 ? 81  GLN A CD  1 
ATOM   582 O OE1 . GLN A 1 74  ? 5.233   -10.537 8.984   1.00 46.69 ? 81  GLN A OE1 1 
ATOM   583 N NE2 . GLN A 1 74  ? 5.175   -10.549 11.235  1.00 44.35 ? 81  GLN A NE2 1 
ATOM   584 N N   . CYS A 1 75  ? 6.357   -4.414  8.787   1.00 34.00 ? 82  CYS A N   1 
ATOM   585 C CA  . CYS A 1 75  ? 6.438   -3.670  7.540   1.00 32.68 ? 82  CYS A CA  1 
ATOM   586 C C   . CYS A 1 75  ? 7.340   -4.367  6.529   1.00 31.73 ? 82  CYS A C   1 
ATOM   587 O O   . CYS A 1 75  ? 8.321   -5.010  6.897   1.00 30.59 ? 82  CYS A O   1 
ATOM   588 C CB  . CYS A 1 75  ? 6.970   -2.259  7.822   1.00 32.23 ? 82  CYS A CB  1 
ATOM   589 S SG  . CYS A 1 75  ? 6.481   -0.973  6.640   1.00 33.37 ? 82  CYS A SG  1 
ATOM   590 N N   . VAL A 1 76  ? 6.970   -4.270  5.255   1.00 30.42 ? 83  VAL A N   1 
ATOM   591 C CA  . VAL A 1 76  ? 7.772   -4.836  4.181   1.00 29.43 ? 83  VAL A CA  1 
ATOM   592 C C   . VAL A 1 76  ? 7.942   -3.753  3.137   1.00 29.35 ? 83  VAL A C   1 
ATOM   593 O O   . VAL A 1 76  ? 7.127   -2.828  3.052   1.00 26.71 ? 83  VAL A O   1 
ATOM   594 C CB  . VAL A 1 76  ? 7.131   -6.087  3.519   1.00 28.75 ? 83  VAL A CB  1 
ATOM   595 C CG1 . VAL A 1 76  ? 6.985   -7.201  4.549   1.00 26.55 ? 83  VAL A CG1 1 
ATOM   596 C CG2 . VAL A 1 76  ? 5.807   -5.733  2.883   1.00 28.36 ? 83  VAL A CG2 1 
ATOM   597 N N   . THR A 1 77  ? 9.021   -3.856  2.372   1.00 29.59 ? 84  THR A N   1 
ATOM   598 C CA  . THR A 1 77  ? 9.328   -2.898  1.321   1.00 29.99 ? 84  THR A CA  1 
ATOM   599 C C   . THR A 1 77  ? 9.350   -3.659  -0.002  1.00 30.57 ? 84  THR A C   1 
ATOM   600 O O   . THR A 1 77  ? 10.023  -4.683  -0.134  1.00 31.02 ? 84  THR A O   1 
ATOM   601 C CB  . THR A 1 77  ? 10.692  -2.227  1.576   1.00 30.56 ? 84  THR A CB  1 
ATOM   602 O OG1 . THR A 1 77  ? 10.706  -1.661  2.897   1.00 28.52 ? 84  THR A OG1 1 
ATOM   603 C CG2 . THR A 1 77  ? 10.934  -1.115  0.560   1.00 30.90 ? 84  THR A CG2 1 
ATOM   604 N N   . LEU A 1 78  ? 8.582   -3.161  -0.965  1.00 30.21 ? 85  LEU A N   1 
ATOM   605 C CA  . LEU A 1 78  ? 8.477   -3.770  -2.281  1.00 32.08 ? 85  LEU A CA  1 
ATOM   606 C C   . LEU A 1 78  ? 8.910   -2.781  -3.374  1.00 32.74 ? 85  LEU A C   1 
ATOM   607 O O   . LEU A 1 78  ? 8.915   -1.565  -3.160  1.00 32.23 ? 85  LEU A O   1 
ATOM   608 C CB  . LEU A 1 78  ? 7.032   -4.221  -2.524  1.00 31.27 ? 85  LEU A CB  1 
ATOM   609 C CG  . LEU A 1 78  ? 6.406   -5.028  -1.386  1.00 31.77 ? 85  LEU A CG  1 
ATOM   610 C CD1 . LEU A 1 78  ? 4.944   -5.269  -1.678  1.00 31.39 ? 85  LEU A CD1 1 
ATOM   611 C CD2 . LEU A 1 78  ? 7.161   -6.346  -1.203  1.00 33.48 ? 85  LEU A CD2 1 
ATOM   612 N N   . TYR A 1 79  ? 9.252   -3.310  -4.546  1.00 34.81 ? 86  TYR A N   1 
ATOM   613 C CA  . TYR A 1 79  ? 9.700   -2.492  -5.668  1.00 35.73 ? 86  TYR A CA  1 
ATOM   614 C C   . TYR A 1 79  ? 9.033   -2.918  -6.975  1.00 38.12 ? 86  TYR A C   1 
ATOM   615 O O   . TYR A 1 79  ? 8.696   -4.093  -7.164  1.00 38.29 ? 86  TYR A O   1 
ATOM   616 C CB  . TYR A 1 79  ? 11.212  -2.628  -5.829  1.00 36.63 ? 86  TYR A CB  1 
ATOM   617 C CG  . TYR A 1 79  ? 12.011  -2.189  -4.621  1.00 34.37 ? 86  TYR A CG  1 
ATOM   618 C CD1 . TYR A 1 79  ? 12.301  -0.847  -4.397  1.00 32.29 ? 86  TYR A CD1 1 
ATOM   619 C CD2 . TYR A 1 79  ? 12.445  -3.119  -3.683  1.00 36.02 ? 86  TYR A CD2 1 
ATOM   620 C CE1 . TYR A 1 79  ? 13.005  -0.442  -3.260  1.00 32.72 ? 86  TYR A CE1 1 
ATOM   621 C CE2 . TYR A 1 79  ? 13.144  -2.728  -2.547  1.00 34.98 ? 86  TYR A CE2 1 
ATOM   622 C CZ  . TYR A 1 79  ? 13.419  -1.387  -2.339  1.00 33.44 ? 86  TYR A CZ  1 
ATOM   623 O OH  . TYR A 1 79  ? 14.083  -0.998  -1.199  1.00 35.12 ? 86  TYR A OH  1 
ATOM   624 N N   . HIS A 1 80  ? 8.852   -1.960  -7.877  1.00 38.10 ? 87  HIS A N   1 
ATOM   625 C CA  . HIS A 1 80  ? 8.264   -2.247  -9.175  1.00 38.82 ? 87  HIS A CA  1 
ATOM   626 C C   . HIS A 1 80  ? 8.286   -1.032  -10.095 1.00 38.89 ? 87  HIS A C   1 
ATOM   627 O O   . HIS A 1 80  ? 7.625   -0.029  -9.830  1.00 39.06 ? 87  HIS A O   1 
ATOM   628 C CB  . HIS A 1 80  ? 6.831   -2.756  -9.019  1.00 40.35 ? 87  HIS A CB  1 
ATOM   629 C CG  . HIS A 1 80  ? 6.239   -3.266  -10.295 1.00 42.72 ? 87  HIS A CG  1 
ATOM   630 N ND1 . HIS A 1 80  ? 6.815   -4.280  -11.029 1.00 44.55 ? 87  HIS A ND1 1 
ATOM   631 C CD2 . HIS A 1 80  ? 5.144   -2.876  -10.991 1.00 44.94 ? 87  HIS A CD2 1 
ATOM   632 C CE1 . HIS A 1 80  ? 6.103   -4.493  -12.123 1.00 44.02 ? 87  HIS A CE1 1 
ATOM   633 N NE2 . HIS A 1 80  ? 5.084   -3.653  -12.124 1.00 44.85 ? 87  HIS A NE2 1 
ATOM   634 N N   . ASN A 1 81  ? 9.066   -1.135  -11.170 1.00 39.18 ? 88  ASN A N   1 
ATOM   635 C CA  . ASN A 1 81  ? 9.201   -0.076  -12.165 1.00 39.44 ? 88  ASN A CA  1 
ATOM   636 C C   . ASN A 1 81  ? 9.528   1.320   -11.631 1.00 38.34 ? 88  ASN A C   1 
ATOM   637 O O   . ASN A 1 81  ? 8.846   2.285   -11.963 1.00 38.83 ? 88  ASN A O   1 
ATOM   638 C CB  . ASN A 1 81  ? 7.926   -0.006  -13.015 1.00 41.23 ? 88  ASN A CB  1 
ATOM   639 C CG  . ASN A 1 81  ? 7.903   -1.046  -14.116 1.00 42.72 ? 88  ASN A CG  1 
ATOM   640 O OD1 . ASN A 1 81  ? 7.935   -2.250  -13.857 1.00 42.91 ? 88  ASN A OD1 1 
ATOM   641 N ND2 . ASN A 1 81  ? 7.854   -0.583  -15.358 1.00 44.64 ? 88  ASN A ND2 1 
ATOM   642 N N   . GLY A 1 82  ? 10.565  1.436   -10.811 1.00 37.53 ? 89  GLY A N   1 
ATOM   643 C CA  . GLY A 1 82  ? 10.933  2.745   -10.300 1.00 34.58 ? 89  GLY A CA  1 
ATOM   644 C C   . GLY A 1 82  ? 10.079  3.249   -9.159  1.00 32.84 ? 89  GLY A C   1 
ATOM   645 O O   . GLY A 1 82  ? 10.152  4.424   -8.786  1.00 31.07 ? 89  GLY A O   1 
ATOM   646 N N   . PHE A 1 83  ? 9.260   2.367   -8.599  1.00 31.08 ? 90  PHE A N   1 
ATOM   647 C CA  . PHE A 1 83  ? 8.393   2.740   -7.479  1.00 30.25 ? 90  PHE A CA  1 
ATOM   648 C C   . PHE A 1 83  ? 8.651   1.840   -6.287  1.00 29.81 ? 90  PHE A C   1 
ATOM   649 O O   . PHE A 1 83  ? 9.031   0.675   -6.435  1.00 29.73 ? 90  PHE A O   1 
ATOM   650 C CB  . PHE A 1 83  ? 6.916   2.619   -7.866  1.00 29.35 ? 90  PHE A CB  1 
ATOM   651 C CG  . PHE A 1 83  ? 6.401   3.784   -8.657  1.00 28.80 ? 90  PHE A CG  1 
ATOM   652 C CD1 . PHE A 1 83  ? 5.952   4.930   -8.009  1.00 27.55 ? 90  PHE A CD1 1 
ATOM   653 C CD2 . PHE A 1 83  ? 6.379   3.744   -10.049 1.00 27.96 ? 90  PHE A CD2 1 
ATOM   654 C CE1 . PHE A 1 83  ? 5.485   6.018   -8.730  1.00 27.89 ? 90  PHE A CE1 1 
ATOM   655 C CE2 . PHE A 1 83  ? 5.914   4.829   -10.784 1.00 28.84 ? 90  PHE A CE2 1 
ATOM   656 C CZ  . PHE A 1 83  ? 5.465   5.970   -10.120 1.00 29.91 ? 90  PHE A CZ  1 
ATOM   657 N N   . THR A 1 84  ? 8.449   2.387   -5.096  1.00 29.91 ? 91  THR A N   1 
ATOM   658 C CA  . THR A 1 84  ? 8.612   1.612   -3.873  1.00 28.42 ? 91  THR A CA  1 
ATOM   659 C C   . THR A 1 84  ? 7.263   1.563   -3.135  1.00 27.74 ? 91  THR A C   1 
ATOM   660 O O   . THR A 1 84  ? 6.455   2.482   -3.260  1.00 26.01 ? 91  THR A O   1 
ATOM   661 C CB  . THR A 1 84  ? 9.692   2.242   -2.938  1.00 29.59 ? 91  THR A CB  1 
ATOM   662 O OG1 . THR A 1 84  ? 10.951  2.311   -3.623  1.00 29.87 ? 91  THR A OG1 1 
ATOM   663 C CG2 . THR A 1 84  ? 9.869   1.402   -1.680  1.00 28.76 ? 91  THR A CG2 1 
ATOM   664 N N   . CYS A 1 85  ? 7.014   0.483   -2.395  1.00 26.91 ? 92  CYS A N   1 
ATOM   665 C CA  . CYS A 1 85  ? 5.780   0.336   -1.629  1.00 25.42 ? 92  CYS A CA  1 
ATOM   666 C C   . CYS A 1 85  ? 6.029   -0.286  -0.263  1.00 26.31 ? 92  CYS A C   1 
ATOM   667 O O   . CYS A 1 85  ? 6.607   -1.380  -0.149  1.00 23.97 ? 92  CYS A O   1 
ATOM   668 C CB  . CYS A 1 85  ? 4.781   -0.548  -2.366  1.00 25.23 ? 92  CYS A CB  1 
ATOM   669 S SG  . CYS A 1 85  ? 3.288   -0.982  -1.410  1.00 21.86 ? 92  CYS A SG  1 
ATOM   670 N N   . GLU A 1 86  ? 5.607   0.427   0.774   1.00 25.84 ? 93  GLU A N   1 
ATOM   671 C CA  . GLU A 1 86  ? 5.714   -0.082  2.136   1.00 26.32 ? 93  GLU A CA  1 
ATOM   672 C C   . GLU A 1 86  ? 4.321   -0.601  2.481   1.00 25.09 ? 93  GLU A C   1 
ATOM   673 O O   . GLU A 1 86  ? 3.328   0.086   2.261   1.00 22.49 ? 93  GLU A O   1 
ATOM   674 C CB  . GLU A 1 86  ? 6.086   1.036   3.107   1.00 29.81 ? 93  GLU A CB  1 
ATOM   675 C CG  . GLU A 1 86  ? 7.542   1.434   3.066   1.00 36.12 ? 93  GLU A CG  1 
ATOM   676 C CD  . GLU A 1 86  ? 7.837   2.627   3.953   1.00 40.28 ? 93  GLU A CD  1 
ATOM   677 O OE1 . GLU A 1 86  ? 7.517   2.579   5.164   1.00 41.55 ? 93  GLU A OE1 1 
ATOM   678 O OE2 . GLU A 1 86  ? 8.387   3.622   3.436   1.00 42.90 ? 93  GLU A OE2 1 
ATOM   679 N N   . ALA A 1 87  ? 4.245   -1.811  3.018   1.00 23.84 ? 94  ALA A N   1 
ATOM   680 C CA  . ALA A 1 87  ? 2.955   -2.382  3.385   1.00 24.81 ? 94  ALA A CA  1 
ATOM   681 C C   . ALA A 1 87  ? 3.036   -3.037  4.760   1.00 25.60 ? 94  ALA A C   1 
ATOM   682 O O   . ALA A 1 87  ? 4.044   -3.661  5.100   1.00 25.80 ? 94  ALA A O   1 
ATOM   683 C CB  . ALA A 1 87  ? 2.510   -3.394  2.341   1.00 21.38 ? 94  ALA A CB  1 
ATOM   684 N N   . ASP A 1 88  ? 1.987   -2.881  5.561   1.00 23.57 ? 95  ASP A N   1 
ATOM   685 C CA  . ASP A 1 88  ? 1.976   -3.459  6.900   1.00 24.38 ? 95  ASP A CA  1 
ATOM   686 C C   . ASP A 1 88  ? 0.543   -3.726  7.348   1.00 23.11 ? 95  ASP A C   1 
ATOM   687 O O   . ASP A 1 88  ? -0.340  -2.888  7.155   1.00 22.28 ? 95  ASP A O   1 
ATOM   688 C CB  . ASP A 1 88  ? 2.643   -2.490  7.880   1.00 23.52 ? 95  ASP A CB  1 
ATOM   689 C CG  . ASP A 1 88  ? 2.996   -3.137  9.197   1.00 25.62 ? 95  ASP A CG  1 
ATOM   690 O OD1 . ASP A 1 88  ? 2.206   -3.981  9.695   1.00 24.38 ? 95  ASP A OD1 1 
ATOM   691 O OD2 . ASP A 1 88  ? 4.075   -2.780  9.745   1.00 25.44 ? 95  ASP A OD2 1 
ATOM   692 N N   . THR A 1 89  ? 0.305   -4.893  7.940   1.00 22.20 ? 96  THR A N   1 
ATOM   693 C CA  . THR A 1 89  ? -1.033  -5.225  8.428   1.00 22.61 ? 96  THR A CA  1 
ATOM   694 C C   . THR A 1 89  ? -1.314  -4.502  9.753   1.00 22.06 ? 96  THR A C   1 
ATOM   695 O O   . THR A 1 89  ? -2.463  -4.211  10.080  1.00 20.85 ? 96  THR A O   1 
ATOM   696 C CB  . THR A 1 89  ? -1.187  -6.749  8.684   1.00 25.09 ? 96  THR A CB  1 
ATOM   697 O OG1 . THR A 1 89  ? -1.054  -7.471  7.453   1.00 29.01 ? 96  THR A OG1 1 
ATOM   698 C CG2 . THR A 1 89  ? -2.547  -7.041  9.281   1.00 30.68 ? 96  THR A CG2 1 
ATOM   699 N N   . LEU A 1 90  ? -0.249  -4.195  10.492  1.00 22.57 ? 97  LEU A N   1 
ATOM   700 C CA  . LEU A 1 90  ? -0.353  -3.571  11.809  1.00 23.06 ? 97  LEU A CA  1 
ATOM   701 C C   . LEU A 1 90  ? -1.172  -4.488  12.714  1.00 23.35 ? 97  LEU A C   1 
ATOM   702 O O   . LEU A 1 90  ? -1.791  -4.036  13.674  1.00 23.54 ? 97  LEU A O   1 
ATOM   703 C CB  . LEU A 1 90  ? -1.010  -2.195  11.738  1.00 23.08 ? 97  LEU A CB  1 
ATOM   704 C CG  . LEU A 1 90  ? -0.253  -1.147  10.914  1.00 24.76 ? 97  LEU A CG  1 
ATOM   705 C CD1 . LEU A 1 90  ? -0.904  0.227   11.117  1.00 25.43 ? 97  LEU A CD1 1 
ATOM   706 C CD2 . LEU A 1 90  ? 1.204   -1.118  11.357  1.00 26.98 ? 97  LEU A CD2 1 
ATOM   707 N N   . GLY A 1 91  ? -1.169  -5.778  12.388  1.00 22.95 ? 98  GLY A N   1 
ATOM   708 C CA  . GLY A 1 91  ? -1.885  -6.768  13.176  1.00 25.02 ? 98  GLY A CA  1 
ATOM   709 C C   . GLY A 1 91  ? -3.351  -6.439  13.362  1.00 26.03 ? 98  GLY A C   1 
ATOM   710 O O   . GLY A 1 91  ? -3.948  -6.789  14.375  1.00 25.57 ? 98  GLY A O   1 
ATOM   711 N N   . SER A 1 92  ? -3.934  -5.775  12.367  1.00 26.57 ? 99  SER A N   1 
ATOM   712 C CA  . SER A 1 92  ? -5.335  -5.376  12.410  1.00 28.02 ? 99  SER A CA  1 
ATOM   713 C C   . SER A 1 92  ? -6.327  -6.518  12.147  1.00 28.68 ? 99  SER A C   1 
ATOM   714 O O   . SER A 1 92  ? -7.520  -6.385  12.429  1.00 28.31 ? 99  SER A O   1 
ATOM   715 C CB  . SER A 1 92  ? -5.575  -4.255  11.392  1.00 26.90 ? 99  SER A CB  1 
ATOM   716 O OG  . SER A 1 92  ? -5.267  -4.695  10.085  1.00 27.07 ? 99  SER A OG  1 
ATOM   717 N N   . CYS A 1 93  ? -5.832  -7.636  11.625  1.00 28.35 ? 100 CYS A N   1 
ATOM   718 C CA  . CYS A 1 93  ? -6.680  -8.778  11.287  1.00 31.17 ? 100 CYS A CA  1 
ATOM   719 C C   . CYS A 1 93  ? -7.832  -8.345  10.393  1.00 31.92 ? 100 CYS A C   1 
ATOM   720 O O   . CYS A 1 93  ? -8.998  -8.590  10.708  1.00 33.01 ? 100 CYS A O   1 
ATOM   721 C CB  . CYS A 1 93  ? -7.250  -9.455  12.539  1.00 32.84 ? 100 CYS A CB  1 
ATOM   722 S SG  . CYS A 1 93  ? -6.003  -10.230 13.586  1.00 39.11 ? 100 CYS A SG  1 
ATOM   723 N N   . GLY A 1 94  ? -7.510  -7.686  9.286   1.00 30.63 ? 101 GLY A N   1 
ATOM   724 C CA  . GLY A 1 94  ? -8.558  -7.255  8.383   1.00 30.95 ? 101 GLY A CA  1 
ATOM   725 C C   . GLY A 1 94  ? -8.137  -6.154  7.440   1.00 30.40 ? 101 GLY A C   1 
ATOM   726 O O   . GLY A 1 94  ? -8.736  -5.986  6.382   1.00 32.48 ? 101 GLY A O   1 
ATOM   727 N N   . TYR A 1 95  ? -7.102  -5.410  7.819   1.00 28.38 ? 102 TYR A N   1 
ATOM   728 C CA  . TYR A 1 95  ? -6.620  -4.304  7.001   1.00 27.26 ? 102 TYR A CA  1 
ATOM   729 C C   . TYR A 1 95  ? -5.160  -4.443  6.590   1.00 25.29 ? 102 TYR A C   1 
ATOM   730 O O   . TYR A 1 95  ? -4.370  -5.122  7.244   1.00 24.32 ? 102 TYR A O   1 
ATOM   731 C CB  . TYR A 1 95  ? -6.769  -2.970  7.761   1.00 25.61 ? 102 TYR A CB  1 
ATOM   732 C CG  . TYR A 1 95  ? -8.187  -2.536  8.092   1.00 26.42 ? 102 TYR A CG  1 
ATOM   733 C CD1 . TYR A 1 95  ? -9.144  -2.369  7.085   1.00 27.42 ? 102 TYR A CD1 1 
ATOM   734 C CD2 . TYR A 1 95  ? -8.565  -2.274  9.410   1.00 26.05 ? 102 TYR A CD2 1 
ATOM   735 C CE1 . TYR A 1 95  ? -10.448 -1.956  7.381   1.00 26.93 ? 102 TYR A CE1 1 
ATOM   736 C CE2 . TYR A 1 95  ? -9.858  -1.859  9.721   1.00 27.70 ? 102 TYR A CE2 1 
ATOM   737 C CZ  . TYR A 1 95  ? -10.795 -1.702  8.710   1.00 28.90 ? 102 TYR A CZ  1 
ATOM   738 O OH  . TYR A 1 95  ? -12.073 -1.296  9.033   1.00 28.42 ? 102 TYR A OH  1 
ATOM   739 N N   . VAL A 1 96  ? -4.811  -3.810  5.484   1.00 26.57 ? 103 VAL A N   1 
ATOM   740 C CA  . VAL A 1 96  ? -3.428  -3.801  5.062   1.00 27.01 ? 103 VAL A CA  1 
ATOM   741 C C   . VAL A 1 96  ? -3.146  -2.358  4.650   1.00 24.97 ? 103 VAL A C   1 
ATOM   742 O O   . VAL A 1 96  ? -3.796  -1.807  3.761   1.00 22.61 ? 103 VAL A O   1 
ATOM   743 C CB  . VAL A 1 96  ? -3.139  -4.808  3.907   1.00 28.26 ? 103 VAL A CB  1 
ATOM   744 C CG1 . VAL A 1 96  ? -3.969  -4.467  2.673   1.00 31.96 ? 103 VAL A CG1 1 
ATOM   745 C CG2 . VAL A 1 96  ? -1.654  -4.783  3.588   1.00 27.97 ? 103 VAL A CG2 1 
ATOM   746 N N   . TYR A 1 97  ? -2.195  -1.736  5.344   1.00 24.16 ? 104 TYR A N   1 
ATOM   747 C CA  . TYR A 1 97  ? -1.826  -0.340  5.103   1.00 22.57 ? 104 TYR A CA  1 
ATOM   748 C C   . TYR A 1 97  ? -0.687  -0.218  4.112   1.00 20.68 ? 104 TYR A C   1 
ATOM   749 O O   . TYR A 1 97  ? 0.339   -0.872  4.270   1.00 20.30 ? 104 TYR A O   1 
ATOM   750 C CB  . TYR A 1 97  ? -1.422  0.311   6.436   1.00 21.81 ? 104 TYR A CB  1 
ATOM   751 C CG  . TYR A 1 97  ? -2.494  0.214   7.486   1.00 21.52 ? 104 TYR A CG  1 
ATOM   752 C CD1 . TYR A 1 97  ? -3.489  1.200   7.608   1.00 20.29 ? 104 TYR A CD1 1 
ATOM   753 C CD2 . TYR A 1 97  ? -2.579  -0.913  8.306   1.00 20.92 ? 104 TYR A CD2 1 
ATOM   754 C CE1 . TYR A 1 97  ? -4.538  1.044   8.522   1.00 18.20 ? 104 TYR A CE1 1 
ATOM   755 C CE2 . TYR A 1 97  ? -3.624  -1.072  9.210   1.00 21.73 ? 104 TYR A CE2 1 
ATOM   756 C CZ  . TYR A 1 97  ? -4.599  -0.102  9.313   1.00 20.73 ? 104 TYR A CZ  1 
ATOM   757 O OH  . TYR A 1 97  ? -5.659  -0.298  10.180  1.00 21.50 ? 104 TYR A OH  1 
ATOM   758 N N   . ILE A 1 98  ? -0.862  0.608   3.085   1.00 20.54 ? 105 ILE A N   1 
ATOM   759 C CA  . ILE A 1 98  ? 0.211   0.787   2.121   1.00 21.39 ? 105 ILE A CA  1 
ATOM   760 C C   . ILE A 1 98  ? 0.508   2.228   1.768   1.00 20.83 ? 105 ILE A C   1 
ATOM   761 O O   . ILE A 1 98  ? -0.320  3.126   1.922   1.00 17.92 ? 105 ILE A O   1 
ATOM   762 C CB  . ILE A 1 98  ? -0.027  0.019   0.794   1.00 23.33 ? 105 ILE A CB  1 
ATOM   763 C CG1 . ILE A 1 98  ? -1.247  0.582   0.067   1.00 26.11 ? 105 ILE A CG1 1 
ATOM   764 C CG2 . ILE A 1 98  ? -0.172  -1.474  1.084   1.00 24.38 ? 105 ILE A CG2 1 
ATOM   765 C CD1 . ILE A 1 98  ? -1.411  0.023   -1.342  1.00 28.85 ? 105 ILE A CD1 1 
ATOM   766 N N   . ALA A 1 99  ? 1.733   2.425   1.310   1.00 19.25 ? 106 ALA A N   1 
ATOM   767 C CA  . ALA A 1 99  ? 2.226   3.722   0.886   1.00 22.06 ? 106 ALA A CA  1 
ATOM   768 C C   . ALA A 1 99  ? 3.089   3.450   -0.340  1.00 22.35 ? 106 ALA A C   1 
ATOM   769 O O   . ALA A 1 99  ? 4.016   2.648   -0.281  1.00 22.29 ? 106 ALA A O   1 
ATOM   770 C CB  . ALA A 1 99  ? 3.062   4.347   1.999   1.00 20.78 ? 106 ALA A CB  1 
ATOM   771 N N   . VAL A 1 100 ? 2.773   4.106   -1.450  1.00 23.13 ? 107 VAL A N   1 
ATOM   772 C CA  . VAL A 1 100 ? 3.531   3.932   -2.689  1.00 23.83 ? 107 VAL A CA  1 
ATOM   773 C C   . VAL A 1 100 ? 4.118   5.270   -3.115  1.00 24.84 ? 107 VAL A C   1 
ATOM   774 O O   . VAL A 1 100 ? 3.399   6.264   -3.217  1.00 25.54 ? 107 VAL A O   1 
ATOM   775 C CB  . VAL A 1 100 ? 2.641   3.396   -3.834  1.00 21.98 ? 107 VAL A CB  1 
ATOM   776 C CG1 . VAL A 1 100 ? 3.455   3.275   -5.100  1.00 19.76 ? 107 VAL A CG1 1 
ATOM   777 C CG2 . VAL A 1 100 ? 2.056   2.045   -3.448  1.00 19.34 ? 107 VAL A CG2 1 
ATOM   778 N N   . TYR A 1 101 ? 5.429   5.299   -3.340  1.00 25.81 ? 108 TYR A N   1 
ATOM   779 C CA  . TYR A 1 101 ? 6.110   6.523   -3.741  1.00 27.39 ? 108 TYR A CA  1 
ATOM   780 C C   . TYR A 1 101 ? 7.272   6.233   -4.681  1.00 28.61 ? 108 TYR A C   1 
ATOM   781 O O   . TYR A 1 101 ? 7.701   5.093   -4.823  1.00 29.51 ? 108 TYR A O   1 
ATOM   782 C CB  . TYR A 1 101 ? 6.638   7.260   -2.512  1.00 28.53 ? 108 TYR A CB  1 
ATOM   783 C CG  . TYR A 1 101 ? 7.393   6.360   -1.571  1.00 31.06 ? 108 TYR A CG  1 
ATOM   784 C CD1 . TYR A 1 101 ? 6.759   5.772   -0.479  1.00 31.33 ? 108 TYR A CD1 1 
ATOM   785 C CD2 . TYR A 1 101 ? 8.738   6.064   -1.791  1.00 32.23 ? 108 TYR A CD2 1 
ATOM   786 C CE1 . TYR A 1 101 ? 7.446   4.912   0.372   1.00 32.87 ? 108 TYR A CE1 1 
ATOM   787 C CE2 . TYR A 1 101 ? 9.436   5.203   -0.953  1.00 32.69 ? 108 TYR A CE2 1 
ATOM   788 C CZ  . TYR A 1 101 ? 8.786   4.630   0.127   1.00 33.50 ? 108 TYR A CZ  1 
ATOM   789 O OH  . TYR A 1 101 ? 9.482   3.775   0.952   1.00 35.31 ? 108 TYR A OH  1 
ATOM   790 N N   . PRO A 1 102 ? 7.787   7.266   -5.358  1.00 30.41 ? 109 PRO A N   1 
ATOM   791 C CA  . PRO A 1 102 ? 8.911   7.003   -6.262  1.00 32.34 ? 109 PRO A CA  1 
ATOM   792 C C   . PRO A 1 102 ? 10.149  6.595   -5.464  1.00 33.26 ? 109 PRO A C   1 
ATOM   793 O O   . PRO A 1 102 ? 10.427  7.137   -4.389  1.00 34.14 ? 109 PRO A O   1 
ATOM   794 C CB  . PRO A 1 102 ? 9.095   8.335   -6.991  1.00 31.76 ? 109 PRO A CB  1 
ATOM   795 C CG  . PRO A 1 102 ? 8.607   9.341   -5.991  1.00 31.74 ? 109 PRO A CG  1 
ATOM   796 C CD  . PRO A 1 102 ? 7.385   8.681   -5.406  1.00 30.81 ? 109 PRO A CD  1 
ATOM   797 N N   . THR A 1 103 ? 10.881  5.623   -5.988  1.00 35.53 ? 110 THR A N   1 
ATOM   798 C CA  . THR A 1 103 ? 12.082  5.147   -5.320  1.00 37.65 ? 110 THR A CA  1 
ATOM   799 C C   . THR A 1 103 ? 13.092  6.281   -5.138  1.00 38.90 ? 110 THR A C   1 
ATOM   800 O O   . THR A 1 103 ? 13.537  6.491   -3.985  1.00 39.16 ? 110 THR A O   1 
ATOM   801 C CB  . THR A 1 103 ? 12.718  4.002   -6.119  1.00 37.44 ? 110 THR A CB  1 
ATOM   802 O OG1 . THR A 1 103 ? 11.720  3.008   -6.387  1.00 38.04 ? 110 THR A OG1 1 
ATOM   803 C CG2 . THR A 1 103 ? 13.853  3.369   -5.327  1.00 38.62 ? 110 THR A CG2 1 
HETATM 804 O O   . HOH B 2 .   ? 11.568  -2.383  -10.404 1.00 40.11 ? 113 HOH A O   1 
HETATM 805 O O   . HOH B 2 .   ? 2.399   -7.092  8.492   1.00 20.94 ? 114 HOH A O   1 
HETATM 806 O O   . HOH B 2 .   ? 5.240   -2.838  12.238  1.00 23.17 ? 115 HOH A O   1 
HETATM 807 O O   . HOH B 2 .   ? 10.078  13.102  0.657   1.00 26.55 ? 116 HOH A O   1 
HETATM 808 O O   . HOH B 2 .   ? -13.030 9.504   2.479   1.00 36.99 ? 117 HOH A O   1 
HETATM 809 O O   . HOH B 2 .   ? -3.633  8.806   -13.496 1.00 15.85 ? 118 HOH A O   1 
HETATM 810 O O   . HOH B 2 .   ? -3.795  5.137   -16.028 1.00 28.45 ? 119 HOH A O   1 
HETATM 811 O O   . HOH B 2 .   ? 4.380   12.594  7.568   1.00 42.35 ? 120 HOH A O   1 
HETATM 812 O O   . HOH B 2 .   ? -4.008  15.195  -2.918  1.00 37.33 ? 121 HOH A O   1 
HETATM 813 O O   . HOH B 2 .   ? 0.054   7.916   2.984   1.00 20.82 ? 122 HOH A O   1 
HETATM 814 O O   . HOH B 2 .   ? 1.555   14.178  9.262   1.00 29.25 ? 123 HOH A O   1 
HETATM 815 O O   . HOH B 2 .   ? -0.872  9.535   0.963   1.00 22.72 ? 124 HOH A O   1 
HETATM 816 O O   . HOH B 2 .   ? -11.087 2.071   11.280  1.00 37.24 ? 125 HOH A O   1 
HETATM 817 O O   . HOH B 2 .   ? -4.937  -7.772  8.150   1.00 25.82 ? 126 HOH A O   1 
HETATM 818 O O   . HOH B 2 .   ? 4.094   17.035  -14.048 1.00 42.11 ? 127 HOH A O   1 
HETATM 819 O O   . HOH B 2 .   ? 1.199   -6.957  16.446  1.00 34.00 ? 128 HOH A O   1 
HETATM 820 O O   . HOH B 2 .   ? -0.694  4.993   3.701   1.00 21.93 ? 129 HOH A O   1 
HETATM 821 O O   . HOH B 2 .   ? -12.402 11.605  5.595   1.00 33.66 ? 130 HOH A O   1 
HETATM 822 O O   . HOH B 2 .   ? -9.975  0.290   4.165   1.00 22.15 ? 131 HOH A O   1 
HETATM 823 O O   . HOH B 2 .   ? 7.094   3.010   -14.520 1.00 48.35 ? 132 HOH A O   1 
HETATM 824 O O   . HOH B 2 .   ? -1.379  17.083  0.947   1.00 37.38 ? 133 HOH A O   1 
HETATM 825 O O   . HOH B 2 .   ? 12.847  3.685   -1.838  1.00 22.44 ? 134 HOH A O   1 
HETATM 826 O O   . HOH B 2 .   ? -8.786  0.941   12.635  1.00 29.47 ? 135 HOH A O   1 
HETATM 827 O O   . HOH B 2 .   ? 7.949   -3.521  11.002  1.00 34.81 ? 136 HOH A O   1 
HETATM 828 O O   . HOH B 2 .   ? 9.430   -6.368  -4.737  1.00 26.41 ? 137 HOH A O   1 
HETATM 829 O O   . HOH B 2 .   ? -13.190 7.697   6.331   1.00 31.41 ? 138 HOH A O   1 
HETATM 830 O O   . HOH B 2 .   ? -15.674 9.115   3.141   1.00 45.89 ? 139 HOH A O   1 
HETATM 831 O O   . HOH B 2 .   ? -10.774 -13.704 6.244   1.00 38.91 ? 140 HOH A O   1 
HETATM 832 O O   . HOH B 2 .   ? 5.270   -11.413 -3.480  1.00 28.27 ? 141 HOH A O   1 
HETATM 833 O O   . HOH B 2 .   ? -12.454 4.693   11.468  1.00 34.66 ? 142 HOH A O   1 
HETATM 834 O O   . HOH B 2 .   ? -12.764 -0.317  -6.044  1.00 46.82 ? 143 HOH A O   1 
HETATM 835 O O   . HOH B 2 .   ? -8.178  1.571   0.011   1.00 23.63 ? 144 HOH A O   1 
HETATM 836 O O   . HOH B 2 .   ? -6.451  -6.939  15.755  1.00 36.36 ? 145 HOH A O   1 
HETATM 837 O O   . HOH B 2 .   ? -10.583 9.681   -1.455  1.00 41.32 ? 146 HOH A O   1 
HETATM 838 O O   . HOH B 2 .   ? 5.177   -11.919 -6.164  1.00 35.21 ? 147 HOH A O   1 
HETATM 839 O O   . HOH B 2 .   ? -12.454 2.091   3.973   1.00 56.63 ? 148 HOH A O   1 
HETATM 840 O O   . HOH B 2 .   ? 16.210  6.455   -2.371  1.00 49.69 ? 149 HOH A O   1 
HETATM 841 O O   . HOH B 2 .   ? 4.692   2.069   -14.479 1.00 33.01 ? 150 HOH A O   1 
HETATM 842 O O   . HOH B 2 .   ? -0.689  -14.436 6.318   1.00 31.75 ? 151 HOH A O   1 
HETATM 843 O O   . HOH B 2 .   ? 5.187   15.219  -16.188 1.00 34.18 ? 152 HOH A O   1 
HETATM 844 O O   . HOH B 2 .   ? -4.165  1.286   -10.780 1.00 32.50 ? 153 HOH A O   1 
HETATM 845 O O   . HOH B 2 .   ? 1.989   11.421  -18.555 1.00 35.44 ? 154 HOH A O   1 
HETATM 846 O O   . HOH B 2 .   ? 12.076  0.865   -8.391  1.00 38.49 ? 155 HOH A O   1 
HETATM 847 O O   . HOH B 2 .   ? 6.778   -9.582  -3.909  1.00 34.14 ? 156 HOH A O   1 
HETATM 848 O O   . HOH B 2 .   ? 3.129   17.911  -18.328 1.00 37.46 ? 157 HOH A O   1 
HETATM 849 O O   . HOH B 2 .   ? -2.805  3.920   4.912   1.00 44.07 ? 158 HOH A O   1 
HETATM 850 O O   . HOH B 2 .   ? 7.217   -5.434  13.704  1.00 30.67 ? 159 HOH A O   1 
HETATM 851 O O   . HOH B 2 .   ? 0.060   -16.384 7.678   1.00 44.94 ? 160 HOH A O   1 
HETATM 852 O O   . HOH B 2 .   ? -7.329  -11.912 5.937   1.00 44.46 ? 161 HOH A O   1 
HETATM 853 O O   . HOH B 2 .   ? -3.706  -6.854  -8.449  1.00 31.25 ? 162 HOH A O   1 
HETATM 854 O O   . HOH B 2 .   ? -2.684  -12.173 -6.286  1.00 50.01 ? 163 HOH A O   1 
HETATM 855 O O   . HOH B 2 .   ? -3.228  -14.295 5.316   1.00 27.35 ? 164 HOH A O   1 
HETATM 856 O O   . HOH B 2 .   ? 4.005   -12.835 11.837  1.00 47.07 ? 165 HOH A O   1 
HETATM 857 O O   . HOH B 2 .   ? 9.554   -5.468  9.121   1.00 35.30 ? 166 HOH A O   1 
HETATM 858 O O   . HOH B 2 .   ? -11.690 -9.150  9.015   1.00 49.40 ? 167 HOH A O   1 
HETATM 859 O O   . HOH B 2 .   ? -0.630  17.032  -1.408  1.00 45.20 ? 168 HOH A O   1 
HETATM 860 O O   . HOH B 2 .   ? 0.988   -4.255  16.408  1.00 43.10 ? 169 HOH A O   1 
HETATM 861 O O   . HOH B 2 .   ? -5.011  6.724   2.622   1.00 33.58 ? 170 HOH A O   1 
HETATM 862 O O   . HOH B 2 .   ? 3.741   7.600   -18.807 1.00 44.93 ? 171 HOH A O   1 
HETATM 863 O O   . HOH B 2 .   ? 18.046  7.765   -1.058  1.00 37.52 ? 172 HOH A O   1 
HETATM 864 O O   . HOH B 2 .   ? 0.451   -15.722 14.173  1.00 52.66 ? 173 HOH A O   1 
HETATM 865 O O   . HOH B 2 .   ? 1.362   -9.921  17.517  1.00 48.23 ? 174 HOH A O   1 
HETATM 866 O O   . HOH B 2 .   ? -15.053 13.673  6.225   1.00 35.46 ? 175 HOH A O   1 
HETATM 867 O O   . HOH B 2 .   ? 5.039   16.518  -2.961  1.00 43.11 ? 176 HOH A O   1 
# 
loop_
_pdbx_poly_seq_scheme.asym_id 
_pdbx_poly_seq_scheme.entity_id 
_pdbx_poly_seq_scheme.seq_id 
_pdbx_poly_seq_scheme.mon_id 
_pdbx_poly_seq_scheme.ndb_seq_num 
_pdbx_poly_seq_scheme.pdb_seq_num 
_pdbx_poly_seq_scheme.auth_seq_num 
_pdbx_poly_seq_scheme.pdb_mon_id 
_pdbx_poly_seq_scheme.auth_mon_id 
_pdbx_poly_seq_scheme.pdb_strand_id 
_pdbx_poly_seq_scheme.pdb_ins_code 
_pdbx_poly_seq_scheme.hetero 
A 1 1   MET 1   8   8   MET MET A . n 
A 1 2   SER 2   9   9   SER SER A . n 
A 1 3   ASN 3   10  10  ASN ASN A . n 
A 1 4   THR 4   11  11  THR THR A . n 
A 1 5   THR 5   12  12  THR THR A . n 
A 1 6   TRP 6   13  13  TRP TRP A . n 
A 1 7   GLY 7   14  14  GLY GLY A . n 
A 1 8   LEU 8   15  15  LEU LEU A . n 
A 1 9   GLN 9   16  16  GLN GLN A . n 
A 1 10  ARG 10  17  17  ARG ARG A . n 
A 1 11  ASP 11  18  18  ASP ASP A . n 
A 1 12  ILE 12  19  19  ILE ILE A . n 
A 1 13  THR 13  20  20  THR THR A . n 
A 1 14  PRO 14  21  21  PRO PRO A . n 
A 1 15  ARG 15  22  22  ARG ARG A . n 
A 1 16  LEU 16  23  23  LEU LEU A . n 
A 1 17  GLY 17  24  24  GLY GLY A . n 
A 1 18  ALA 18  25  25  ALA ALA A . n 
A 1 19  ARG 19  26  26  ARG ARG A . n 
A 1 20  LEU 20  27  27  LEU LEU A . n 
A 1 21  VAL 21  28  28  VAL VAL A . n 
A 1 22  GLN 22  29  29  GLN GLN A . n 
A 1 23  GLU 23  30  30  GLU GLU A . n 
A 1 24  GLY 24  31  31  GLY GLY A . n 
A 1 25  ASN 25  32  32  ASN ASN A . n 
A 1 26  GLN 26  33  33  GLN GLN A . n 
A 1 27  LEU 27  34  34  LEU LEU A . n 
A 1 28  HIS 28  35  35  HIS HIS A . n 
A 1 29  TYR 29  36  36  TYR TYR A . n 
A 1 30  LEU 30  37  37  LEU LEU A . n 
A 1 31  ALA 31  38  38  ALA ALA A . n 
A 1 32  ASP 32  39  39  ASP ASP A . n 
A 1 33  ARG 33  40  40  ARG ARG A . n 
A 1 34  ALA 34  41  41  ALA ALA A . n 
A 1 35  SER 35  42  42  SER SER A . n 
A 1 36  ILE 36  43  43  ILE ILE A . n 
A 1 37  THR 37  44  44  THR THR A . n 
A 1 38  GLY 38  45  45  GLY GLY A . n 
A 1 39  LYS 39  46  46  LYS LYS A . n 
A 1 40  PHE 40  47  47  PHE PHE A . n 
A 1 41  SER 41  48  48  SER SER A . n 
A 1 42  ASP 42  49  49  ASP ASP A . n 
A 1 43  ALA 43  50  50  ALA ALA A . n 
A 1 44  GLU 44  51  51  GLU GLU A . n 
A 1 45  CYS 45  52  52  CYS CYS A . n 
A 1 46  PRO 46  53  53  PRO PRO A . n 
A 1 47  LYS 47  54  54  LYS LYS A . n 
A 1 48  LEU 48  55  55  LEU LEU A . n 
A 1 49  ASP 49  56  56  ASP ASP A . n 
A 1 50  VAL 50  57  57  VAL VAL A . n 
A 1 51  VAL 51  58  58  VAL VAL A . n 
A 1 52  PHE 52  59  59  PHE PHE A . n 
A 1 53  PRO 53  60  60  PRO PRO A . n 
A 1 54  HIS 54  61  61  HIS HIS A . n 
A 1 55  PHE 55  62  62  PHE PHE A . n 
A 1 56  ILE 56  63  63  ILE ILE A . n 
A 1 57  SER 57  64  64  SER SER A . n 
A 1 58  GLN 58  65  65  GLN GLN A . n 
A 1 59  ILE 59  66  66  ILE ILE A . n 
A 1 60  GLU 60  67  67  GLU GLU A . n 
A 1 61  SER 61  68  68  SER SER A . n 
A 1 62  MET 62  69  69  MET MET A . n 
A 1 63  LEU 63  70  70  LEU LEU A . n 
A 1 64  THR 64  71  71  THR THR A . n 
A 1 65  THR 65  72  72  THR THR A . n 
A 1 66  GLY 66  73  73  GLY GLY A . n 
A 1 67  GLU 67  74  74  GLU GLU A . n 
A 1 68  LEU 68  75  75  LEU LEU A . n 
A 1 69  ASN 69  76  76  ASN ASN A . n 
A 1 70  PRO 70  77  77  PRO PRO A . n 
A 1 71  ARG 71  78  78  ARG ARG A . n 
A 1 72  HIS 72  79  79  HIS HIS A . n 
A 1 73  ALA 73  80  80  ALA ALA A . n 
A 1 74  GLN 74  81  81  GLN GLN A . n 
A 1 75  CYS 75  82  82  CYS CYS A . n 
A 1 76  VAL 76  83  83  VAL VAL A . n 
A 1 77  THR 77  84  84  THR THR A . n 
A 1 78  LEU 78  85  85  LEU LEU A . n 
A 1 79  TYR 79  86  86  TYR TYR A . n 
A 1 80  HIS 80  87  87  HIS HIS A . n 
A 1 81  ASN 81  88  88  ASN ASN A . n 
A 1 82  GLY 82  89  89  GLY GLY A . n 
A 1 83  PHE 83  90  90  PHE PHE A . n 
A 1 84  THR 84  91  91  THR THR A . n 
A 1 85  CYS 85  92  92  CYS CYS A . n 
A 1 86  GLU 86  93  93  GLU GLU A . n 
A 1 87  ALA 87  94  94  ALA ALA A . n 
A 1 88  ASP 88  95  95  ASP ASP A . n 
A 1 89  THR 89  96  96  THR THR A . n 
A 1 90  LEU 90  97  97  LEU LEU A . n 
A 1 91  GLY 91  98  98  GLY GLY A . n 
A 1 92  SER 92  99  99  SER SER A . n 
A 1 93  CYS 93  100 100 CYS CYS A . n 
A 1 94  GLY 94  101 101 GLY GLY A . n 
A 1 95  TYR 95  102 102 TYR TYR A . n 
A 1 96  VAL 96  103 103 VAL VAL A . n 
A 1 97  TYR 97  104 104 TYR TYR A . n 
A 1 98  ILE 98  105 105 ILE ILE A . n 
A 1 99  ALA 99  106 106 ALA ALA A . n 
A 1 100 VAL 100 107 107 VAL VAL A . n 
A 1 101 TYR 101 108 108 TYR TYR A . n 
A 1 102 PRO 102 109 109 PRO PRO A . n 
A 1 103 THR 103 110 110 THR THR A . n 
A 1 104 GLN 104 111 ?   ?   ?   A . n 
A 1 105 ARG 105 112 ?   ?   ?   A . n 
# 
_pdbx_SG_project.id                    1 
_pdbx_SG_project.project_name          'NPPSFA, National Project on Protein Structural and Functional Analyses' 
_pdbx_SG_project.full_name_of_center   'RIKEN Structural Genomics/Proteomics Initiative' 
_pdbx_SG_project.initial_of_center     RSGI 
# 
loop_
_pdbx_nonpoly_scheme.asym_id 
_pdbx_nonpoly_scheme.entity_id 
_pdbx_nonpoly_scheme.mon_id 
_pdbx_nonpoly_scheme.ndb_seq_num 
_pdbx_nonpoly_scheme.pdb_seq_num 
_pdbx_nonpoly_scheme.auth_seq_num 
_pdbx_nonpoly_scheme.pdb_mon_id 
_pdbx_nonpoly_scheme.auth_mon_id 
_pdbx_nonpoly_scheme.pdb_strand_id 
_pdbx_nonpoly_scheme.pdb_ins_code 
B 2 HOH 1  113 1  HOH HOH A . 
B 2 HOH 2  114 2  HOH HOH A . 
B 2 HOH 3  115 3  HOH HOH A . 
B 2 HOH 4  116 4  HOH HOH A . 
B 2 HOH 5  117 5  HOH HOH A . 
B 2 HOH 6  118 6  HOH HOH A . 
B 2 HOH 7  119 7  HOH HOH A . 
B 2 HOH 8  120 8  HOH HOH A . 
B 2 HOH 9  121 9  HOH HOH A . 
B 2 HOH 10 122 10 HOH HOH A . 
B 2 HOH 11 123 11 HOH HOH A . 
B 2 HOH 12 124 12 HOH HOH A . 
B 2 HOH 13 125 13 HOH HOH A . 
B 2 HOH 14 126 14 HOH HOH A . 
B 2 HOH 15 127 15 HOH HOH A . 
B 2 HOH 16 128 16 HOH HOH A . 
B 2 HOH 17 129 17 HOH HOH A . 
B 2 HOH 18 130 18 HOH HOH A . 
B 2 HOH 19 131 19 HOH HOH A . 
B 2 HOH 20 132 20 HOH HOH A . 
B 2 HOH 21 133 21 HOH HOH A . 
B 2 HOH 22 134 22 HOH HOH A . 
B 2 HOH 23 135 23 HOH HOH A . 
B 2 HOH 24 136 24 HOH HOH A . 
B 2 HOH 25 137 25 HOH HOH A . 
B 2 HOH 26 138 26 HOH HOH A . 
B 2 HOH 27 139 27 HOH HOH A . 
B 2 HOH 28 140 28 HOH HOH A . 
B 2 HOH 29 141 29 HOH HOH A . 
B 2 HOH 30 142 30 HOH HOH A . 
B 2 HOH 31 143 31 HOH HOH A . 
B 2 HOH 32 144 32 HOH HOH A . 
B 2 HOH 33 145 33 HOH HOH A . 
B 2 HOH 34 146 34 HOH HOH A . 
B 2 HOH 35 147 35 HOH HOH A . 
B 2 HOH 36 148 36 HOH HOH A . 
B 2 HOH 37 149 37 HOH HOH A . 
B 2 HOH 38 150 38 HOH HOH A . 
B 2 HOH 39 151 39 HOH HOH A . 
B 2 HOH 40 152 40 HOH HOH A . 
B 2 HOH 41 153 41 HOH HOH A . 
B 2 HOH 42 154 43 HOH HOH A . 
B 2 HOH 43 155 44 HOH HOH A . 
B 2 HOH 44 156 45 HOH HOH A . 
B 2 HOH 45 157 46 HOH HOH A . 
B 2 HOH 46 158 47 HOH HOH A . 
B 2 HOH 47 159 48 HOH HOH A . 
B 2 HOH 48 160 49 HOH HOH A . 
B 2 HOH 49 161 50 HOH HOH A . 
B 2 HOH 50 162 51 HOH HOH A . 
B 2 HOH 51 163 52 HOH HOH A . 
B 2 HOH 52 164 53 HOH HOH A . 
B 2 HOH 53 165 54 HOH HOH A . 
B 2 HOH 54 166 55 HOH HOH A . 
B 2 HOH 55 167 56 HOH HOH A . 
B 2 HOH 56 168 57 HOH HOH A . 
B 2 HOH 57 169 58 HOH HOH A . 
B 2 HOH 58 170 59 HOH HOH A . 
B 2 HOH 59 171 60 HOH HOH A . 
B 2 HOH 60 172 61 HOH HOH A . 
B 2 HOH 61 173 63 HOH HOH A . 
B 2 HOH 62 174 65 HOH HOH A . 
B 2 HOH 63 175 66 HOH HOH A . 
B 2 HOH 64 176 67 HOH HOH A . 
# 
_pdbx_struct_assembly.id                   1 
_pdbx_struct_assembly.details              author_defined_assembly 
_pdbx_struct_assembly.method_details       ? 
_pdbx_struct_assembly.oligomeric_details   monomeric 
_pdbx_struct_assembly.oligomeric_count     1 
# 
_pdbx_struct_assembly_gen.assembly_id       1 
_pdbx_struct_assembly_gen.oper_expression   1 
_pdbx_struct_assembly_gen.asym_id_list      A,B 
# 
_pdbx_struct_oper_list.id                   1 
_pdbx_struct_oper_list.type                 'identity operation' 
_pdbx_struct_oper_list.name                 1_555 
_pdbx_struct_oper_list.symmetry_operation   x,y,z 
_pdbx_struct_oper_list.matrix[1][1]         1.0000000000 
_pdbx_struct_oper_list.matrix[1][2]         0.0000000000 
_pdbx_struct_oper_list.matrix[1][3]         0.0000000000 
_pdbx_struct_oper_list.vector[1]            0.0000000000 
_pdbx_struct_oper_list.matrix[2][1]         0.0000000000 
_pdbx_struct_oper_list.matrix[2][2]         1.0000000000 
_pdbx_struct_oper_list.matrix[2][3]         0.0000000000 
_pdbx_struct_oper_list.vector[2]            0.0000000000 
_pdbx_struct_oper_list.matrix[3][1]         0.0000000000 
_pdbx_struct_oper_list.matrix[3][2]         0.0000000000 
_pdbx_struct_oper_list.matrix[3][3]         1.0000000000 
_pdbx_struct_oper_list.vector[3]            0.0000000000 
# 
loop_
_pdbx_audit_revision_history.ordinal 
_pdbx_audit_revision_history.data_content_type 
_pdbx_audit_revision_history.major_revision 
_pdbx_audit_revision_history.minor_revision 
_pdbx_audit_revision_history.revision_date 
1 'Structure model' 1 0 2007-07-31 
2 'Structure model' 1 1 2011-07-13 
3 'Structure model' 1 2 2023-10-25 
# 
_pdbx_audit_revision_details.ordinal             1 
_pdbx_audit_revision_details.revision_ordinal    1 
_pdbx_audit_revision_details.data_content_type   'Structure model' 
_pdbx_audit_revision_details.provider            repository 
_pdbx_audit_revision_details.type                'Initial release' 
_pdbx_audit_revision_details.description         ? 
_pdbx_audit_revision_details.details             ? 
# 
loop_
_pdbx_audit_revision_group.ordinal 
_pdbx_audit_revision_group.revision_ordinal 
_pdbx_audit_revision_group.data_content_type 
_pdbx_audit_revision_group.group 
1 2 'Structure model' 'Version format compliance' 
2 3 'Structure model' 'Data collection'           
3 3 'Structure model' 'Database references'       
4 3 'Structure model' 'Refinement description'    
# 
loop_
_pdbx_audit_revision_category.ordinal 
_pdbx_audit_revision_category.revision_ordinal 
_pdbx_audit_revision_category.data_content_type 
_pdbx_audit_revision_category.category 
1 3 'Structure model' chem_comp_atom                
2 3 'Structure model' chem_comp_bond                
3 3 'Structure model' database_2                    
4 3 'Structure model' pdbx_initial_refinement_model 
# 
loop_
_pdbx_audit_revision_item.ordinal 
_pdbx_audit_revision_item.revision_ordinal 
_pdbx_audit_revision_item.data_content_type 
_pdbx_audit_revision_item.item 
1 3 'Structure model' '_database_2.pdbx_DOI'                
2 3 'Structure model' '_database_2.pdbx_database_accession' 
# 
loop_
_software.name 
_software.classification 
_software.version 
_software.citation_id 
_software.pdbx_ordinal 
CNS      refinement        1.1   ? 1 
HKL-2000 'data collection' .     ? 2 
HKL-2000 'data reduction'  .     ? 3 
HKL-2000 'data scaling'    .     ? 4 
PHASER   phasing           1.3.3 ? 5 
# 
_pdbx_validate_torsion.id              1 
_pdbx_validate_torsion.PDB_model_num   1 
_pdbx_validate_torsion.auth_comp_id    HIS 
_pdbx_validate_torsion.auth_asym_id    A 
_pdbx_validate_torsion.auth_seq_id     87 
_pdbx_validate_torsion.PDB_ins_code    ? 
_pdbx_validate_torsion.label_alt_id    ? 
_pdbx_validate_torsion.phi             -174.04 
_pdbx_validate_torsion.psi             113.76 
# 
loop_
_pdbx_unobs_or_zero_occ_residues.id 
_pdbx_unobs_or_zero_occ_residues.PDB_model_num 
_pdbx_unobs_or_zero_occ_residues.polymer_flag 
_pdbx_unobs_or_zero_occ_residues.occupancy_flag 
_pdbx_unobs_or_zero_occ_residues.auth_asym_id 
_pdbx_unobs_or_zero_occ_residues.auth_comp_id 
_pdbx_unobs_or_zero_occ_residues.auth_seq_id 
_pdbx_unobs_or_zero_occ_residues.PDB_ins_code 
_pdbx_unobs_or_zero_occ_residues.label_asym_id 
_pdbx_unobs_or_zero_occ_residues.label_comp_id 
_pdbx_unobs_or_zero_occ_residues.label_seq_id 
1 1 Y 1 A GLN 111 ? A GLN 104 
2 1 Y 1 A ARG 112 ? A ARG 105 
# 
loop_
_chem_comp_atom.comp_id 
_chem_comp_atom.atom_id 
_chem_comp_atom.type_symbol 
_chem_comp_atom.pdbx_aromatic_flag 
_chem_comp_atom.pdbx_stereo_config 
_chem_comp_atom.pdbx_ordinal 
ALA N    N N N 1   
ALA CA   C N S 2   
ALA C    C N N 3   
ALA O    O N N 4   
ALA CB   C N N 5   
ALA OXT  O N N 6   
ALA H    H N N 7   
ALA H2   H N N 8   
ALA HA   H N N 9   
ALA HB1  H N N 10  
ALA HB2  H N N 11  
ALA HB3  H N N 12  
ALA HXT  H N N 13  
ARG N    N N N 14  
ARG CA   C N S 15  
ARG C    C N N 16  
ARG O    O N N 17  
ARG CB   C N N 18  
ARG CG   C N N 19  
ARG CD   C N N 20  
ARG NE   N N N 21  
ARG CZ   C N N 22  
ARG NH1  N N N 23  
ARG NH2  N N N 24  
ARG OXT  O N N 25  
ARG H    H N N 26  
ARG H2   H N N 27  
ARG HA   H N N 28  
ARG HB2  H N N 29  
ARG HB3  H N N 30  
ARG HG2  H N N 31  
ARG HG3  H N N 32  
ARG HD2  H N N 33  
ARG HD3  H N N 34  
ARG HE   H N N 35  
ARG HH11 H N N 36  
ARG HH12 H N N 37  
ARG HH21 H N N 38  
ARG HH22 H N N 39  
ARG HXT  H N N 40  
ASN N    N N N 41  
ASN CA   C N S 42  
ASN C    C N N 43  
ASN O    O N N 44  
ASN CB   C N N 45  
ASN CG   C N N 46  
ASN OD1  O N N 47  
ASN ND2  N N N 48  
ASN OXT  O N N 49  
ASN H    H N N 50  
ASN H2   H N N 51  
ASN HA   H N N 52  
ASN HB2  H N N 53  
ASN HB3  H N N 54  
ASN HD21 H N N 55  
ASN HD22 H N N 56  
ASN HXT  H N N 57  
ASP N    N N N 58  
ASP CA   C N S 59  
ASP C    C N N 60  
ASP O    O N N 61  
ASP CB   C N N 62  
ASP CG   C N N 63  
ASP OD1  O N N 64  
ASP OD2  O N N 65  
ASP OXT  O N N 66  
ASP H    H N N 67  
ASP H2   H N N 68  
ASP HA   H N N 69  
ASP HB2  H N N 70  
ASP HB3  H N N 71  
ASP HD2  H N N 72  
ASP HXT  H N N 73  
CYS N    N N N 74  
CYS CA   C N R 75  
CYS C    C N N 76  
CYS O    O N N 77  
CYS CB   C N N 78  
CYS SG   S N N 79  
CYS OXT  O N N 80  
CYS H    H N N 81  
CYS H2   H N N 82  
CYS HA   H N N 83  
CYS HB2  H N N 84  
CYS HB3  H N N 85  
CYS HG   H N N 86  
CYS HXT  H N N 87  
GLN N    N N N 88  
GLN CA   C N S 89  
GLN C    C N N 90  
GLN O    O N N 91  
GLN CB   C N N 92  
GLN CG   C N N 93  
GLN CD   C N N 94  
GLN OE1  O N N 95  
GLN NE2  N N N 96  
GLN OXT  O N N 97  
GLN H    H N N 98  
GLN H2   H N N 99  
GLN HA   H N N 100 
GLN HB2  H N N 101 
GLN HB3  H N N 102 
GLN HG2  H N N 103 
GLN HG3  H N N 104 
GLN HE21 H N N 105 
GLN HE22 H N N 106 
GLN HXT  H N N 107 
GLU N    N N N 108 
GLU CA   C N S 109 
GLU C    C N N 110 
GLU O    O N N 111 
GLU CB   C N N 112 
GLU CG   C N N 113 
GLU CD   C N N 114 
GLU OE1  O N N 115 
GLU OE2  O N N 116 
GLU OXT  O N N 117 
GLU H    H N N 118 
GLU H2   H N N 119 
GLU HA   H N N 120 
GLU HB2  H N N 121 
GLU HB3  H N N 122 
GLU HG2  H N N 123 
GLU HG3  H N N 124 
GLU HE2  H N N 125 
GLU HXT  H N N 126 
GLY N    N N N 127 
GLY CA   C N N 128 
GLY C    C N N 129 
GLY O    O N N 130 
GLY OXT  O N N 131 
GLY H    H N N 132 
GLY H2   H N N 133 
GLY HA2  H N N 134 
GLY HA3  H N N 135 
GLY HXT  H N N 136 
HIS N    N N N 137 
HIS CA   C N S 138 
HIS C    C N N 139 
HIS O    O N N 140 
HIS CB   C N N 141 
HIS CG   C Y N 142 
HIS ND1  N Y N 143 
HIS CD2  C Y N 144 
HIS CE1  C Y N 145 
HIS NE2  N Y N 146 
HIS OXT  O N N 147 
HIS H    H N N 148 
HIS H2   H N N 149 
HIS HA   H N N 150 
HIS HB2  H N N 151 
HIS HB3  H N N 152 
HIS HD1  H N N 153 
HIS HD2  H N N 154 
HIS HE1  H N N 155 
HIS HE2  H N N 156 
HIS HXT  H N N 157 
HOH O    O N N 158 
HOH H1   H N N 159 
HOH H2   H N N 160 
ILE N    N N N 161 
ILE CA   C N S 162 
ILE C    C N N 163 
ILE O    O N N 164 
ILE CB   C N S 165 
ILE CG1  C N N 166 
ILE CG2  C N N 167 
ILE CD1  C N N 168 
ILE OXT  O N N 169 
ILE H    H N N 170 
ILE H2   H N N 171 
ILE HA   H N N 172 
ILE HB   H N N 173 
ILE HG12 H N N 174 
ILE HG13 H N N 175 
ILE HG21 H N N 176 
ILE HG22 H N N 177 
ILE HG23 H N N 178 
ILE HD11 H N N 179 
ILE HD12 H N N 180 
ILE HD13 H N N 181 
ILE HXT  H N N 182 
LEU N    N N N 183 
LEU CA   C N S 184 
LEU C    C N N 185 
LEU O    O N N 186 
LEU CB   C N N 187 
LEU CG   C N N 188 
LEU CD1  C N N 189 
LEU CD2  C N N 190 
LEU OXT  O N N 191 
LEU H    H N N 192 
LEU H2   H N N 193 
LEU HA   H N N 194 
LEU HB2  H N N 195 
LEU HB3  H N N 196 
LEU HG   H N N 197 
LEU HD11 H N N 198 
LEU HD12 H N N 199 
LEU HD13 H N N 200 
LEU HD21 H N N 201 
LEU HD22 H N N 202 
LEU HD23 H N N 203 
LEU HXT  H N N 204 
LYS N    N N N 205 
LYS CA   C N S 206 
LYS C    C N N 207 
LYS O    O N N 208 
LYS CB   C N N 209 
LYS CG   C N N 210 
LYS CD   C N N 211 
LYS CE   C N N 212 
LYS NZ   N N N 213 
LYS OXT  O N N 214 
LYS H    H N N 215 
LYS H2   H N N 216 
LYS HA   H N N 217 
LYS HB2  H N N 218 
LYS HB3  H N N 219 
LYS HG2  H N N 220 
LYS HG3  H N N 221 
LYS HD2  H N N 222 
LYS HD3  H N N 223 
LYS HE2  H N N 224 
LYS HE3  H N N 225 
LYS HZ1  H N N 226 
LYS HZ2  H N N 227 
LYS HZ3  H N N 228 
LYS HXT  H N N 229 
MET N    N N N 230 
MET CA   C N S 231 
MET C    C N N 232 
MET O    O N N 233 
MET CB   C N N 234 
MET CG   C N N 235 
MET SD   S N N 236 
MET CE   C N N 237 
MET OXT  O N N 238 
MET H    H N N 239 
MET H2   H N N 240 
MET HA   H N N 241 
MET HB2  H N N 242 
MET HB3  H N N 243 
MET HG2  H N N 244 
MET HG3  H N N 245 
MET HE1  H N N 246 
MET HE2  H N N 247 
MET HE3  H N N 248 
MET HXT  H N N 249 
PHE N    N N N 250 
PHE CA   C N S 251 
PHE C    C N N 252 
PHE O    O N N 253 
PHE CB   C N N 254 
PHE CG   C Y N 255 
PHE CD1  C Y N 256 
PHE CD2  C Y N 257 
PHE CE1  C Y N 258 
PHE CE2  C Y N 259 
PHE CZ   C Y N 260 
PHE OXT  O N N 261 
PHE H    H N N 262 
PHE H2   H N N 263 
PHE HA   H N N 264 
PHE HB2  H N N 265 
PHE HB3  H N N 266 
PHE HD1  H N N 267 
PHE HD2  H N N 268 
PHE HE1  H N N 269 
PHE HE2  H N N 270 
PHE HZ   H N N 271 
PHE HXT  H N N 272 
PRO N    N N N 273 
PRO CA   C N S 274 
PRO C    C N N 275 
PRO O    O N N 276 
PRO CB   C N N 277 
PRO CG   C N N 278 
PRO CD   C N N 279 
PRO OXT  O N N 280 
PRO H    H N N 281 
PRO HA   H N N 282 
PRO HB2  H N N 283 
PRO HB3  H N N 284 
PRO HG2  H N N 285 
PRO HG3  H N N 286 
PRO HD2  H N N 287 
PRO HD3  H N N 288 
PRO HXT  H N N 289 
SER N    N N N 290 
SER CA   C N S 291 
SER C    C N N 292 
SER O    O N N 293 
SER CB   C N N 294 
SER OG   O N N 295 
SER OXT  O N N 296 
SER H    H N N 297 
SER H2   H N N 298 
SER HA   H N N 299 
SER HB2  H N N 300 
SER HB3  H N N 301 
SER HG   H N N 302 
SER HXT  H N N 303 
THR N    N N N 304 
THR CA   C N S 305 
THR C    C N N 306 
THR O    O N N 307 
THR CB   C N R 308 
THR OG1  O N N 309 
THR CG2  C N N 310 
THR OXT  O N N 311 
THR H    H N N 312 
THR H2   H N N 313 
THR HA   H N N 314 
THR HB   H N N 315 
THR HG1  H N N 316 
THR HG21 H N N 317 
THR HG22 H N N 318 
THR HG23 H N N 319 
THR HXT  H N N 320 
TRP N    N N N 321 
TRP CA   C N S 322 
TRP C    C N N 323 
TRP O    O N N 324 
TRP CB   C N N 325 
TRP CG   C Y N 326 
TRP CD1  C Y N 327 
TRP CD2  C Y N 328 
TRP NE1  N Y N 329 
TRP CE2  C Y N 330 
TRP CE3  C Y N 331 
TRP CZ2  C Y N 332 
TRP CZ3  C Y N 333 
TRP CH2  C Y N 334 
TRP OXT  O N N 335 
TRP H    H N N 336 
TRP H2   H N N 337 
TRP HA   H N N 338 
TRP HB2  H N N 339 
TRP HB3  H N N 340 
TRP HD1  H N N 341 
TRP HE1  H N N 342 
TRP HE3  H N N 343 
TRP HZ2  H N N 344 
TRP HZ3  H N N 345 
TRP HH2  H N N 346 
TRP HXT  H N N 347 
TYR N    N N N 348 
TYR CA   C N S 349 
TYR C    C N N 350 
TYR O    O N N 351 
TYR CB   C N N 352 
TYR CG   C Y N 353 
TYR CD1  C Y N 354 
TYR CD2  C Y N 355 
TYR CE1  C Y N 356 
TYR CE2  C Y N 357 
TYR CZ   C Y N 358 
TYR OH   O N N 359 
TYR OXT  O N N 360 
TYR H    H N N 361 
TYR H2   H N N 362 
TYR HA   H N N 363 
TYR HB2  H N N 364 
TYR HB3  H N N 365 
TYR HD1  H N N 366 
TYR HD2  H N N 367 
TYR HE1  H N N 368 
TYR HE2  H N N 369 
TYR HH   H N N 370 
TYR HXT  H N N 371 
VAL N    N N N 372 
VAL CA   C N S 373 
VAL C    C N N 374 
VAL O    O N N 375 
VAL CB   C N N 376 
VAL CG1  C N N 377 
VAL CG2  C N N 378 
VAL OXT  O N N 379 
VAL H    H N N 380 
VAL H2   H N N 381 
VAL HA   H N N 382 
VAL HB   H N N 383 
VAL HG11 H N N 384 
VAL HG12 H N N 385 
VAL HG13 H N N 386 
VAL HG21 H N N 387 
VAL HG22 H N N 388 
VAL HG23 H N N 389 
VAL HXT  H N N 390 
# 
loop_
_chem_comp_bond.comp_id 
_chem_comp_bond.atom_id_1 
_chem_comp_bond.atom_id_2 
_chem_comp_bond.value_order 
_chem_comp_bond.pdbx_aromatic_flag 
_chem_comp_bond.pdbx_stereo_config 
_chem_comp_bond.pdbx_ordinal 
ALA N   CA   sing N N 1   
ALA N   H    sing N N 2   
ALA N   H2   sing N N 3   
ALA CA  C    sing N N 4   
ALA CA  CB   sing N N 5   
ALA CA  HA   sing N N 6   
ALA C   O    doub N N 7   
ALA C   OXT  sing N N 8   
ALA CB  HB1  sing N N 9   
ALA CB  HB2  sing N N 10  
ALA CB  HB3  sing N N 11  
ALA OXT HXT  sing N N 12  
ARG N   CA   sing N N 13  
ARG N   H    sing N N 14  
ARG N   H2   sing N N 15  
ARG CA  C    sing N N 16  
ARG CA  CB   sing N N 17  
ARG CA  HA   sing N N 18  
ARG C   O    doub N N 19  
ARG C   OXT  sing N N 20  
ARG CB  CG   sing N N 21  
ARG CB  HB2  sing N N 22  
ARG CB  HB3  sing N N 23  
ARG CG  CD   sing N N 24  
ARG CG  HG2  sing N N 25  
ARG CG  HG3  sing N N 26  
ARG CD  NE   sing N N 27  
ARG CD  HD2  sing N N 28  
ARG CD  HD3  sing N N 29  
ARG NE  CZ   sing N N 30  
ARG NE  HE   sing N N 31  
ARG CZ  NH1  sing N N 32  
ARG CZ  NH2  doub N N 33  
ARG NH1 HH11 sing N N 34  
ARG NH1 HH12 sing N N 35  
ARG NH2 HH21 sing N N 36  
ARG NH2 HH22 sing N N 37  
ARG OXT HXT  sing N N 38  
ASN N   CA   sing N N 39  
ASN N   H    sing N N 40  
ASN N   H2   sing N N 41  
ASN CA  C    sing N N 42  
ASN CA  CB   sing N N 43  
ASN CA  HA   sing N N 44  
ASN C   O    doub N N 45  
ASN C   OXT  sing N N 46  
ASN CB  CG   sing N N 47  
ASN CB  HB2  sing N N 48  
ASN CB  HB3  sing N N 49  
ASN CG  OD1  doub N N 50  
ASN CG  ND2  sing N N 51  
ASN ND2 HD21 sing N N 52  
ASN ND2 HD22 sing N N 53  
ASN OXT HXT  sing N N 54  
ASP N   CA   sing N N 55  
ASP N   H    sing N N 56  
ASP N   H2   sing N N 57  
ASP CA  C    sing N N 58  
ASP CA  CB   sing N N 59  
ASP CA  HA   sing N N 60  
ASP C   O    doub N N 61  
ASP C   OXT  sing N N 62  
ASP CB  CG   sing N N 63  
ASP CB  HB2  sing N N 64  
ASP CB  HB3  sing N N 65  
ASP CG  OD1  doub N N 66  
ASP CG  OD2  sing N N 67  
ASP OD2 HD2  sing N N 68  
ASP OXT HXT  sing N N 69  
CYS N   CA   sing N N 70  
CYS N   H    sing N N 71  
CYS N   H2   sing N N 72  
CYS CA  C    sing N N 73  
CYS CA  CB   sing N N 74  
CYS CA  HA   sing N N 75  
CYS C   O    doub N N 76  
CYS C   OXT  sing N N 77  
CYS CB  SG   sing N N 78  
CYS CB  HB2  sing N N 79  
CYS CB  HB3  sing N N 80  
CYS SG  HG   sing N N 81  
CYS OXT HXT  sing N N 82  
GLN N   CA   sing N N 83  
GLN N   H    sing N N 84  
GLN N   H2   sing N N 85  
GLN CA  C    sing N N 86  
GLN CA  CB   sing N N 87  
GLN CA  HA   sing N N 88  
GLN C   O    doub N N 89  
GLN C   OXT  sing N N 90  
GLN CB  CG   sing N N 91  
GLN CB  HB2  sing N N 92  
GLN CB  HB3  sing N N 93  
GLN CG  CD   sing N N 94  
GLN CG  HG2  sing N N 95  
GLN CG  HG3  sing N N 96  
GLN CD  OE1  doub N N 97  
GLN CD  NE2  sing N N 98  
GLN NE2 HE21 sing N N 99  
GLN NE2 HE22 sing N N 100 
GLN OXT HXT  sing N N 101 
GLU N   CA   sing N N 102 
GLU N   H    sing N N 103 
GLU N   H2   sing N N 104 
GLU CA  C    sing N N 105 
GLU CA  CB   sing N N 106 
GLU CA  HA   sing N N 107 
GLU C   O    doub N N 108 
GLU C   OXT  sing N N 109 
GLU CB  CG   sing N N 110 
GLU CB  HB2  sing N N 111 
GLU CB  HB3  sing N N 112 
GLU CG  CD   sing N N 113 
GLU CG  HG2  sing N N 114 
GLU CG  HG3  sing N N 115 
GLU CD  OE1  doub N N 116 
GLU CD  OE2  sing N N 117 
GLU OE2 HE2  sing N N 118 
GLU OXT HXT  sing N N 119 
GLY N   CA   sing N N 120 
GLY N   H    sing N N 121 
GLY N   H2   sing N N 122 
GLY CA  C    sing N N 123 
GLY CA  HA2  sing N N 124 
GLY CA  HA3  sing N N 125 
GLY C   O    doub N N 126 
GLY C   OXT  sing N N 127 
GLY OXT HXT  sing N N 128 
HIS N   CA   sing N N 129 
HIS N   H    sing N N 130 
HIS N   H2   sing N N 131 
HIS CA  C    sing N N 132 
HIS CA  CB   sing N N 133 
HIS CA  HA   sing N N 134 
HIS C   O    doub N N 135 
HIS C   OXT  sing N N 136 
HIS CB  CG   sing N N 137 
HIS CB  HB2  sing N N 138 
HIS CB  HB3  sing N N 139 
HIS CG  ND1  sing Y N 140 
HIS CG  CD2  doub Y N 141 
HIS ND1 CE1  doub Y N 142 
HIS ND1 HD1  sing N N 143 
HIS CD2 NE2  sing Y N 144 
HIS CD2 HD2  sing N N 145 
HIS CE1 NE2  sing Y N 146 
HIS CE1 HE1  sing N N 147 
HIS NE2 HE2  sing N N 148 
HIS OXT HXT  sing N N 149 
HOH O   H1   sing N N 150 
HOH O   H2   sing N N 151 
ILE N   CA   sing N N 152 
ILE N   H    sing N N 153 
ILE N   H2   sing N N 154 
ILE CA  C    sing N N 155 
ILE CA  CB   sing N N 156 
ILE CA  HA   sing N N 157 
ILE C   O    doub N N 158 
ILE C   OXT  sing N N 159 
ILE CB  CG1  sing N N 160 
ILE CB  CG2  sing N N 161 
ILE CB  HB   sing N N 162 
ILE CG1 CD1  sing N N 163 
ILE CG1 HG12 sing N N 164 
ILE CG1 HG13 sing N N 165 
ILE CG2 HG21 sing N N 166 
ILE CG2 HG22 sing N N 167 
ILE CG2 HG23 sing N N 168 
ILE CD1 HD11 sing N N 169 
ILE CD1 HD12 sing N N 170 
ILE CD1 HD13 sing N N 171 
ILE OXT HXT  sing N N 172 
LEU N   CA   sing N N 173 
LEU N   H    sing N N 174 
LEU N   H2   sing N N 175 
LEU CA  C    sing N N 176 
LEU CA  CB   sing N N 177 
LEU CA  HA   sing N N 178 
LEU C   O    doub N N 179 
LEU C   OXT  sing N N 180 
LEU CB  CG   sing N N 181 
LEU CB  HB2  sing N N 182 
LEU CB  HB3  sing N N 183 
LEU CG  CD1  sing N N 184 
LEU CG  CD2  sing N N 185 
LEU CG  HG   sing N N 186 
LEU CD1 HD11 sing N N 187 
LEU CD1 HD12 sing N N 188 
LEU CD1 HD13 sing N N 189 
LEU CD2 HD21 sing N N 190 
LEU CD2 HD22 sing N N 191 
LEU CD2 HD23 sing N N 192 
LEU OXT HXT  sing N N 193 
LYS N   CA   sing N N 194 
LYS N   H    sing N N 195 
LYS N   H2   sing N N 196 
LYS CA  C    sing N N 197 
LYS CA  CB   sing N N 198 
LYS CA  HA   sing N N 199 
LYS C   O    doub N N 200 
LYS C   OXT  sing N N 201 
LYS CB  CG   sing N N 202 
LYS CB  HB2  sing N N 203 
LYS CB  HB3  sing N N 204 
LYS CG  CD   sing N N 205 
LYS CG  HG2  sing N N 206 
LYS CG  HG3  sing N N 207 
LYS CD  CE   sing N N 208 
LYS CD  HD2  sing N N 209 
LYS CD  HD3  sing N N 210 
LYS CE  NZ   sing N N 211 
LYS CE  HE2  sing N N 212 
LYS CE  HE3  sing N N 213 
LYS NZ  HZ1  sing N N 214 
LYS NZ  HZ2  sing N N 215 
LYS NZ  HZ3  sing N N 216 
LYS OXT HXT  sing N N 217 
MET N   CA   sing N N 218 
MET N   H    sing N N 219 
MET N   H2   sing N N 220 
MET CA  C    sing N N 221 
MET CA  CB   sing N N 222 
MET CA  HA   sing N N 223 
MET C   O    doub N N 224 
MET C   OXT  sing N N 225 
MET CB  CG   sing N N 226 
MET CB  HB2  sing N N 227 
MET CB  HB3  sing N N 228 
MET CG  SD   sing N N 229 
MET CG  HG2  sing N N 230 
MET CG  HG3  sing N N 231 
MET SD  CE   sing N N 232 
MET CE  HE1  sing N N 233 
MET CE  HE2  sing N N 234 
MET CE  HE3  sing N N 235 
MET OXT HXT  sing N N 236 
PHE N   CA   sing N N 237 
PHE N   H    sing N N 238 
PHE N   H2   sing N N 239 
PHE CA  C    sing N N 240 
PHE CA  CB   sing N N 241 
PHE CA  HA   sing N N 242 
PHE C   O    doub N N 243 
PHE C   OXT  sing N N 244 
PHE CB  CG   sing N N 245 
PHE CB  HB2  sing N N 246 
PHE CB  HB3  sing N N 247 
PHE CG  CD1  doub Y N 248 
PHE CG  CD2  sing Y N 249 
PHE CD1 CE1  sing Y N 250 
PHE CD1 HD1  sing N N 251 
PHE CD2 CE2  doub Y N 252 
PHE CD2 HD2  sing N N 253 
PHE CE1 CZ   doub Y N 254 
PHE CE1 HE1  sing N N 255 
PHE CE2 CZ   sing Y N 256 
PHE CE2 HE2  sing N N 257 
PHE CZ  HZ   sing N N 258 
PHE OXT HXT  sing N N 259 
PRO N   CA   sing N N 260 
PRO N   CD   sing N N 261 
PRO N   H    sing N N 262 
PRO CA  C    sing N N 263 
PRO CA  CB   sing N N 264 
PRO CA  HA   sing N N 265 
PRO C   O    doub N N 266 
PRO C   OXT  sing N N 267 
PRO CB  CG   sing N N 268 
PRO CB  HB2  sing N N 269 
PRO CB  HB3  sing N N 270 
PRO CG  CD   sing N N 271 
PRO CG  HG2  sing N N 272 
PRO CG  HG3  sing N N 273 
PRO CD  HD2  sing N N 274 
PRO CD  HD3  sing N N 275 
PRO OXT HXT  sing N N 276 
SER N   CA   sing N N 277 
SER N   H    sing N N 278 
SER N   H2   sing N N 279 
SER CA  C    sing N N 280 
SER CA  CB   sing N N 281 
SER CA  HA   sing N N 282 
SER C   O    doub N N 283 
SER C   OXT  sing N N 284 
SER CB  OG   sing N N 285 
SER CB  HB2  sing N N 286 
SER CB  HB3  sing N N 287 
SER OG  HG   sing N N 288 
SER OXT HXT  sing N N 289 
THR N   CA   sing N N 290 
THR N   H    sing N N 291 
THR N   H2   sing N N 292 
THR CA  C    sing N N 293 
THR CA  CB   sing N N 294 
THR CA  HA   sing N N 295 
THR C   O    doub N N 296 
THR C   OXT  sing N N 297 
THR CB  OG1  sing N N 298 
THR CB  CG2  sing N N 299 
THR CB  HB   sing N N 300 
THR OG1 HG1  sing N N 301 
THR CG2 HG21 sing N N 302 
THR CG2 HG22 sing N N 303 
THR CG2 HG23 sing N N 304 
THR OXT HXT  sing N N 305 
TRP N   CA   sing N N 306 
TRP N   H    sing N N 307 
TRP N   H2   sing N N 308 
TRP CA  C    sing N N 309 
TRP CA  CB   sing N N 310 
TRP CA  HA   sing N N 311 
TRP C   O    doub N N 312 
TRP C   OXT  sing N N 313 
TRP CB  CG   sing N N 314 
TRP CB  HB2  sing N N 315 
TRP CB  HB3  sing N N 316 
TRP CG  CD1  doub Y N 317 
TRP CG  CD2  sing Y N 318 
TRP CD1 NE1  sing Y N 319 
TRP CD1 HD1  sing N N 320 
TRP CD2 CE2  doub Y N 321 
TRP CD2 CE3  sing Y N 322 
TRP NE1 CE2  sing Y N 323 
TRP NE1 HE1  sing N N 324 
TRP CE2 CZ2  sing Y N 325 
TRP CE3 CZ3  doub Y N 326 
TRP CE3 HE3  sing N N 327 
TRP CZ2 CH2  doub Y N 328 
TRP CZ2 HZ2  sing N N 329 
TRP CZ3 CH2  sing Y N 330 
TRP CZ3 HZ3  sing N N 331 
TRP CH2 HH2  sing N N 332 
TRP OXT HXT  sing N N 333 
TYR N   CA   sing N N 334 
TYR N   H    sing N N 335 
TYR N   H2   sing N N 336 
TYR CA  C    sing N N 337 
TYR CA  CB   sing N N 338 
TYR CA  HA   sing N N 339 
TYR C   O    doub N N 340 
TYR C   OXT  sing N N 341 
TYR CB  CG   sing N N 342 
TYR CB  HB2  sing N N 343 
TYR CB  HB3  sing N N 344 
TYR CG  CD1  doub Y N 345 
TYR CG  CD2  sing Y N 346 
TYR CD1 CE1  sing Y N 347 
TYR CD1 HD1  sing N N 348 
TYR CD2 CE2  doub Y N 349 
TYR CD2 HD2  sing N N 350 
TYR CE1 CZ   doub Y N 351 
TYR CE1 HE1  sing N N 352 
TYR CE2 CZ   sing Y N 353 
TYR CE2 HE2  sing N N 354 
TYR CZ  OH   sing N N 355 
TYR OH  HH   sing N N 356 
TYR OXT HXT  sing N N 357 
VAL N   CA   sing N N 358 
VAL N   H    sing N N 359 
VAL N   H2   sing N N 360 
VAL CA  C    sing N N 361 
VAL CA  CB   sing N N 362 
VAL CA  HA   sing N N 363 
VAL C   O    doub N N 364 
VAL C   OXT  sing N N 365 
VAL CB  CG1  sing N N 366 
VAL CB  CG2  sing N N 367 
VAL CB  HB   sing N N 368 
VAL CG1 HG11 sing N N 369 
VAL CG1 HG12 sing N N 370 
VAL CG1 HG13 sing N N 371 
VAL CG2 HG21 sing N N 372 
VAL CG2 HG22 sing N N 373 
VAL CG2 HG23 sing N N 374 
VAL OXT HXT  sing N N 375 
# 
_pdbx_entity_nonpoly.entity_id   2 
_pdbx_entity_nonpoly.name        water 
_pdbx_entity_nonpoly.comp_id     HOH 
# 
_pdbx_initial_refinement_model.id               1 
_pdbx_initial_refinement_model.entity_id_list   ? 
_pdbx_initial_refinement_model.type             'experimental model' 
_pdbx_initial_refinement_model.source_name      PDB 
_pdbx_initial_refinement_model.accession_code   2H28 
_pdbx_initial_refinement_model.details          'PDB ID 2H28' 
# 
